data_6JWP
#
_entry.id   6JWP
#
_cell.length_a   81.675
_cell.length_b   120.547
_cell.length_c   323.274
_cell.angle_alpha   90.000
_cell.angle_beta   90.000
_cell.angle_gamma   90.000
#
_symmetry.space_group_name_H-M   'P 21 21 21'
#
loop_
_entity.id
_entity.type
_entity.pdbx_description
1 polymer 'GTP-binding protein GTR1'
2 polymer 'GTP-binding protein GTR2'
3 polymer 'Protein MEH1'
4 polymer Ego2
5 polymer 'Protein SLM4'
6 non-polymer 'PHOSPHOAMINOPHOSPHONIC ACID-GUANYLATE ESTER'
7 non-polymer 'MAGNESIUM ION'
#
loop_
_entity_poly.entity_id
_entity_poly.type
_entity_poly.pdbx_seq_one_letter_code
_entity_poly.pdbx_strand_id
1 'polypeptide(L)'
;SHMSSNNRKKLLLMGRSGSGKSSMRSIIFSNYSAFDTRRLGATIDVEHSHLRFLGNMTLNLWDCGGQDVFMENYFTKQKD
HIFQMVQVLIHVFDVESTEVLKDIEIFAKALKQLRKYSPDAKIFVLLHKMDLVQLDKREELFQIMMKNLSETSSEFGFPN
LIGFPTSIWDESLYKAWSQIVCSLIPNMSNHQSNLKKFKEIMNALEIILFERTTFLVICSSNGENSNENHDSSDNNNVLL
DPKRFEKISNIMKNFKQSCTKLKSGFKTLILNNNIYVSELSSNMVCFIVLKDMNIPQELVLENIKKAKEFFQ
;
A,F
2 'polypeptide(L)'
;MGIRMSLEATDSKAMVLLMGVRRCGKSSICKVVFHNMQPLDTLYLESTSNPSLEHFSTLIDLAVMELPGQLNYFEPSYDS
ERLFKSVGALVYVIDSQDEYINAITNLAMIIEYAYKVNPSINIEVLIHKVDGLSEDFKVDAQRDIMQRTGEELLELGLDG
VQVSFYLTSIFDHSIYEAFSRIVQKLIPELSFLENMLDNLIQHSKIEKAFLFDVNSKIYVSTDSNPVDIQMYEVCSEFID
VTIDLFDLYKAPVLRNSQKSSDKDNVINPRNELQNVSQLANGVIIYLRQMIRGLALVAIIRPNGTDMESCLTVADYNIDI
FKKGLEDIWANARASQAKNSIEDDV
;
B,G
3 'polypeptide(L)'
;MANDEYDAEQMRLKEHEHEQKLLAREQELRDIVANTNDKLIDISMINNSGIVIQGTDLQEALDKRQPSSGSAQATTHQTA
PRTNTFTLLTSPDSAKISKEQLKKLHSNILNEIFSQSQVNKPGPLTVPF
;
C,H
4 'polypeptide(L)' MEAEKQSDIKGTIAFDTHGNVIESTGVGSQRIEDIGDLSKVTLDAEGFAQVQGDSLLVHLYKRNDITLAVYTSAQ D,I
5 'polypeptide(L)'
;MVMLHSKNVKGFLENTLKPYDLHSVDFKTSSLQSSMIITATNGGILSYATSNNDVPKNSINEINSVNNLKMMSLLIKDKW
SEDENDTEEQHSNSCYPVEIDSFKTKIYTYEMEDLHTCVAQIPNSDLLLLFIAEGSFPYGLLVIKIERAMRELTDLFGYK
LG
;
E,J
#
loop_
_chem_comp.id
_chem_comp.type
_chem_comp.name
_chem_comp.formula
GNP non-polymer 'PHOSPHOAMINOPHOSPHONIC ACID-GUANYLATE ESTER' 'C10 H17 N6 O13 P3'
MG non-polymer 'MAGNESIUM ION' 'Mg 2'
#
# COMPACT_ATOMS: atom_id res chain seq x y z
N LYS A 10 -14.07 -4.52 -28.75
CA LYS A 10 -13.65 -3.21 -29.35
C LYS A 10 -12.33 -2.79 -28.72
N LEU A 11 -12.40 -2.15 -27.55
CA LEU A 11 -11.21 -1.78 -26.81
C LEU A 11 -11.23 -2.50 -25.46
N LEU A 12 -10.28 -3.41 -25.25
CA LEU A 12 -10.16 -4.12 -24.00
C LEU A 12 -9.28 -3.32 -23.04
N LEU A 13 -9.87 -2.84 -21.94
CA LEU A 13 -9.10 -2.22 -20.88
C LEU A 13 -8.94 -3.24 -19.77
N MET A 14 -7.72 -3.77 -19.64
CA MET A 14 -7.44 -4.87 -18.73
C MET A 14 -6.25 -4.60 -17.83
N GLY A 15 -6.09 -5.46 -16.82
CA GLY A 15 -5.07 -5.33 -15.80
C GLY A 15 -5.63 -5.66 -14.42
N ARG A 16 -4.74 -6.07 -13.52
CA ARG A 16 -5.13 -6.43 -12.16
C ARG A 16 -5.62 -5.20 -11.39
N SER A 17 -6.21 -5.45 -10.21
CA SER A 17 -6.89 -4.45 -9.40
C SER A 17 -5.94 -3.35 -8.92
N GLY A 18 -6.44 -2.12 -8.89
CA GLY A 18 -5.72 -0.97 -8.34
C GLY A 18 -4.87 -0.23 -9.36
N SER A 19 -4.74 -0.79 -10.57
CA SER A 19 -3.83 -0.27 -11.58
C SER A 19 -4.43 0.92 -12.33
N GLY A 20 -5.63 1.36 -11.96
CA GLY A 20 -6.22 2.60 -12.45
C GLY A 20 -6.70 2.55 -13.89
N LYS A 21 -7.27 1.41 -14.30
CA LYS A 21 -7.88 1.27 -15.62
C LYS A 21 -9.03 2.26 -15.74
N SER A 22 -9.99 2.15 -14.80
CA SER A 22 -11.16 2.99 -14.71
C SER A 22 -10.76 4.45 -14.50
N SER A 23 -9.67 4.64 -13.75
CA SER A 23 -9.11 5.95 -13.48
C SER A 23 -8.74 6.66 -14.79
N MET A 24 -8.11 5.91 -15.71
CA MET A 24 -7.74 6.40 -17.03
C MET A 24 -8.98 6.73 -17.84
N ARG A 25 -9.93 5.78 -17.85
CA ARG A 25 -11.21 5.89 -18.55
C ARG A 25 -11.91 7.18 -18.11
N SER A 26 -11.87 7.45 -16.80
CA SER A 26 -12.50 8.62 -16.22
C SER A 26 -11.80 9.90 -16.63
N ILE A 27 -10.45 9.86 -16.74
CA ILE A 27 -9.67 11.05 -17.05
C ILE A 27 -9.87 11.47 -18.51
N ILE A 28 -9.44 10.63 -19.46
CA ILE A 28 -9.27 11.07 -20.83
C ILE A 28 -10.62 11.10 -21.57
N PHE A 29 -11.60 10.35 -21.06
CA PHE A 29 -12.87 10.17 -21.75
C PHE A 29 -13.99 10.94 -21.03
N SER A 30 -14.22 10.61 -19.75
CA SER A 30 -15.32 11.16 -18.97
C SER A 30 -14.96 12.53 -18.38
N ASN A 31 -13.71 12.96 -18.59
CA ASN A 31 -13.20 14.27 -18.20
C ASN A 31 -13.21 14.47 -16.68
N TYR A 32 -12.91 13.38 -15.94
CA TYR A 32 -12.44 13.49 -14.57
C TYR A 32 -11.04 14.09 -14.62
N SER A 33 -10.65 14.80 -13.56
CA SER A 33 -9.28 15.26 -13.39
C SER A 33 -8.52 14.26 -12.53
N ALA A 34 -7.18 14.35 -12.59
CA ALA A 34 -6.23 13.47 -11.91
C ALA A 34 -6.54 13.25 -10.43
N PHE A 35 -7.26 14.21 -9.83
CA PHE A 35 -7.56 14.19 -8.40
C PHE A 35 -8.88 13.47 -8.13
N ASP A 36 -9.97 13.88 -8.81
CA ASP A 36 -11.31 13.43 -8.50
C ASP A 36 -11.48 11.92 -8.68
N THR A 37 -10.58 11.30 -9.46
CA THR A 37 -10.67 9.90 -9.85
C THR A 37 -10.44 8.96 -8.67
N ARG A 38 -9.85 9.46 -7.57
CA ARG A 38 -9.62 8.69 -6.36
C ARG A 38 -10.94 8.28 -5.71
N ARG A 39 -12.05 8.86 -6.20
CA ARG A 39 -13.39 8.57 -5.73
C ARG A 39 -13.86 7.22 -6.25
N LEU A 40 -13.46 6.86 -7.48
CA LEU A 40 -14.00 5.77 -8.27
C LEU A 40 -14.07 4.46 -7.49
N GLY A 41 -15.27 3.85 -7.48
CA GLY A 41 -15.47 2.51 -6.97
C GLY A 41 -14.86 1.47 -7.90
N ALA A 42 -14.43 0.34 -7.32
CA ALA A 42 -13.74 -0.71 -8.04
C ALA A 42 -14.66 -1.31 -9.11
N THR A 43 -14.11 -1.48 -10.31
CA THR A 43 -14.82 -2.03 -11.46
C THR A 43 -15.36 -3.43 -11.17
N ILE A 44 -16.69 -3.55 -11.28
CA ILE A 44 -17.40 -4.80 -11.10
C ILE A 44 -17.69 -5.38 -12.47
N ASP A 45 -17.17 -6.59 -12.72
CA ASP A 45 -17.19 -7.23 -14.03
C ASP A 45 -16.62 -6.26 -15.07
N VAL A 46 -17.32 -6.08 -16.19
CA VAL A 46 -16.86 -5.19 -17.26
C VAL A 46 -17.81 -4.00 -17.35
N GLU A 47 -17.28 -2.79 -17.17
CA GLU A 47 -18.04 -1.58 -17.41
C GLU A 47 -17.76 -1.11 -18.84
N HIS A 48 -18.81 -1.12 -19.67
CA HIS A 48 -18.72 -0.69 -21.05
C HIS A 48 -18.97 0.82 -21.15
N SER A 49 -18.22 1.47 -22.05
CA SER A 49 -18.39 2.89 -22.29
C SER A 49 -18.44 3.15 -23.80
N HIS A 50 -19.60 3.62 -24.28
CA HIS A 50 -19.80 3.97 -25.67
C HIS A 50 -19.61 5.48 -25.87
N LEU A 51 -18.52 5.85 -26.55
CA LEU A 51 -18.20 7.26 -26.80
C LEU A 51 -17.53 7.41 -28.17
N ARG A 52 -17.89 8.49 -28.88
CA ARG A 52 -17.49 8.70 -30.27
C ARG A 52 -16.20 9.51 -30.35
N PHE A 53 -15.44 9.25 -31.43
CA PHE A 53 -14.21 9.95 -31.76
C PHE A 53 -14.21 10.24 -33.27
N LEU A 54 -13.97 11.51 -33.62
CA LEU A 54 -13.94 12.01 -35.00
C LEU A 54 -15.33 12.02 -35.65
N GLY A 55 -16.37 11.65 -34.90
CA GLY A 55 -17.72 11.56 -35.43
C GLY A 55 -17.93 10.27 -36.22
N ASN A 56 -16.97 9.94 -37.10
CA ASN A 56 -17.08 8.84 -38.04
C ASN A 56 -17.01 7.49 -37.34
N MET A 57 -16.24 7.39 -36.25
CA MET A 57 -16.12 6.13 -35.51
C MET A 57 -16.46 6.30 -34.03
N THR A 58 -17.32 5.41 -33.52
CA THR A 58 -17.70 5.36 -32.12
C THR A 58 -16.99 4.18 -31.45
N LEU A 59 -16.56 4.36 -30.19
CA LEU A 59 -15.72 3.41 -29.50
C LEU A 59 -16.43 2.78 -28.30
N ASN A 60 -16.19 1.48 -28.10
CA ASN A 60 -16.73 0.71 -26.98
C ASN A 60 -15.61 0.29 -26.03
N LEU A 61 -15.57 0.90 -24.83
CA LEU A 61 -14.49 0.69 -23.89
C LEU A 61 -14.86 -0.41 -22.90
N TRP A 62 -14.23 -1.58 -23.08
CA TRP A 62 -14.42 -2.74 -22.21
C TRP A 62 -13.51 -2.60 -20.99
N ASP A 63 -13.90 -1.71 -20.07
CA ASP A 63 -13.21 -1.50 -18.81
C ASP A 63 -13.47 -2.71 -17.92
N CYS A 64 -12.59 -3.71 -18.05
CA CYS A 64 -12.72 -4.99 -17.36
C CYS A 64 -12.49 -4.81 -15.86
N GLY A 65 -12.89 -5.83 -15.09
CA GLY A 65 -12.61 -5.90 -13.67
C GLY A 65 -11.12 -6.16 -13.44
N GLY A 66 -10.66 -5.82 -12.23
CA GLY A 66 -9.25 -5.99 -11.87
C GLY A 66 -9.04 -7.10 -10.85
N GLN A 67 -10.05 -7.35 -10.01
CA GLN A 67 -10.00 -8.37 -8.98
C GLN A 67 -9.84 -9.76 -9.63
N ASP A 68 -9.14 -10.65 -8.92
CA ASP A 68 -8.72 -11.95 -9.43
C ASP A 68 -9.94 -12.84 -9.71
N VAL A 69 -11.00 -12.66 -8.91
CA VAL A 69 -12.26 -13.37 -9.05
C VAL A 69 -12.74 -13.22 -10.49
N PHE A 70 -12.90 -11.96 -10.90
CA PHE A 70 -13.30 -11.62 -12.26
C PHE A 70 -12.23 -12.11 -13.22
N MET A 71 -10.98 -11.67 -13.01
CA MET A 71 -9.88 -11.96 -13.92
C MET A 71 -9.92 -13.43 -14.35
N GLU A 72 -9.83 -14.36 -13.38
CA GLU A 72 -9.77 -15.78 -13.67
C GLU A 72 -11.04 -16.28 -14.37
N ASN A 73 -12.15 -15.57 -14.18
CA ASN A 73 -13.43 -15.85 -14.83
C ASN A 73 -13.39 -15.54 -16.33
N TYR A 74 -12.66 -14.47 -16.72
CA TYR A 74 -12.63 -13.96 -18.08
C TYR A 74 -12.07 -15.00 -19.05
N PHE A 75 -11.11 -15.80 -18.55
CA PHE A 75 -10.43 -16.81 -19.34
C PHE A 75 -11.16 -18.15 -19.22
N THR A 76 -12.38 -18.16 -18.65
CA THR A 76 -13.16 -19.37 -18.45
C THR A 76 -14.47 -19.38 -19.25
N LYS A 77 -15.54 -18.80 -18.67
CA LYS A 77 -16.88 -18.92 -19.22
C LYS A 77 -17.22 -17.72 -20.11
N GLN A 78 -16.22 -16.87 -20.36
CA GLN A 78 -16.45 -15.68 -21.17
C GLN A 78 -15.28 -15.45 -22.13
N LYS A 79 -14.39 -16.44 -22.22
CA LYS A 79 -13.19 -16.35 -23.03
C LYS A 79 -13.55 -16.10 -24.48
N ASP A 80 -14.52 -16.86 -25.01
CA ASP A 80 -14.93 -16.76 -26.39
C ASP A 80 -15.58 -15.39 -26.61
N HIS A 81 -16.38 -14.98 -25.64
CA HIS A 81 -17.14 -13.75 -25.69
C HIS A 81 -16.19 -12.57 -25.79
N ILE A 82 -15.18 -12.57 -24.90
CA ILE A 82 -14.28 -11.44 -24.78
C ILE A 82 -13.44 -11.31 -26.05
N PHE A 83 -13.02 -12.46 -26.60
CA PHE A 83 -12.15 -12.48 -27.77
C PHE A 83 -12.97 -12.92 -28.99
N VAL A 88 -8.64 -3.48 -29.83
CA VAL A 88 -7.26 -3.37 -29.27
C VAL A 88 -7.31 -3.69 -27.77
N LEU A 89 -6.15 -4.09 -27.22
CA LEU A 89 -6.03 -4.40 -25.80
C LEU A 89 -5.01 -3.45 -25.17
N ILE A 90 -5.51 -2.57 -24.31
CA ILE A 90 -4.67 -1.77 -23.43
C ILE A 90 -4.56 -2.52 -22.11
N HIS A 91 -3.39 -3.13 -21.88
CA HIS A 91 -3.13 -3.86 -20.65
C HIS A 91 -2.21 -3.07 -19.74
N VAL A 92 -2.71 -2.68 -18.56
CA VAL A 92 -2.01 -1.75 -17.68
C VAL A 92 -1.33 -2.51 -16.53
N PHE A 93 -0.30 -1.86 -15.97
CA PHE A 93 0.58 -2.47 -14.99
C PHE A 93 0.82 -1.52 -13.83
N ASP A 94 0.30 -1.89 -12.65
CA ASP A 94 0.65 -1.21 -11.40
C ASP A 94 2.10 -1.56 -11.09
N VAL A 95 2.94 -0.52 -10.98
CA VAL A 95 4.40 -0.67 -10.85
C VAL A 95 4.75 -1.30 -9.51
N GLU A 96 4.02 -0.94 -8.45
CA GLU A 96 4.42 -1.26 -7.08
C GLU A 96 4.06 -2.70 -6.72
N SER A 97 3.22 -3.34 -7.53
CA SER A 97 2.72 -4.70 -7.31
C SER A 97 3.79 -5.61 -6.71
N THR A 98 3.48 -6.18 -5.54
CA THR A 98 4.30 -7.19 -4.88
C THR A 98 4.45 -8.38 -5.81
N GLU A 99 3.34 -8.72 -6.50
CA GLU A 99 3.25 -9.88 -7.37
C GLU A 99 3.41 -9.43 -8.83
N VAL A 100 4.65 -9.12 -9.24
CA VAL A 100 4.97 -8.67 -10.58
C VAL A 100 4.79 -9.82 -11.58
N LEU A 101 5.41 -10.96 -11.29
CA LEU A 101 5.44 -12.10 -12.19
C LEU A 101 4.03 -12.67 -12.39
N LYS A 102 3.16 -12.45 -11.40
CA LYS A 102 1.75 -12.73 -11.52
C LYS A 102 1.18 -11.92 -12.69
N ASP A 103 1.30 -10.58 -12.60
CA ASP A 103 0.76 -9.64 -13.57
C ASP A 103 1.33 -9.87 -14.97
N ILE A 104 2.61 -10.28 -15.04
CA ILE A 104 3.24 -10.69 -16.29
C ILE A 104 2.50 -11.91 -16.84
N GLU A 105 2.17 -12.86 -15.96
CA GLU A 105 1.63 -14.15 -16.36
C GLU A 105 0.13 -14.06 -16.68
N ILE A 106 -0.58 -13.07 -16.10
CA ILE A 106 -1.98 -12.86 -16.45
C ILE A 106 -2.05 -12.17 -17.81
N PHE A 107 -1.02 -11.38 -18.14
CA PHE A 107 -0.83 -10.80 -19.46
C PHE A 107 -0.63 -11.91 -20.49
N ALA A 108 0.13 -12.94 -20.09
CA ALA A 108 0.37 -14.12 -20.90
C ALA A 108 -0.96 -14.87 -21.13
N LYS A 109 -1.80 -14.93 -20.09
CA LYS A 109 -3.09 -15.60 -20.14
C LYS A 109 -4.03 -14.92 -21.12
N ALA A 110 -3.97 -13.59 -21.17
CA ALA A 110 -4.80 -12.84 -22.11
C ALA A 110 -4.27 -13.09 -23.52
N LEU A 111 -2.96 -13.30 -23.64
CA LEU A 111 -2.29 -13.39 -24.93
C LEU A 111 -2.73 -14.62 -25.72
N LYS A 112 -2.75 -15.81 -25.10
CA LYS A 112 -3.02 -17.04 -25.84
C LYS A 112 -4.46 -17.04 -26.36
N GLN A 113 -5.40 -16.71 -25.47
CA GLN A 113 -6.79 -16.60 -25.85
C GLN A 113 -6.95 -15.54 -26.94
N LEU A 114 -5.98 -14.62 -27.00
CA LEU A 114 -6.08 -13.54 -27.98
C LEU A 114 -5.67 -14.02 -29.37
N ARG A 115 -4.88 -15.09 -29.44
CA ARG A 115 -4.61 -15.70 -30.72
C ARG A 115 -5.91 -16.24 -31.31
N LYS A 116 -6.81 -16.66 -30.42
CA LYS A 116 -8.17 -16.97 -30.81
C LYS A 116 -8.82 -15.70 -31.36
N TYR A 117 -8.45 -14.54 -30.80
CA TYR A 117 -8.95 -13.25 -31.22
C TYR A 117 -10.45 -13.12 -30.89
N LYS A 122 -3.73 -5.51 -32.09
CA LYS A 122 -3.07 -4.28 -31.59
C LYS A 122 -3.00 -4.32 -30.07
N ILE A 123 -1.76 -4.38 -29.55
CA ILE A 123 -1.50 -4.56 -28.13
C ILE A 123 -0.72 -3.36 -27.58
N PHE A 124 -1.23 -2.79 -26.48
CA PHE A 124 -0.57 -1.70 -25.79
C PHE A 124 -0.39 -2.01 -24.31
N VAL A 125 0.84 -1.82 -23.83
CA VAL A 125 1.18 -2.00 -22.43
C VAL A 125 1.43 -0.64 -21.78
N LEU A 126 0.83 -0.43 -20.61
CA LEU A 126 1.01 0.82 -19.88
C LEU A 126 1.58 0.54 -18.49
N LEU A 127 2.76 1.09 -18.22
CA LEU A 127 3.31 1.09 -16.87
C LEU A 127 2.71 2.25 -16.09
N HIS A 128 1.56 1.98 -15.47
CA HIS A 128 0.80 3.02 -14.78
C HIS A 128 1.36 3.24 -13.38
N LYS A 129 0.96 4.37 -12.77
CA LYS A 129 1.39 4.83 -11.46
C LYS A 129 2.90 5.10 -11.41
N MET A 130 3.47 5.51 -12.55
CA MET A 130 4.88 5.80 -12.70
C MET A 130 5.31 6.97 -11.81
N ASP A 131 4.34 7.78 -11.38
CA ASP A 131 4.54 8.96 -10.55
C ASP A 131 5.05 8.58 -9.15
N LEU A 132 5.00 7.29 -8.80
CA LEU A 132 5.36 6.84 -7.47
C LEU A 132 6.85 6.53 -7.35
N VAL A 133 7.41 5.82 -8.34
CA VAL A 133 8.82 5.43 -8.30
C VAL A 133 9.68 6.66 -8.57
N GLN A 134 10.82 6.77 -7.85
CA GLN A 134 11.68 7.94 -7.84
C GLN A 134 12.33 8.14 -9.21
N LEU A 135 12.52 9.42 -9.59
CA LEU A 135 12.83 9.86 -10.95
C LEU A 135 14.02 9.14 -11.59
N ASP A 136 15.07 8.85 -10.80
CA ASP A 136 16.31 8.26 -11.29
C ASP A 136 16.09 6.82 -11.79
N LYS A 137 15.50 5.98 -10.94
CA LYS A 137 15.19 4.59 -11.29
C LYS A 137 13.80 4.49 -11.91
N ARG A 138 13.49 5.39 -12.84
CA ARG A 138 12.28 5.33 -13.64
C ARG A 138 12.62 4.78 -15.02
N GLU A 139 13.72 5.29 -15.58
CA GLU A 139 14.25 4.88 -16.87
C GLU A 139 14.62 3.40 -16.85
N GLU A 140 15.49 3.05 -15.90
CA GLU A 140 16.01 1.70 -15.72
C GLU A 140 14.87 0.71 -15.50
N LEU A 141 13.87 1.11 -14.72
CA LEU A 141 12.79 0.26 -14.26
C LEU A 141 11.78 -0.02 -15.39
N PHE A 142 11.57 0.97 -16.27
CA PHE A 142 10.71 0.78 -17.42
C PHE A 142 11.40 -0.14 -18.44
N GLN A 143 12.72 0.03 -18.57
CA GLN A 143 13.54 -0.69 -19.53
C GLN A 143 13.45 -2.19 -19.26
N ILE A 144 13.74 -2.61 -18.03
CA ILE A 144 13.80 -4.01 -17.64
C ILE A 144 12.44 -4.68 -17.80
N MET A 145 11.36 -3.97 -17.45
CA MET A 145 10.00 -4.47 -17.51
C MET A 145 9.58 -4.71 -18.95
N MET A 146 10.03 -3.83 -19.86
CA MET A 146 9.71 -3.92 -21.28
C MET A 146 10.51 -5.05 -21.93
N LYS A 147 11.81 -5.10 -21.63
CA LYS A 147 12.70 -6.16 -22.04
C LYS A 147 12.03 -7.52 -21.85
N ASN A 148 11.30 -7.66 -20.73
CA ASN A 148 10.58 -8.87 -20.37
C ASN A 148 9.31 -9.04 -21.20
N LEU A 149 8.43 -8.03 -21.16
CA LEU A 149 7.09 -8.13 -21.74
C LEU A 149 7.15 -8.37 -23.24
N SER A 150 8.12 -7.75 -23.92
CA SER A 150 8.34 -7.89 -25.36
C SER A 150 8.72 -9.32 -25.71
N GLU A 151 9.60 -9.91 -24.89
CA GLU A 151 10.07 -11.28 -25.05
C GLU A 151 8.90 -12.25 -24.86
N THR A 152 8.07 -11.96 -23.85
CA THR A 152 6.87 -12.73 -23.56
C THR A 152 5.87 -12.56 -24.71
N SER A 153 5.78 -11.35 -25.27
CA SER A 153 4.77 -11.00 -26.27
C SER A 153 5.02 -11.69 -27.61
N SER A 154 6.25 -12.12 -27.87
CA SER A 154 6.67 -12.65 -29.16
C SER A 154 5.84 -13.84 -29.63
N GLU A 155 5.34 -14.65 -28.68
CA GLU A 155 4.60 -15.89 -28.96
C GLU A 155 3.42 -15.64 -29.90
N PHE A 158 2.78 -8.40 -31.97
CA PHE A 158 3.35 -9.46 -31.09
C PHE A 158 4.86 -9.47 -31.20
N PRO A 159 5.43 -9.53 -32.42
CA PRO A 159 6.88 -9.54 -32.59
C PRO A 159 7.47 -8.27 -31.98
N ASN A 160 6.83 -7.13 -32.27
CA ASN A 160 7.28 -5.83 -31.77
C ASN A 160 6.20 -5.25 -30.85
N LEU A 161 6.60 -4.92 -29.61
CA LEU A 161 5.67 -4.40 -28.62
C LEU A 161 5.95 -2.93 -28.33
N ILE A 162 4.87 -2.13 -28.31
CA ILE A 162 4.90 -0.71 -28.02
C ILE A 162 4.07 -0.47 -26.77
N GLY A 163 4.68 0.22 -25.79
CA GLY A 163 4.02 0.54 -24.54
C GLY A 163 4.71 1.72 -23.84
N PHE A 164 3.97 2.43 -23.00
CA PHE A 164 4.45 3.70 -22.47
C PHE A 164 4.42 3.74 -20.94
N PRO A 165 5.33 4.53 -20.31
CA PRO A 165 5.16 4.92 -18.90
C PRO A 165 4.00 5.90 -18.77
N THR A 166 3.12 5.66 -17.78
CA THR A 166 1.85 6.36 -17.72
C THR A 166 1.51 6.76 -16.28
N SER A 167 1.24 8.05 -16.07
CA SER A 167 0.79 8.55 -14.78
C SER A 167 -0.44 9.44 -14.92
N ILE A 168 -1.25 9.46 -13.85
CA ILE A 168 -2.42 10.32 -13.72
C ILE A 168 -1.96 11.77 -13.55
N TRP A 169 -0.83 11.96 -12.83
CA TRP A 169 -0.40 13.26 -12.35
C TRP A 169 0.52 13.99 -13.34
N ASP A 170 0.69 13.42 -14.55
CA ASP A 170 1.41 14.13 -15.61
C ASP A 170 0.70 13.94 -16.95
N GLU A 171 1.24 14.65 -17.96
CA GLU A 171 0.64 14.77 -19.29
C GLU A 171 0.89 13.52 -20.14
N SER A 172 1.82 12.64 -19.73
CA SER A 172 2.21 11.49 -20.53
C SER A 172 1.10 10.43 -20.62
N LEU A 173 -0.01 10.65 -19.89
CA LEU A 173 -1.22 9.85 -20.00
C LEU A 173 -1.86 10.14 -21.36
N TYR A 174 -1.85 11.42 -21.77
CA TYR A 174 -2.46 11.84 -23.01
C TYR A 174 -1.62 11.35 -24.20
N LYS A 175 -0.29 11.47 -24.09
CA LYS A 175 0.64 10.97 -25.10
C LYS A 175 0.51 9.46 -25.25
N ALA A 176 0.09 8.79 -24.17
CA ALA A 176 -0.20 7.37 -24.20
C ALA A 176 -1.33 7.10 -25.20
N TRP A 177 -2.53 7.60 -24.88
CA TRP A 177 -3.74 7.32 -25.65
C TRP A 177 -3.70 7.94 -27.04
N SER A 178 -2.92 9.01 -27.23
CA SER A 178 -2.74 9.62 -28.54
C SER A 178 -2.15 8.60 -29.51
N GLN A 179 -1.01 8.00 -29.14
CA GLN A 179 -0.37 6.95 -29.93
C GLN A 179 -1.23 5.69 -29.97
N ILE A 180 -2.24 5.60 -29.08
CA ILE A 180 -3.18 4.49 -29.02
C ILE A 180 -4.33 4.71 -30.00
N VAL A 181 -5.03 5.85 -29.88
CA VAL A 181 -6.26 6.10 -30.63
C VAL A 181 -5.97 6.26 -32.12
N CYS A 182 -4.88 6.97 -32.45
CA CYS A 182 -4.44 7.20 -33.82
C CYS A 182 -4.08 5.89 -34.54
N SER A 183 -3.82 4.83 -33.76
CA SER A 183 -3.53 3.51 -34.30
C SER A 183 -4.78 2.89 -34.91
N LEU A 184 -5.98 3.45 -34.63
CA LEU A 184 -7.22 2.95 -35.22
C LEU A 184 -7.88 4.03 -36.09
N ILE A 185 -7.17 5.12 -36.40
CA ILE A 185 -7.69 6.17 -37.27
C ILE A 185 -7.21 5.93 -38.70
N PRO A 186 -8.14 5.75 -39.67
CA PRO A 186 -7.79 5.58 -41.08
C PRO A 186 -7.56 6.88 -41.85
N ASN A 187 -7.95 8.01 -41.24
CA ASN A 187 -7.93 9.33 -41.85
C ASN A 187 -6.50 9.86 -42.06
N MET A 188 -5.50 9.21 -41.46
CA MET A 188 -4.12 9.66 -41.44
C MET A 188 -3.59 9.99 -42.84
N SER A 189 -3.99 9.21 -43.85
CA SER A 189 -3.61 9.44 -45.23
C SER A 189 -4.25 10.73 -45.76
N ASN A 190 -5.54 10.90 -45.47
CA ASN A 190 -6.34 12.05 -45.90
C ASN A 190 -5.96 13.30 -45.12
N HIS A 191 -5.91 13.18 -43.78
CA HIS A 191 -5.77 14.31 -42.87
C HIS A 191 -4.41 14.99 -42.95
N GLN A 192 -3.34 14.19 -43.00
CA GLN A 192 -1.98 14.72 -43.03
C GLN A 192 -1.79 15.56 -44.28
N SER A 193 -2.41 15.13 -45.38
CA SER A 193 -2.44 15.86 -46.64
C SER A 193 -3.26 17.14 -46.50
N ASN A 194 -4.37 17.06 -45.75
CA ASN A 194 -5.31 18.17 -45.59
C ASN A 194 -4.85 19.16 -44.51
N LEU A 195 -3.83 18.80 -43.72
CA LEU A 195 -3.31 19.68 -42.68
C LEU A 195 -2.06 20.40 -43.15
N LYS A 196 -1.14 19.67 -43.79
CA LYS A 196 0.03 20.24 -44.44
C LYS A 196 -0.40 21.40 -45.34
N LYS A 197 -1.52 21.21 -46.04
CA LYS A 197 -2.09 22.15 -47.00
C LYS A 197 -2.70 23.36 -46.29
N PHE A 198 -2.75 23.33 -44.95
CA PHE A 198 -3.20 24.45 -44.14
C PHE A 198 -1.99 25.20 -43.59
N LYS A 199 -0.93 24.44 -43.27
CA LYS A 199 0.35 24.97 -42.85
C LYS A 199 0.96 25.83 -43.97
N GLU A 200 0.83 25.35 -45.21
CA GLU A 200 1.32 26.03 -46.40
C GLU A 200 0.79 27.46 -46.45
N ILE A 201 -0.54 27.59 -46.51
CA ILE A 201 -1.22 28.87 -46.68
C ILE A 201 -0.95 29.78 -45.49
N MET A 202 -0.96 29.23 -44.28
CA MET A 202 -0.92 30.02 -43.06
C MET A 202 0.50 30.54 -42.73
N ASN A 203 1.54 29.97 -43.36
CA ASN A 203 2.93 30.32 -43.09
C ASN A 203 3.24 30.09 -41.61
N ALA A 204 2.77 28.96 -41.09
CA ALA A 204 2.96 28.62 -39.68
C ALA A 204 4.37 28.10 -39.45
N LEU A 205 4.73 27.92 -38.18
CA LEU A 205 5.88 27.11 -37.79
C LEU A 205 5.40 25.66 -37.77
N GLU A 206 4.22 25.43 -37.18
CA GLU A 206 3.52 24.16 -37.24
C GLU A 206 2.04 24.33 -36.88
N ILE A 207 1.21 23.39 -37.36
CA ILE A 207 -0.18 23.25 -36.92
C ILE A 207 -0.37 21.84 -36.37
N ILE A 208 -1.08 21.74 -35.24
CA ILE A 208 -1.44 20.46 -34.66
C ILE A 208 -2.96 20.31 -34.72
N LEU A 209 -3.41 19.09 -35.01
CA LEU A 209 -4.82 18.76 -34.95
C LEU A 209 -5.11 17.91 -33.71
N PHE A 210 -6.13 18.32 -32.96
CA PHE A 210 -6.66 17.59 -31.83
C PHE A 210 -8.14 17.32 -32.03
N GLU A 211 -8.63 16.24 -31.41
CA GLU A 211 -10.06 16.00 -31.32
C GLU A 211 -10.65 16.98 -30.32
N ARG A 212 -11.94 17.32 -30.49
CA ARG A 212 -12.58 18.43 -29.79
C ARG A 212 -12.76 18.15 -28.29
N THR A 213 -13.33 16.99 -27.92
CA THR A 213 -13.71 16.71 -26.55
C THR A 213 -12.58 16.08 -25.71
N THR A 214 -11.94 15.02 -26.25
CA THR A 214 -10.93 14.25 -25.54
C THR A 214 -9.60 15.01 -25.46
N PHE A 215 -9.30 15.77 -26.52
CA PHE A 215 -8.13 16.63 -26.68
C PHE A 215 -6.84 15.84 -26.99
N LEU A 216 -6.99 14.65 -27.55
CA LEU A 216 -5.83 13.86 -27.94
C LEU A 216 -5.30 14.36 -29.29
N VAL A 217 -3.98 14.19 -29.47
CA VAL A 217 -3.28 14.62 -30.67
C VAL A 217 -3.68 13.72 -31.83
N ILE A 218 -4.06 14.34 -32.95
CA ILE A 218 -4.40 13.61 -34.16
C ILE A 218 -3.27 13.73 -35.18
N CYS A 219 -2.78 14.95 -35.42
CA CYS A 219 -1.77 15.13 -36.45
C CYS A 219 -0.89 16.36 -36.22
N SER A 220 0.40 16.19 -36.52
CA SER A 220 1.37 17.29 -36.62
C SER A 220 1.55 17.66 -38.08
N SER A 221 1.93 18.93 -38.33
CA SER A 221 2.24 19.38 -39.67
C SER A 221 3.74 19.22 -39.94
N ASN A 222 4.56 19.93 -39.14
CA ASN A 222 6.02 19.85 -39.22
C ASN A 222 6.63 20.38 -37.92
N LEU A 240 11.63 24.06 -30.16
CA LEU A 240 11.99 22.68 -30.57
C LEU A 240 11.80 21.75 -29.37
N ASP A 241 10.58 21.76 -28.80
CA ASP A 241 10.24 20.94 -27.64
C ASP A 241 9.70 19.59 -28.09
N PRO A 242 10.19 18.47 -27.51
CA PRO A 242 9.66 17.13 -27.82
C PRO A 242 8.33 16.78 -27.18
N LYS A 243 8.06 17.34 -25.99
CA LYS A 243 6.86 17.00 -25.23
C LYS A 243 5.73 18.01 -25.48
N ARG A 244 5.70 18.60 -26.68
CA ARG A 244 4.73 19.63 -27.07
C ARG A 244 3.30 19.12 -26.87
N PHE A 245 2.97 18.05 -27.59
CA PHE A 245 1.60 17.66 -27.91
C PHE A 245 0.90 17.06 -26.69
N GLU A 246 1.64 16.24 -25.93
CA GLU A 246 1.19 15.69 -24.67
C GLU A 246 0.84 16.82 -23.70
N LYS A 247 1.75 17.81 -23.60
CA LYS A 247 1.59 18.93 -22.69
C LYS A 247 0.38 19.78 -23.11
N ILE A 248 0.29 20.12 -24.40
CA ILE A 248 -0.81 20.93 -24.91
C ILE A 248 -2.13 20.26 -24.57
N SER A 249 -2.24 18.95 -24.87
CA SER A 249 -3.40 18.13 -24.53
C SER A 249 -3.82 18.42 -23.09
N ASN A 250 -2.84 18.41 -22.19
CA ASN A 250 -3.00 18.61 -20.75
C ASN A 250 -3.46 20.05 -20.44
N ILE A 251 -2.68 21.05 -20.87
CA ILE A 251 -2.94 22.46 -20.57
C ILE A 251 -4.34 22.84 -21.06
N MET A 252 -4.70 22.32 -22.23
CA MET A 252 -5.96 22.64 -22.88
C MET A 252 -7.13 21.92 -22.19
N LYS A 253 -6.93 20.65 -21.81
CA LYS A 253 -7.90 19.90 -21.02
C LYS A 253 -8.26 20.69 -19.76
N ASN A 254 -7.24 21.32 -19.15
CA ASN A 254 -7.39 22.02 -17.88
C ASN A 254 -8.02 23.41 -18.05
N PHE A 255 -7.75 24.09 -19.17
CA PHE A 255 -8.43 25.35 -19.45
C PHE A 255 -9.91 25.09 -19.69
N LYS A 256 -10.19 24.02 -20.43
CA LYS A 256 -11.55 23.65 -20.79
C LYS A 256 -12.33 23.20 -19.56
N GLN A 257 -11.68 22.38 -18.72
CA GLN A 257 -12.26 21.93 -17.45
C GLN A 257 -12.43 23.12 -16.51
N SER A 258 -11.62 24.16 -16.70
CA SER A 258 -11.68 25.39 -15.92
C SER A 258 -12.83 26.27 -16.42
N CYS A 259 -13.10 26.22 -17.73
CA CYS A 259 -14.05 27.10 -18.40
C CYS A 259 -15.46 26.93 -17.86
N THR A 260 -15.73 25.76 -17.25
CA THR A 260 -17.03 25.42 -16.69
C THR A 260 -17.47 26.44 -15.65
N LYS A 261 -16.51 27.09 -14.99
CA LYS A 261 -16.77 28.03 -13.90
C LYS A 261 -17.46 29.29 -14.42
N LEU A 262 -17.15 29.68 -15.67
CA LEU A 262 -17.79 30.81 -16.31
C LEU A 262 -19.13 30.38 -16.92
N LYS A 263 -19.35 29.06 -17.00
CA LYS A 263 -20.60 28.42 -17.42
C LYS A 263 -20.72 28.34 -18.95
N SER A 264 -19.60 28.41 -19.67
CA SER A 264 -19.60 28.23 -21.12
C SER A 264 -18.33 27.51 -21.61
N GLY A 265 -18.44 26.87 -22.78
CA GLY A 265 -17.40 26.03 -23.34
C GLY A 265 -16.39 26.81 -24.20
N PHE A 266 -15.16 26.29 -24.27
CA PHE A 266 -14.05 26.90 -24.98
C PHE A 266 -14.27 26.87 -26.50
N LYS A 267 -13.91 27.97 -27.17
CA LYS A 267 -14.00 28.11 -28.62
C LYS A 267 -12.65 28.48 -29.24
N THR A 268 -12.12 29.65 -28.84
CA THR A 268 -10.86 30.15 -29.37
C THR A 268 -9.98 30.70 -28.24
N LEU A 269 -8.67 30.72 -28.49
CA LEU A 269 -7.70 31.43 -27.66
C LEU A 269 -6.56 31.94 -28.55
N ILE A 270 -6.24 33.23 -28.40
CA ILE A 270 -5.23 33.90 -29.20
C ILE A 270 -4.16 34.47 -28.27
N LEU A 271 -2.92 34.03 -28.47
CA LEU A 271 -1.78 34.35 -27.61
C LEU A 271 -0.73 35.12 -28.42
N ASN A 272 -0.46 36.37 -28.04
CA ASN A 272 0.62 37.19 -28.58
C ASN A 272 0.52 37.38 -30.09
N ASN A 273 -0.58 36.92 -30.69
CA ASN A 273 -0.74 36.77 -32.13
C ASN A 273 0.17 35.68 -32.70
N ASN A 274 0.95 35.02 -31.84
CA ASN A 274 1.85 33.94 -32.23
C ASN A 274 1.08 32.63 -32.29
N ILE A 275 0.36 32.33 -31.22
CA ILE A 275 -0.30 31.04 -31.02
C ILE A 275 -1.81 31.20 -31.16
N TYR A 276 -2.39 30.35 -32.01
CA TYR A 276 -3.82 30.33 -32.27
C TYR A 276 -4.40 28.94 -31.99
N VAL A 277 -5.46 28.90 -31.15
CA VAL A 277 -6.26 27.68 -31.00
C VAL A 277 -7.72 27.98 -31.33
N SER A 278 -8.29 27.21 -32.27
CA SER A 278 -9.65 27.44 -32.73
C SER A 278 -10.44 26.15 -32.86
N GLU A 279 -11.77 26.26 -32.64
CA GLU A 279 -12.65 25.10 -32.51
C GLU A 279 -12.92 24.39 -33.84
N LEU A 280 -12.78 25.09 -34.98
CA LEU A 280 -12.79 24.48 -36.31
C LEU A 280 -14.00 23.57 -36.54
N SER A 281 -13.76 22.28 -36.87
CA SER A 281 -14.80 21.29 -37.17
C SER A 281 -15.59 20.94 -35.90
N SER A 282 -16.68 20.19 -36.07
CA SER A 282 -17.48 19.75 -34.94
C SER A 282 -16.72 18.67 -34.14
N ASN A 283 -15.73 18.05 -34.77
CA ASN A 283 -14.93 17.00 -34.15
C ASN A 283 -13.43 17.22 -34.36
N MET A 284 -12.99 18.49 -34.30
CA MET A 284 -11.58 18.87 -34.45
C MET A 284 -11.30 20.27 -33.90
N VAL A 285 -10.12 20.44 -33.29
CA VAL A 285 -9.60 21.72 -32.81
C VAL A 285 -8.13 21.84 -33.21
N CYS A 286 -7.73 23.02 -33.69
CA CYS A 286 -6.39 23.22 -34.24
C CYS A 286 -5.54 24.19 -33.40
N PHE A 287 -4.28 23.78 -33.17
CA PHE A 287 -3.26 24.58 -32.51
C PHE A 287 -2.26 25.07 -33.56
N ILE A 288 -2.47 26.30 -34.05
CA ILE A 288 -1.60 26.94 -35.03
C ILE A 288 -0.59 27.81 -34.29
N VAL A 289 0.67 27.79 -34.75
CA VAL A 289 1.66 28.76 -34.29
C VAL A 289 2.29 29.48 -35.48
N LEU A 290 1.99 30.78 -35.58
CA LEU A 290 2.40 31.64 -36.69
C LEU A 290 3.87 32.04 -36.54
N LYS A 291 4.48 32.42 -37.67
CA LYS A 291 5.88 32.79 -37.69
C LYS A 291 6.06 34.29 -37.44
N ASP A 292 5.02 35.10 -37.70
CA ASP A 292 5.08 36.54 -37.53
C ASP A 292 3.96 37.02 -36.61
N MET A 293 4.30 37.86 -35.63
CA MET A 293 3.38 38.19 -34.54
C MET A 293 2.59 39.47 -34.81
N ASN A 294 2.23 39.73 -36.07
CA ASN A 294 1.56 40.98 -36.42
C ASN A 294 0.61 40.85 -37.62
N ILE A 295 0.48 39.65 -38.19
CA ILE A 295 -0.55 39.38 -39.19
C ILE A 295 -1.91 39.47 -38.52
N PRO A 296 -2.73 40.47 -38.89
CA PRO A 296 -3.94 40.87 -38.14
C PRO A 296 -4.90 39.75 -37.78
N GLN A 297 -5.54 39.88 -36.61
CA GLN A 297 -6.42 38.87 -36.03
C GLN A 297 -7.50 38.42 -37.02
N GLU A 298 -8.28 39.39 -37.52
CA GLU A 298 -9.43 39.12 -38.38
C GLU A 298 -9.03 38.30 -39.60
N LEU A 299 -7.77 38.42 -40.05
CA LEU A 299 -7.26 37.67 -41.20
C LEU A 299 -7.07 36.20 -40.83
N VAL A 300 -6.34 35.94 -39.74
CA VAL A 300 -6.03 34.58 -39.30
C VAL A 300 -7.35 33.86 -38.99
N LEU A 301 -8.27 34.56 -38.33
CA LEU A 301 -9.56 34.00 -37.95
C LEU A 301 -10.43 33.78 -39.19
N GLU A 302 -10.26 34.63 -40.21
CA GLU A 302 -10.97 34.49 -41.48
C GLU A 302 -10.45 33.27 -42.24
N ASN A 303 -9.12 33.10 -42.29
CA ASN A 303 -8.48 31.99 -42.96
C ASN A 303 -8.77 30.68 -42.24
N ILE A 304 -8.82 30.73 -40.90
CA ILE A 304 -9.22 29.59 -40.08
C ILE A 304 -10.62 29.15 -40.49
N LYS A 305 -11.51 30.13 -40.67
CA LYS A 305 -12.93 29.91 -40.92
C LYS A 305 -13.16 29.33 -42.31
N LYS A 306 -12.38 29.77 -43.30
CA LYS A 306 -12.49 29.29 -44.68
C LYS A 306 -12.01 27.84 -44.74
N ALA A 307 -10.89 27.56 -44.05
CA ALA A 307 -10.32 26.22 -43.99
C ALA A 307 -11.24 25.29 -43.20
N LYS A 308 -11.94 25.86 -42.21
CA LYS A 308 -12.83 25.17 -41.28
C LYS A 308 -13.73 24.16 -42.00
N GLU A 309 -14.28 24.57 -43.15
CA GLU A 309 -15.26 23.79 -43.91
C GLU A 309 -14.64 22.46 -44.35
N PHE A 310 -13.38 22.50 -44.78
CA PHE A 310 -12.67 21.36 -45.33
C PHE A 310 -12.15 20.48 -44.19
N PHE A 311 -12.14 19.16 -44.42
CA PHE A 311 -11.67 18.06 -43.56
C PHE A 311 -12.67 16.90 -43.62
N ALA B 14 8.02 48.19 2.83
CA ALA B 14 7.17 47.68 3.94
C ALA B 14 7.41 46.18 4.14
N MET B 15 7.02 45.66 5.32
CA MET B 15 7.18 44.25 5.64
C MET B 15 6.05 43.72 6.51
N VAL B 16 5.92 42.38 6.59
CA VAL B 16 4.83 41.72 7.29
C VAL B 16 5.37 40.57 8.15
N LEU B 17 4.83 40.43 9.37
CA LEU B 17 5.22 39.38 10.30
C LEU B 17 4.27 38.19 10.23
N LEU B 18 4.82 37.04 9.84
CA LEU B 18 4.06 35.80 9.66
C LEU B 18 4.45 34.81 10.75
N MET B 19 3.64 34.75 11.81
CA MET B 19 3.94 33.92 12.98
C MET B 19 2.84 32.90 13.23
N GLY B 20 3.09 31.97 14.18
CA GLY B 20 2.09 30.99 14.57
C GLY B 20 2.59 29.92 15.54
N VAL B 21 1.68 29.00 15.88
CA VAL B 21 1.92 27.87 16.77
C VAL B 21 2.65 26.77 15.99
N ARG B 22 3.87 26.45 16.45
CA ARG B 22 4.85 25.62 15.75
C ARG B 22 4.21 24.47 14.98
N ARG B 23 4.59 24.35 13.69
CA ARG B 23 4.10 23.38 12.72
C ARG B 23 2.60 23.57 12.46
N CYS B 24 2.26 24.67 11.76
CA CYS B 24 0.86 25.01 11.50
C CYS B 24 0.65 25.54 10.07
N GLY B 25 1.72 25.66 9.28
CA GLY B 25 1.57 26.02 7.88
C GLY B 25 2.12 27.41 7.55
N LYS B 26 3.22 27.79 8.20
CA LYS B 26 3.89 29.05 7.91
C LYS B 26 4.69 28.91 6.62
N SER B 27 5.72 28.04 6.66
CA SER B 27 6.58 27.75 5.53
C SER B 27 5.75 27.20 4.37
N SER B 28 4.66 26.51 4.72
CA SER B 28 3.78 25.87 3.76
C SER B 28 3.20 26.91 2.80
N ILE B 29 2.52 27.93 3.33
CA ILE B 29 1.88 28.95 2.49
C ILE B 29 2.95 29.84 1.84
N CYS B 30 4.10 29.97 2.51
CA CYS B 30 5.23 30.70 1.95
C CYS B 30 5.66 30.06 0.63
N LYS B 31 5.91 28.74 0.65
CA LYS B 31 6.42 28.02 -0.51
C LYS B 31 5.37 27.93 -1.62
N VAL B 32 4.09 27.77 -1.26
CA VAL B 32 3.04 27.54 -2.25
C VAL B 32 2.56 28.85 -2.88
N VAL B 33 2.51 29.93 -2.10
CA VAL B 33 2.16 31.25 -2.65
C VAL B 33 3.26 31.69 -3.61
N PHE B 34 4.52 31.66 -3.15
CA PHE B 34 5.61 32.31 -3.86
C PHE B 34 6.24 31.40 -4.91
N HIS B 35 6.27 30.08 -4.69
CA HIS B 35 7.01 29.19 -5.57
C HIS B 35 6.09 28.24 -6.33
N ASN B 36 4.77 28.46 -6.23
CA ASN B 36 3.74 27.64 -6.87
C ASN B 36 3.96 26.15 -6.61
N MET B 37 4.43 25.83 -5.40
CA MET B 37 4.79 24.47 -4.99
C MET B 37 3.55 23.58 -5.00
N GLN B 38 3.75 22.33 -5.40
CA GLN B 38 2.71 21.31 -5.38
C GLN B 38 2.54 20.85 -3.95
N PRO B 39 1.44 21.27 -3.25
CA PRO B 39 1.38 21.27 -1.79
C PRO B 39 1.83 20.02 -1.04
N LEU B 40 1.68 18.84 -1.65
CA LEU B 40 2.05 17.59 -1.00
C LEU B 40 3.56 17.51 -0.79
N ASP B 41 4.31 18.37 -1.50
CA ASP B 41 5.74 18.54 -1.31
C ASP B 41 6.02 19.39 -0.06
N THR B 42 5.00 20.13 0.40
CA THR B 42 5.10 20.92 1.63
C THR B 42 4.77 20.04 2.84
N LEU B 43 4.12 18.89 2.60
CA LEU B 43 3.84 17.90 3.64
C LEU B 43 5.17 17.39 4.19
N TYR B 44 6.16 17.25 3.31
CA TYR B 44 7.48 16.73 3.65
C TYR B 44 8.45 17.84 4.05
N LEU B 45 7.94 19.06 4.27
CA LEU B 45 8.75 20.18 4.74
C LEU B 45 9.13 19.97 6.21
N GLU B 46 10.31 20.46 6.59
CA GLU B 46 10.85 20.25 7.93
C GLU B 46 11.10 21.59 8.63
N SER B 47 11.01 21.55 9.97
CA SER B 47 10.98 22.70 10.86
C SER B 47 12.12 23.69 10.60
N THR B 48 11.75 24.90 10.16
CA THR B 48 12.63 26.06 10.18
C THR B 48 12.59 26.67 11.58
N SER B 49 13.75 26.63 12.26
CA SER B 49 13.86 27.02 13.66
C SER B 49 14.43 28.43 13.80
N ASN B 50 15.01 28.95 12.71
CA ASN B 50 15.60 30.28 12.68
C ASN B 50 14.82 31.19 11.74
N PRO B 51 14.45 32.42 12.20
CA PRO B 51 13.63 33.36 11.42
C PRO B 51 14.07 33.48 9.96
N SER B 52 13.14 33.18 9.06
CA SER B 52 13.41 33.18 7.63
C SER B 52 12.43 34.12 6.92
N LEU B 53 12.94 34.85 5.92
CA LEU B 53 12.12 35.85 5.25
C LEU B 53 12.16 35.69 3.72
N GLU B 54 10.95 35.61 3.15
CA GLU B 54 10.72 35.59 1.72
C GLU B 54 10.34 37.01 1.29
N HIS B 55 11.19 37.64 0.47
CA HIS B 55 10.86 38.95 -0.07
C HIS B 55 9.84 38.80 -1.18
N PHE B 56 9.11 39.89 -1.42
CA PHE B 56 8.13 39.96 -2.48
C PHE B 56 8.15 41.38 -3.02
N SER B 57 8.25 41.52 -4.34
CA SER B 57 8.48 42.83 -4.93
C SER B 57 7.17 43.49 -5.39
N THR B 58 6.72 43.13 -6.60
CA THR B 58 5.53 43.69 -7.26
C THR B 58 5.46 45.22 -7.14
N LEU B 59 4.27 45.74 -6.79
CA LEU B 59 3.98 47.17 -6.72
C LEU B 59 4.67 47.82 -5.51
N ILE B 60 4.83 47.08 -4.39
CA ILE B 60 5.13 47.75 -3.12
C ILE B 60 6.52 47.44 -2.52
N ASP B 61 7.19 46.36 -2.95
CA ASP B 61 8.43 45.90 -2.32
C ASP B 61 8.18 45.46 -0.87
N LEU B 62 7.36 44.42 -0.70
CA LEU B 62 7.08 43.82 0.61
C LEU B 62 8.22 42.89 1.03
N ALA B 63 8.14 42.42 2.28
CA ALA B 63 9.03 41.41 2.82
C ALA B 63 8.28 40.59 3.86
N VAL B 64 8.15 39.29 3.61
CA VAL B 64 7.38 38.41 4.50
C VAL B 64 8.36 37.64 5.38
N MET B 65 8.19 37.78 6.70
CA MET B 65 9.12 37.13 7.63
C MET B 65 8.39 36.11 8.50
N GLU B 66 8.76 34.84 8.31
CA GLU B 66 8.34 33.76 9.18
C GLU B 66 9.14 33.81 10.47
N LEU B 67 8.42 33.68 11.60
CA LEU B 67 9.04 33.51 12.89
C LEU B 67 8.76 32.11 13.40
N PRO B 68 9.79 31.40 13.93
CA PRO B 68 9.65 29.98 14.29
C PRO B 68 8.55 29.69 15.31
N GLY B 69 8.49 30.51 16.37
CA GLY B 69 7.56 30.29 17.47
C GLY B 69 8.00 29.13 18.36
N GLN B 70 7.69 29.25 19.67
CA GLN B 70 8.03 28.24 20.65
C GLN B 70 7.06 28.31 21.84
N TYR B 73 5.54 31.30 25.72
CA TYR B 73 4.39 31.80 24.93
C TYR B 73 4.84 32.90 23.97
N PHE B 74 4.55 34.17 24.30
CA PHE B 74 4.97 35.24 23.41
C PHE B 74 6.46 35.57 23.55
N GLU B 75 6.96 35.63 24.81
CA GLU B 75 8.35 35.94 25.10
C GLU B 75 8.80 37.22 24.37
N PRO B 76 8.39 38.44 24.82
CA PRO B 76 8.86 39.67 24.16
C PRO B 76 10.36 39.83 24.36
N SER B 77 11.12 39.63 23.28
CA SER B 77 12.57 39.67 23.32
C SER B 77 13.07 41.12 23.33
N TYR B 78 14.39 41.29 23.50
CA TYR B 78 15.00 42.61 23.59
C TYR B 78 14.91 43.37 22.25
N ASP B 79 15.05 42.64 21.13
CA ASP B 79 15.14 43.27 19.82
C ASP B 79 13.75 43.67 19.31
N SER B 80 12.74 42.86 19.68
CA SER B 80 11.40 42.88 19.13
C SER B 80 10.73 44.25 19.27
N GLU B 81 11.15 45.05 20.25
CA GLU B 81 10.57 46.37 20.48
C GLU B 81 10.71 47.26 19.24
N ARG B 82 11.87 47.19 18.57
CA ARG B 82 12.06 47.94 17.34
C ARG B 82 11.45 47.20 16.14
N LEU B 83 11.57 45.86 16.14
CA LEU B 83 11.13 45.01 15.02
C LEU B 83 9.64 45.21 14.73
N PHE B 84 8.81 45.21 15.78
CA PHE B 84 7.38 45.41 15.69
C PHE B 84 7.06 46.85 15.28
N LYS B 85 7.86 47.80 15.77
CA LYS B 85 7.74 49.21 15.45
C LYS B 85 8.12 49.43 13.97
N SER B 86 8.63 48.38 13.33
CA SER B 86 9.13 48.40 11.97
C SER B 86 8.25 47.54 11.05
N VAL B 87 7.09 47.11 11.56
CA VAL B 87 6.19 46.20 10.86
C VAL B 87 4.97 46.96 10.36
N GLY B 88 4.60 46.69 9.09
CA GLY B 88 3.38 47.24 8.50
C GLY B 88 2.13 46.49 8.98
N ALA B 89 2.15 45.16 8.86
CA ALA B 89 1.03 44.31 9.25
C ALA B 89 1.51 42.95 9.77
N LEU B 90 0.63 42.25 10.51
CA LEU B 90 0.96 41.00 11.20
C LEU B 90 -0.04 39.91 10.81
N VAL B 91 0.46 38.82 10.25
CA VAL B 91 -0.36 37.67 9.90
C VAL B 91 -0.01 36.50 10.81
N TYR B 92 -0.89 36.22 11.77
CA TYR B 92 -0.79 35.05 12.62
C TYR B 92 -1.64 33.93 12.01
N VAL B 93 -1.05 32.73 11.94
CA VAL B 93 -1.74 31.59 11.36
C VAL B 93 -2.12 30.60 12.47
N ILE B 94 -3.44 30.42 12.63
CA ILE B 94 -4.01 29.44 13.54
C ILE B 94 -4.36 28.19 12.73
N ASP B 95 -3.73 27.07 13.09
CA ASP B 95 -4.07 25.79 12.50
C ASP B 95 -5.40 25.32 13.07
N SER B 96 -6.40 25.15 12.20
CA SER B 96 -7.60 24.40 12.55
C SER B 96 -7.19 22.93 12.71
N GLN B 97 -8.07 22.12 13.32
CA GLN B 97 -7.89 20.68 13.49
C GLN B 97 -6.94 20.36 14.65
N ASP B 98 -6.54 21.39 15.38
CA ASP B 98 -5.77 21.28 16.61
C ASP B 98 -6.41 22.23 17.63
N GLU B 99 -6.18 21.97 18.92
CA GLU B 99 -6.67 22.84 19.99
C GLU B 99 -6.13 24.26 19.77
N TYR B 100 -7.01 25.14 19.31
CA TYR B 100 -6.62 26.49 18.92
C TYR B 100 -6.75 27.48 20.07
N ILE B 101 -7.16 26.98 21.25
CA ILE B 101 -7.34 27.85 22.40
C ILE B 101 -5.98 28.36 22.89
N ASN B 102 -4.94 27.53 22.75
CA ASN B 102 -3.57 27.90 23.06
C ASN B 102 -3.07 28.95 22.07
N ALA B 103 -3.48 28.80 20.81
CA ALA B 103 -3.11 29.72 19.75
C ALA B 103 -3.70 31.10 20.01
N ILE B 104 -4.97 31.13 20.48
CA ILE B 104 -5.66 32.38 20.80
C ILE B 104 -5.08 33.00 22.07
N THR B 105 -4.81 32.18 23.10
CA THR B 105 -4.22 32.64 24.35
C THR B 105 -2.90 33.35 24.05
N ASN B 106 -2.12 32.77 23.14
CA ASN B 106 -0.84 33.30 22.70
C ASN B 106 -1.06 34.55 21.85
N LEU B 107 -2.05 34.51 20.95
CA LEU B 107 -2.30 35.54 19.94
C LEU B 107 -2.59 36.88 20.62
N ALA B 108 -3.44 36.86 21.66
CA ALA B 108 -3.85 38.05 22.39
C ALA B 108 -2.64 38.73 23.03
N MET B 109 -1.67 37.91 23.47
CA MET B 109 -0.44 38.40 24.10
C MET B 109 0.44 39.11 23.06
N ILE B 110 0.45 38.61 21.82
CA ILE B 110 1.22 39.18 20.73
C ILE B 110 0.62 40.54 20.32
N ILE B 111 -0.70 40.58 20.12
CA ILE B 111 -1.38 41.80 19.69
C ILE B 111 -1.30 42.86 20.79
N GLU B 112 -1.16 42.42 22.05
CA GLU B 112 -0.94 43.33 23.17
C GLU B 112 0.39 44.06 22.96
N TYR B 113 1.43 43.34 22.54
CA TYR B 113 2.75 43.91 22.35
C TYR B 113 2.79 44.80 21.11
N ALA B 114 2.21 44.30 20.02
CA ALA B 114 2.17 45.03 18.76
C ALA B 114 1.49 46.39 18.98
N TYR B 115 0.27 46.37 19.52
CA TYR B 115 -0.54 47.55 19.77
C TYR B 115 0.13 48.48 20.77
N LYS B 116 0.79 47.91 21.79
CA LYS B 116 1.56 48.65 22.77
C LYS B 116 2.61 49.51 22.07
N VAL B 117 3.35 48.88 21.14
CA VAL B 117 4.53 49.46 20.52
C VAL B 117 4.13 50.29 19.30
N ASN B 118 3.45 49.66 18.34
CA ASN B 118 2.96 50.30 17.13
C ASN B 118 1.45 50.16 17.10
N PRO B 119 0.68 51.21 17.48
CA PRO B 119 -0.78 51.09 17.59
C PRO B 119 -1.50 50.94 16.24
N SER B 120 -0.82 51.32 15.15
CA SER B 120 -1.42 51.39 13.83
C SER B 120 -1.27 50.09 13.03
N ILE B 121 -0.67 49.04 13.63
CA ILE B 121 -0.47 47.76 12.97
C ILE B 121 -1.82 47.14 12.59
N ASN B 122 -1.88 46.64 11.36
CA ASN B 122 -3.00 45.87 10.85
C ASN B 122 -2.81 44.42 11.27
N ILE B 123 -3.82 43.84 11.92
CA ILE B 123 -3.74 42.46 12.37
C ILE B 123 -4.65 41.59 11.50
N GLU B 124 -4.03 40.62 10.82
CA GLU B 124 -4.74 39.63 10.03
C GLU B 124 -4.51 38.25 10.62
N VAL B 125 -5.58 37.45 10.68
CA VAL B 125 -5.49 36.10 11.22
C VAL B 125 -5.96 35.09 10.18
N LEU B 126 -5.10 34.11 9.89
CA LEU B 126 -5.43 33.05 8.94
C LEU B 126 -5.96 31.84 9.71
N ILE B 127 -7.26 31.57 9.53
CA ILE B 127 -7.84 30.29 9.88
C ILE B 127 -7.42 29.30 8.80
N HIS B 128 -6.54 28.36 9.17
CA HIS B 128 -5.82 27.56 8.18
C HIS B 128 -6.24 26.10 8.23
N LYS B 129 -5.86 25.34 7.18
CA LYS B 129 -6.16 23.93 7.01
C LYS B 129 -7.67 23.67 7.09
N VAL B 130 -8.43 24.38 6.23
CA VAL B 130 -9.89 24.36 6.27
C VAL B 130 -10.46 23.61 5.07
N ASP B 131 -9.58 23.13 4.16
CA ASP B 131 -9.94 22.52 2.89
C ASP B 131 -10.88 21.33 3.05
N GLY B 132 -10.46 20.34 3.84
CA GLY B 132 -11.18 19.08 4.00
C GLY B 132 -12.56 19.26 4.64
N LEU B 133 -12.60 20.04 5.72
CA LEU B 133 -13.80 20.25 6.53
C LEU B 133 -14.96 20.75 5.66
N SER B 134 -16.17 20.27 5.99
CA SER B 134 -17.40 20.68 5.33
C SER B 134 -17.63 22.17 5.51
N GLU B 135 -18.32 22.78 4.53
CA GLU B 135 -18.63 24.20 4.54
C GLU B 135 -19.34 24.57 5.84
N ASP B 136 -20.20 23.67 6.34
CA ASP B 136 -20.92 23.85 7.59
C ASP B 136 -19.96 23.75 8.78
N PHE B 137 -19.03 22.79 8.73
CA PHE B 137 -18.03 22.59 9.77
C PHE B 137 -17.11 23.82 9.88
N LYS B 138 -16.94 24.52 8.75
CA LYS B 138 -16.11 25.71 8.65
C LYS B 138 -16.84 26.92 9.23
N VAL B 139 -18.10 27.12 8.82
CA VAL B 139 -18.94 28.21 9.32
C VAL B 139 -19.10 28.06 10.82
N ASP B 140 -19.35 26.82 11.27
CA ASP B 140 -19.49 26.44 12.66
C ASP B 140 -18.25 26.85 13.47
N ALA B 141 -17.06 26.57 12.90
CA ALA B 141 -15.79 26.87 13.54
C ALA B 141 -15.57 28.38 13.63
N GLN B 142 -15.81 29.10 12.52
CA GLN B 142 -15.47 30.50 12.37
C GLN B 142 -16.29 31.40 13.31
N ARG B 143 -17.63 31.25 13.29
CA ARG B 143 -18.55 32.09 14.03
C ARG B 143 -18.22 32.03 15.53
N ASP B 144 -17.74 30.86 15.98
CA ASP B 144 -17.53 30.59 17.39
C ASP B 144 -16.04 30.60 17.76
N ILE B 145 -15.14 30.76 16.76
CA ILE B 145 -13.74 31.03 17.06
C ILE B 145 -13.53 32.54 17.23
N MET B 146 -14.27 33.34 16.45
CA MET B 146 -14.25 34.79 16.51
C MET B 146 -14.59 35.26 17.92
N GLN B 147 -15.57 34.58 18.53
CA GLN B 147 -16.03 34.81 19.90
C GLN B 147 -14.88 34.67 20.88
N ARG B 148 -14.24 33.49 20.92
CA ARG B 148 -13.18 33.17 21.87
C ARG B 148 -11.92 33.98 21.58
N THR B 149 -11.80 34.53 20.37
CA THR B 149 -10.69 35.39 19.99
C THR B 149 -10.83 36.75 20.68
N GLY B 150 -12.01 37.38 20.54
CA GLY B 150 -12.30 38.67 21.14
C GLY B 150 -12.43 38.58 22.66
N GLU B 151 -12.61 37.36 23.16
CA GLU B 151 -12.78 37.09 24.58
C GLU B 151 -11.47 37.38 25.32
N GLU B 152 -10.38 36.71 24.89
CA GLU B 152 -9.05 36.87 25.47
C GLU B 152 -8.51 38.29 25.30
N LEU B 153 -9.16 39.09 24.43
CA LEU B 153 -8.76 40.47 24.18
C LEU B 153 -9.57 41.42 25.05
N LEU B 154 -10.86 41.12 25.28
CA LEU B 154 -11.70 41.95 26.14
C LEU B 154 -11.08 42.04 27.54
N GLU B 155 -10.46 40.93 27.97
CA GLU B 155 -9.74 40.84 29.22
C GLU B 155 -8.53 41.77 29.21
N LEU B 156 -7.96 41.99 28.02
CA LEU B 156 -6.78 42.82 27.86
C LEU B 156 -7.14 44.20 27.33
N GLY B 157 -7.45 45.11 28.26
CA GLY B 157 -7.75 46.50 27.98
C GLY B 157 -8.92 46.66 27.00
N LEU B 158 -8.76 47.61 26.06
CA LEU B 158 -9.74 47.94 25.04
C LEU B 158 -9.64 46.91 23.91
N ASP B 159 -10.51 47.09 22.90
CA ASP B 159 -10.60 46.21 21.75
C ASP B 159 -10.00 46.88 20.52
N GLY B 160 -8.83 46.39 20.10
CA GLY B 160 -8.25 46.76 18.81
C GLY B 160 -9.13 46.25 17.68
N VAL B 161 -9.51 47.16 16.76
CA VAL B 161 -10.55 46.88 15.78
C VAL B 161 -10.01 46.02 14.64
N GLN B 162 -8.85 45.38 14.86
CA GLN B 162 -8.23 44.51 13.87
C GLN B 162 -8.97 43.18 13.82
N VAL B 163 -10.13 43.20 13.15
CA VAL B 163 -10.97 42.03 12.94
C VAL B 163 -10.77 41.55 11.50
N SER B 164 -9.95 40.50 11.33
CA SER B 164 -9.58 40.04 10.01
C SER B 164 -9.31 38.54 10.00
N PHE B 165 -10.38 37.76 9.82
CA PHE B 165 -10.31 36.31 9.80
C PHE B 165 -10.48 35.82 8.38
N TYR B 166 -9.40 35.28 7.82
CA TYR B 166 -9.39 34.80 6.45
C TYR B 166 -9.23 33.28 6.48
N LEU B 167 -10.32 32.58 6.14
CA LEU B 167 -10.37 31.12 6.17
C LEU B 167 -9.65 30.58 4.94
N THR B 168 -8.46 30.00 5.14
CA THR B 168 -7.57 29.67 4.04
C THR B 168 -7.13 28.22 4.09
N SER B 169 -7.08 27.63 2.89
CA SER B 169 -6.59 26.29 2.67
C SER B 169 -5.51 26.35 1.60
N ILE B 170 -4.33 25.82 1.92
CA ILE B 170 -3.17 25.87 1.05
C ILE B 170 -3.43 25.11 -0.26
N PHE B 171 -4.30 24.11 -0.21
CA PHE B 171 -4.60 23.25 -1.35
C PHE B 171 -5.70 23.87 -2.21
N ASP B 172 -5.98 25.17 -2.00
CA ASP B 172 -7.08 25.86 -2.66
C ASP B 172 -6.61 27.23 -3.18
N HIS B 173 -7.57 28.05 -3.60
CA HIS B 173 -7.36 29.43 -4.00
C HIS B 173 -7.62 30.38 -2.83
N SER B 174 -7.82 29.81 -1.63
CA SER B 174 -8.23 30.56 -0.45
C SER B 174 -7.12 31.48 0.07
N ILE B 175 -5.89 30.95 0.15
CA ILE B 175 -4.73 31.71 0.63
C ILE B 175 -4.47 32.88 -0.30
N TYR B 176 -4.49 32.58 -1.61
CA TYR B 176 -4.19 33.56 -2.64
C TYR B 176 -5.11 34.78 -2.47
N GLU B 177 -6.42 34.52 -2.39
CA GLU B 177 -7.46 35.53 -2.18
C GLU B 177 -7.23 36.28 -0.87
N ALA B 178 -6.86 35.55 0.19
CA ALA B 178 -6.62 36.14 1.49
C ALA B 178 -5.46 37.12 1.41
N PHE B 179 -4.30 36.63 0.96
CA PHE B 179 -3.07 37.40 0.85
C PHE B 179 -3.28 38.63 -0.04
N SER B 180 -4.08 38.46 -1.09
CA SER B 180 -4.49 39.56 -1.95
C SER B 180 -5.15 40.66 -1.11
N ARG B 181 -6.17 40.29 -0.34
CA ARG B 181 -6.92 41.20 0.50
C ARG B 181 -6.02 41.81 1.58
N ILE B 182 -4.98 41.06 1.98
CA ILE B 182 -4.03 41.49 2.99
C ILE B 182 -3.09 42.56 2.44
N VAL B 183 -2.48 42.29 1.27
CA VAL B 183 -1.48 43.17 0.67
C VAL B 183 -2.15 44.42 0.12
N GLN B 184 -3.32 44.23 -0.50
CA GLN B 184 -4.20 45.29 -0.97
C GLN B 184 -4.47 46.29 0.16
N LYS B 185 -4.67 45.77 1.38
CA LYS B 185 -4.94 46.57 2.57
C LYS B 185 -3.73 47.44 2.95
N LEU B 186 -2.54 47.11 2.42
CA LEU B 186 -1.31 47.83 2.75
C LEU B 186 -1.00 48.88 1.68
N ILE B 187 -1.26 48.57 0.41
CA ILE B 187 -0.94 49.43 -0.72
C ILE B 187 -1.54 50.83 -0.50
N PRO B 188 -0.71 51.89 -0.59
CA PRO B 188 -1.15 53.26 -0.28
C PRO B 188 -2.03 53.84 -1.38
N GLU B 189 -1.61 53.65 -2.64
CA GLU B 189 -2.27 54.25 -3.80
C GLU B 189 -3.51 53.43 -4.20
N LEU B 190 -4.01 52.58 -3.31
CA LEU B 190 -5.03 51.57 -3.60
C LEU B 190 -6.38 52.21 -3.97
N SER B 191 -6.83 53.17 -3.15
CA SER B 191 -8.14 53.80 -3.31
C SER B 191 -8.31 54.33 -4.73
N PHE B 192 -7.22 54.89 -5.27
CA PHE B 192 -7.19 55.43 -6.63
C PHE B 192 -7.20 54.30 -7.65
N LEU B 193 -6.40 53.26 -7.40
CA LEU B 193 -6.35 52.09 -8.26
C LEU B 193 -7.75 51.52 -8.47
N GLU B 194 -8.52 51.38 -7.39
CA GLU B 194 -9.85 50.80 -7.46
C GLU B 194 -10.78 51.65 -8.34
N ASN B 195 -10.85 52.96 -8.08
CA ASN B 195 -11.75 53.84 -8.80
C ASN B 195 -11.30 54.04 -10.26
N MET B 196 -9.97 54.13 -10.45
CA MET B 196 -9.36 54.29 -11.76
C MET B 196 -9.62 53.05 -12.61
N LEU B 197 -9.35 51.87 -12.03
CA LEU B 197 -9.64 50.56 -12.62
C LEU B 197 -11.15 50.39 -12.75
N ASP B 198 -11.92 50.95 -11.80
CA ASP B 198 -13.36 50.81 -11.76
C ASP B 198 -13.98 51.36 -13.04
N ASN B 199 -13.68 52.62 -13.37
CA ASN B 199 -14.36 53.25 -14.49
C ASN B 199 -13.67 52.96 -15.82
N LEU B 200 -12.56 52.19 -15.79
CA LEU B 200 -12.06 51.52 -16.99
C LEU B 200 -13.13 50.51 -17.41
N ILE B 201 -13.53 49.67 -16.45
CA ILE B 201 -14.45 48.55 -16.69
C ILE B 201 -15.88 49.05 -16.87
N GLN B 202 -16.11 50.36 -16.65
CA GLN B 202 -17.40 50.99 -16.91
C GLN B 202 -17.48 51.44 -18.38
N HIS B 203 -16.40 52.04 -18.89
CA HIS B 203 -16.34 52.52 -20.26
C HIS B 203 -16.28 51.34 -21.22
N SER B 204 -15.32 50.43 -20.99
CA SER B 204 -15.26 49.16 -21.69
C SER B 204 -16.32 48.23 -21.12
N LYS B 205 -16.62 47.13 -21.83
CA LYS B 205 -17.70 46.23 -21.46
C LYS B 205 -17.17 45.10 -20.57
N ILE B 206 -16.55 45.47 -19.44
CA ILE B 206 -15.89 44.51 -18.56
C ILE B 206 -16.64 44.40 -17.23
N GLU B 207 -17.02 43.17 -16.86
CA GLU B 207 -17.74 42.93 -15.62
C GLU B 207 -16.80 42.96 -14.42
N LYS B 208 -15.61 42.34 -14.55
CA LYS B 208 -14.61 42.32 -13.49
C LYS B 208 -13.20 42.33 -14.06
N ALA B 209 -12.30 43.07 -13.39
CA ALA B 209 -10.89 43.12 -13.74
C ALA B 209 -10.03 43.09 -12.48
N PHE B 210 -8.90 42.38 -12.58
CA PHE B 210 -7.92 42.31 -11.50
C PHE B 210 -6.52 42.57 -12.02
N LEU B 211 -5.71 43.25 -11.20
CA LEU B 211 -4.28 43.36 -11.42
C LEU B 211 -3.57 42.28 -10.61
N PHE B 212 -2.93 41.35 -11.31
CA PHE B 212 -2.30 40.19 -10.69
C PHE B 212 -0.78 40.30 -10.78
N ASP B 213 -0.11 39.86 -9.71
CA ASP B 213 1.28 39.47 -9.87
C ASP B 213 1.29 38.12 -10.57
N VAL B 214 1.90 38.07 -11.76
CA VAL B 214 1.89 36.88 -12.61
C VAL B 214 2.51 35.68 -11.90
N ASN B 215 3.59 35.94 -11.15
CA ASN B 215 4.36 34.88 -10.53
C ASN B 215 3.68 34.41 -9.24
N SER B 216 3.24 35.39 -8.43
CA SER B 216 2.66 35.14 -7.12
C SER B 216 1.25 34.57 -7.23
N LYS B 217 0.41 35.20 -8.06
CA LYS B 217 -0.98 34.83 -8.31
C LYS B 217 -1.92 35.54 -7.33
N ILE B 218 -1.36 36.40 -6.47
CA ILE B 218 -2.19 37.25 -5.61
C ILE B 218 -2.51 38.53 -6.39
N TYR B 219 -3.60 39.22 -6.00
CA TYR B 219 -4.02 40.41 -6.73
C TYR B 219 -3.85 41.69 -5.91
N VAL B 220 -3.38 42.74 -6.60
CA VAL B 220 -3.11 44.03 -6.02
C VAL B 220 -4.38 44.87 -5.95
N SER B 221 -5.22 44.83 -7.00
CA SER B 221 -6.43 45.63 -7.04
C SER B 221 -7.53 44.99 -7.90
N THR B 222 -8.79 45.27 -7.53
CA THR B 222 -9.97 44.94 -8.30
C THR B 222 -10.89 46.16 -8.36
N ASP B 223 -12.14 45.94 -8.80
CA ASP B 223 -13.16 46.97 -8.94
C ASP B 223 -14.21 46.86 -7.82
N SER B 224 -15.20 47.77 -7.84
CA SER B 224 -16.25 47.89 -6.83
C SER B 224 -17.13 46.64 -6.78
N ASN B 225 -17.53 46.14 -7.95
CA ASN B 225 -18.46 45.03 -8.12
C ASN B 225 -17.95 43.76 -7.43
N PRO B 226 -18.87 42.87 -6.93
CA PRO B 226 -18.50 41.75 -6.05
C PRO B 226 -17.52 40.71 -6.60
N VAL B 227 -16.48 40.40 -5.82
CA VAL B 227 -15.45 39.43 -6.20
C VAL B 227 -15.90 38.03 -5.80
N ASP B 228 -16.85 37.48 -6.57
CA ASP B 228 -17.27 36.09 -6.48
C ASP B 228 -16.07 35.20 -6.75
N ILE B 229 -15.71 34.34 -5.78
CA ILE B 229 -14.45 33.60 -5.79
C ILE B 229 -14.36 32.68 -7.02
N GLN B 230 -15.50 32.28 -7.57
CA GLN B 230 -15.60 31.55 -8.82
C GLN B 230 -14.86 32.31 -9.94
N MET B 231 -15.01 33.64 -9.96
CA MET B 231 -14.43 34.50 -10.98
C MET B 231 -12.93 34.68 -10.78
N TYR B 232 -12.50 34.97 -9.53
CA TYR B 232 -11.08 35.04 -9.21
C TYR B 232 -10.39 33.76 -9.71
N GLU B 233 -11.03 32.62 -9.43
CA GLU B 233 -10.55 31.30 -9.82
C GLU B 233 -10.32 31.23 -11.33
N VAL B 234 -11.29 31.72 -12.12
CA VAL B 234 -11.21 31.69 -13.58
C VAL B 234 -9.97 32.46 -14.03
N CYS B 235 -9.79 33.67 -13.48
CA CYS B 235 -8.75 34.59 -13.90
C CYS B 235 -7.35 34.05 -13.54
N SER B 236 -7.22 33.48 -12.34
CA SER B 236 -5.97 32.87 -11.91
C SER B 236 -5.60 31.71 -12.84
N GLU B 237 -6.59 30.86 -13.13
CA GLU B 237 -6.41 29.67 -13.95
C GLU B 237 -6.07 30.08 -15.38
N PHE B 238 -6.60 31.23 -15.83
CA PHE B 238 -6.33 31.80 -17.14
C PHE B 238 -4.86 32.16 -17.26
N ILE B 239 -4.34 32.88 -16.25
CA ILE B 239 -2.94 33.29 -16.19
C ILE B 239 -2.05 32.05 -16.36
N ASP B 240 -2.34 31.02 -15.55
CA ASP B 240 -1.60 29.78 -15.56
C ASP B 240 -1.56 29.18 -16.97
N VAL B 241 -2.70 29.24 -17.68
CA VAL B 241 -2.82 28.69 -19.03
C VAL B 241 -1.94 29.47 -20.00
N THR B 242 -2.06 30.81 -20.02
CA THR B 242 -1.33 31.63 -20.97
C THR B 242 0.17 31.46 -20.79
N ILE B 243 0.63 31.39 -19.52
CA ILE B 243 2.04 31.22 -19.23
C ILE B 243 2.51 29.83 -19.66
N ASP B 244 1.76 28.79 -19.26
CA ASP B 244 2.10 27.40 -19.58
C ASP B 244 2.27 27.21 -21.09
N LEU B 245 1.38 27.82 -21.88
CA LEU B 245 1.43 27.73 -23.33
C LEU B 245 2.62 28.52 -23.87
N PHE B 246 2.78 29.78 -23.43
CA PHE B 246 3.82 30.69 -23.91
C PHE B 246 5.20 30.08 -23.70
N ASP B 247 5.41 29.49 -22.51
CA ASP B 247 6.70 28.94 -22.11
C ASP B 247 7.12 27.79 -23.02
N LEU B 248 6.13 27.10 -23.60
CA LEU B 248 6.37 25.94 -24.45
C LEU B 248 7.06 26.38 -25.75
N TYR B 249 6.64 27.54 -26.30
CA TYR B 249 7.10 27.97 -27.61
C TYR B 249 7.94 29.24 -27.52
N LYS B 250 9.26 29.07 -27.69
CA LYS B 250 10.20 30.17 -27.79
C LYS B 250 11.32 29.84 -28.78
N ALA B 251 11.10 30.21 -30.05
CA ALA B 251 12.06 29.99 -31.12
C ALA B 251 11.99 31.14 -32.13
N GLU B 272 3.87 42.36 -26.52
CA GLU B 272 4.30 42.30 -25.10
C GLU B 272 4.10 40.89 -24.55
N LEU B 273 3.03 40.73 -23.76
CA LEU B 273 2.52 39.44 -23.33
C LEU B 273 1.02 39.64 -23.14
N GLN B 274 0.24 39.05 -24.05
CA GLN B 274 -1.21 39.23 -24.03
C GLN B 274 -1.91 37.96 -24.50
N ASN B 275 -3.17 37.84 -24.10
CA ASN B 275 -3.92 36.61 -24.30
C ASN B 275 -5.42 36.84 -24.17
N VAL B 276 -6.15 36.39 -25.20
CA VAL B 276 -7.59 36.49 -25.28
C VAL B 276 -8.15 35.10 -25.54
N SER B 277 -9.29 34.78 -24.91
CA SER B 277 -10.04 33.59 -25.24
C SER B 277 -11.54 33.89 -25.26
N GLN B 278 -12.23 33.29 -26.22
CA GLN B 278 -13.68 33.45 -26.32
C GLN B 278 -14.37 32.10 -26.13
N LEU B 279 -15.48 32.13 -25.40
CA LEU B 279 -16.33 30.98 -25.19
C LEU B 279 -17.60 31.12 -26.03
N ALA B 280 -18.34 30.01 -26.17
CA ALA B 280 -19.50 29.90 -27.04
C ALA B 280 -20.53 31.00 -26.76
N ASN B 281 -20.65 31.40 -25.50
CA ASN B 281 -21.66 32.36 -25.05
C ASN B 281 -21.25 33.79 -25.41
N GLY B 282 -19.99 33.97 -25.82
CA GLY B 282 -19.51 35.24 -26.33
C GLY B 282 -18.56 35.98 -25.39
N VAL B 283 -18.53 35.57 -24.12
CA VAL B 283 -17.72 36.22 -23.08
C VAL B 283 -16.23 36.06 -23.41
N ILE B 284 -15.45 37.09 -23.05
CA ILE B 284 -14.04 37.18 -23.40
C ILE B 284 -13.20 37.31 -22.13
N ILE B 285 -12.14 36.51 -22.06
CA ILE B 285 -11.12 36.68 -21.02
C ILE B 285 -9.89 37.32 -21.65
N TYR B 286 -9.43 38.41 -21.03
CA TYR B 286 -8.34 39.23 -21.57
C TYR B 286 -7.21 39.35 -20.55
N LEU B 287 -5.97 39.32 -21.04
CA LEU B 287 -4.78 39.49 -20.21
C LEU B 287 -3.70 40.26 -20.96
N ARG B 288 -3.14 41.29 -20.30
CA ARG B 288 -2.06 42.09 -20.86
C ARG B 288 -1.01 42.39 -19.80
N GLN B 289 0.25 42.34 -20.22
CA GLN B 289 1.37 42.61 -19.35
C GLN B 289 1.35 44.08 -18.97
N MET B 290 1.69 44.35 -17.72
CA MET B 290 1.67 45.71 -17.26
C MET B 290 2.91 45.96 -16.44
N ILE B 291 3.02 47.17 -15.93
CA ILE B 291 4.20 47.60 -15.22
C ILE B 291 4.51 46.67 -14.06
N ARG B 292 5.80 46.36 -13.89
CA ARG B 292 6.40 45.74 -12.71
C ARG B 292 5.86 44.36 -12.36
N GLY B 293 5.77 43.48 -13.35
CA GLY B 293 5.45 42.08 -13.12
C GLY B 293 3.95 41.89 -12.92
N LEU B 294 3.22 43.00 -12.93
CA LEU B 294 1.77 42.91 -12.81
C LEU B 294 1.20 42.55 -14.17
N ALA B 295 -0.07 42.15 -14.16
CA ALA B 295 -0.75 41.86 -15.41
C ALA B 295 -2.24 42.04 -15.19
N LEU B 296 -2.85 42.87 -16.05
CA LEU B 296 -4.29 43.08 -16.00
C LEU B 296 -4.98 41.87 -16.63
N VAL B 297 -5.91 41.26 -15.89
CA VAL B 297 -6.74 40.17 -16.39
C VAL B 297 -8.21 40.52 -16.14
N ALA B 298 -9.05 40.41 -17.19
CA ALA B 298 -10.42 40.89 -17.15
C ALA B 298 -11.40 39.95 -17.86
N ILE B 299 -12.69 40.02 -17.46
CA ILE B 299 -13.79 39.33 -18.12
C ILE B 299 -14.68 40.35 -18.83
N ILE B 300 -14.94 40.10 -20.12
CA ILE B 300 -15.64 41.03 -21.00
C ILE B 300 -16.97 40.43 -21.42
N ARG B 301 -18.05 41.19 -21.19
CA ARG B 301 -19.36 40.89 -21.75
C ARG B 301 -19.38 41.33 -23.21
N PRO B 302 -19.83 40.47 -24.15
CA PRO B 302 -20.01 40.90 -25.54
C PRO B 302 -21.18 41.89 -25.66
N ASN B 303 -22.26 41.61 -24.92
CA ASN B 303 -23.51 42.38 -24.94
C ASN B 303 -24.16 42.32 -26.32
N GLY B 304 -23.51 41.64 -27.27
CA GLY B 304 -24.03 41.48 -28.62
C GLY B 304 -23.04 41.87 -29.71
N THR B 305 -22.19 42.88 -29.41
CA THR B 305 -21.33 43.52 -30.40
C THR B 305 -20.21 42.59 -30.89
N ASP B 306 -19.49 43.06 -31.92
CA ASP B 306 -18.32 42.41 -32.49
C ASP B 306 -17.22 42.29 -31.44
N MET B 307 -16.46 41.18 -31.51
CA MET B 307 -15.33 40.94 -30.60
C MET B 307 -14.24 41.99 -30.81
N GLU B 308 -13.90 42.27 -32.07
CA GLU B 308 -12.83 43.19 -32.43
C GLU B 308 -13.11 44.61 -31.94
N SER B 309 -14.38 45.05 -32.05
CA SER B 309 -14.83 46.34 -31.54
C SER B 309 -14.60 46.41 -30.04
N CYS B 310 -14.99 45.34 -29.35
CA CYS B 310 -14.81 45.19 -27.91
C CYS B 310 -13.32 45.15 -27.56
N LEU B 311 -12.53 44.49 -28.40
CA LEU B 311 -11.11 44.28 -28.14
C LEU B 311 -10.32 45.56 -28.43
N THR B 312 -10.77 46.33 -29.42
CA THR B 312 -10.10 47.55 -29.86
C THR B 312 -10.35 48.69 -28.88
N VAL B 313 -11.61 48.81 -28.42
CA VAL B 313 -11.97 49.79 -27.39
C VAL B 313 -11.23 49.44 -26.10
N ALA B 314 -11.25 48.15 -25.74
CA ALA B 314 -10.55 47.63 -24.58
C ALA B 314 -9.07 48.05 -24.63
N ASP B 315 -8.41 47.70 -25.74
CA ASP B 315 -7.00 48.00 -25.93
C ASP B 315 -6.70 49.49 -25.81
N TYR B 316 -7.58 50.33 -26.37
CA TYR B 316 -7.43 51.78 -26.30
C TYR B 316 -7.44 52.23 -24.84
N ASN B 317 -8.45 51.80 -24.08
CA ASN B 317 -8.64 52.16 -22.68
C ASN B 317 -7.48 51.64 -21.83
N ILE B 318 -7.13 50.36 -22.03
CA ILE B 318 -6.09 49.66 -21.29
C ILE B 318 -4.73 50.32 -21.54
N ASP B 319 -4.55 50.92 -22.73
CA ASP B 319 -3.36 51.68 -23.07
C ASP B 319 -3.26 52.93 -22.20
N ILE B 320 -4.38 53.63 -22.00
CA ILE B 320 -4.42 54.83 -21.16
C ILE B 320 -4.27 54.41 -19.70
N PHE B 321 -4.81 53.24 -19.38
CA PHE B 321 -4.73 52.68 -18.03
C PHE B 321 -3.28 52.33 -17.70
N LYS B 322 -2.58 51.72 -18.66
CA LYS B 322 -1.16 51.43 -18.54
C LYS B 322 -0.39 52.74 -18.34
N LYS B 323 -0.82 53.79 -19.04
CA LYS B 323 -0.25 55.11 -18.88
C LYS B 323 -0.58 55.65 -17.49
N GLY B 324 -1.72 55.24 -16.95
CA GLY B 324 -2.14 55.62 -15.60
C GLY B 324 -1.17 55.10 -14.54
N LEU B 325 -1.04 53.77 -14.43
CA LEU B 325 -0.19 53.15 -13.41
C LEU B 325 1.30 53.28 -13.75
N GLU B 326 1.63 53.70 -14.97
CA GLU B 326 3.00 54.03 -15.31
C GLU B 326 3.33 55.41 -14.72
N ASP B 327 2.32 56.28 -14.66
CA ASP B 327 2.45 57.64 -14.16
C ASP B 327 2.00 57.76 -12.70
N ILE B 328 2.08 56.67 -11.94
CA ILE B 328 1.92 56.73 -10.49
C ILE B 328 3.27 56.41 -9.84
N TRP B 329 4.04 55.54 -10.51
CA TRP B 329 5.40 55.23 -10.15
C TRP B 329 6.35 56.29 -10.73
N ARG C 12 7.30 69.25 14.52
CA ARG C 12 7.73 70.68 14.50
C ARG C 12 7.30 71.32 13.18
N LEU C 13 8.06 72.33 12.72
CA LEU C 13 7.81 73.03 11.46
C LEU C 13 8.11 72.07 10.31
N LYS C 14 9.09 71.17 10.51
CA LYS C 14 9.39 70.13 9.54
C LYS C 14 8.13 69.31 9.27
N GLU C 15 7.42 68.99 10.35
CA GLU C 15 6.19 68.19 10.30
C GLU C 15 5.10 68.95 9.54
N HIS C 16 5.03 70.27 9.74
CA HIS C 16 4.13 71.13 8.98
C HIS C 16 4.42 71.01 7.48
N GLU C 17 5.67 71.32 7.10
CA GLU C 17 6.10 71.35 5.70
C GLU C 17 5.83 70.01 5.03
N HIS C 18 6.20 68.91 5.71
CA HIS C 18 6.07 67.57 5.15
C HIS C 18 4.60 67.18 5.02
N GLU C 19 3.78 67.59 6.00
CA GLU C 19 2.36 67.30 6.05
C GLU C 19 1.60 68.04 4.94
N GLN C 20 2.05 69.25 4.60
CA GLN C 20 1.42 69.94 3.49
C GLN C 20 1.76 69.19 2.21
N LYS C 21 3.04 68.82 2.06
CA LYS C 21 3.51 68.09 0.90
C LYS C 21 2.67 66.82 0.71
N LEU C 22 2.74 65.91 1.69
CA LEU C 22 2.02 64.64 1.59
C LEU C 22 0.62 64.88 1.05
N LEU C 23 0.01 66.00 1.46
CA LEU C 23 -1.34 66.36 1.02
C LEU C 23 -1.32 66.94 -0.39
N ALA C 24 -0.21 67.59 -0.78
CA ALA C 24 -0.04 68.13 -2.12
C ALA C 24 0.19 67.00 -3.12
N ARG C 25 1.01 66.01 -2.74
CA ARG C 25 1.24 64.80 -3.53
C ARG C 25 -0.07 64.05 -3.71
N GLU C 26 -0.88 64.02 -2.64
CA GLU C 26 -2.15 63.31 -2.58
C GLU C 26 -3.12 63.86 -3.64
N GLN C 27 -3.21 65.19 -3.74
CA GLN C 27 -4.09 65.84 -4.71
C GLN C 27 -3.50 65.73 -6.11
N GLU C 28 -2.17 65.75 -6.20
CA GLU C 28 -1.43 65.56 -7.45
C GLU C 28 -1.78 64.20 -8.06
N LEU C 29 -2.01 63.19 -7.19
CA LEU C 29 -2.41 61.86 -7.64
C LEU C 29 -3.85 61.87 -8.13
N ARG C 30 -4.73 62.62 -7.44
CA ARG C 30 -6.14 62.77 -7.81
C ARG C 30 -6.25 63.32 -9.23
N ASP C 31 -5.30 64.20 -9.60
CA ASP C 31 -5.21 64.78 -10.93
C ASP C 31 -4.98 63.69 -11.97
N ILE C 32 -3.95 62.86 -11.75
CA ILE C 32 -3.59 61.76 -12.65
C ILE C 32 -4.81 60.88 -12.90
N VAL C 33 -5.46 60.45 -11.80
CA VAL C 33 -6.67 59.65 -11.86
C VAL C 33 -7.66 60.34 -12.80
N ALA C 34 -8.02 61.59 -12.48
CA ALA C 34 -9.05 62.35 -13.17
C ALA C 34 -8.75 62.49 -14.68
N ASN C 35 -7.48 62.66 -15.03
CA ASN C 35 -7.05 62.83 -16.41
C ASN C 35 -7.23 61.54 -17.20
N THR C 36 -6.75 60.42 -16.62
CA THR C 36 -6.90 59.09 -17.20
C THR C 36 -8.39 58.81 -17.41
N ASN C 37 -9.17 59.09 -16.37
CA ASN C 37 -10.62 58.89 -16.33
C ASN C 37 -11.30 59.69 -17.43
N ASP C 38 -10.79 60.90 -17.69
CA ASP C 38 -11.31 61.79 -18.71
C ASP C 38 -10.99 61.24 -20.10
N LYS C 39 -9.84 60.57 -20.23
CA LYS C 39 -9.24 60.25 -21.51
C LYS C 39 -9.89 59.03 -22.18
N LEU C 40 -10.62 58.21 -21.40
CA LEU C 40 -11.14 56.92 -21.86
C LEU C 40 -12.24 57.08 -22.91
N ILE C 41 -12.58 55.96 -23.57
CA ILE C 41 -13.51 55.92 -24.70
C ILE C 41 -14.56 54.82 -24.50
N ASP C 42 -15.81 55.14 -24.86
CA ASP C 42 -16.95 54.23 -24.82
C ASP C 42 -17.30 53.78 -26.25
N ILE C 43 -18.08 52.69 -26.37
CA ILE C 43 -18.55 52.19 -27.66
C ILE C 43 -19.68 53.08 -28.21
N SER C 44 -20.35 53.82 -27.33
CA SER C 44 -21.40 54.76 -27.70
C SER C 44 -20.78 55.94 -28.45
N MET C 45 -19.73 56.51 -27.86
CA MET C 45 -18.96 57.60 -28.44
C MET C 45 -18.57 57.23 -29.87
N ILE C 46 -18.20 55.96 -30.09
CA ILE C 46 -17.83 55.43 -31.39
C ILE C 46 -19.00 55.54 -32.37
N ASN C 47 -20.20 55.14 -31.93
CA ASN C 47 -21.38 55.04 -32.78
C ASN C 47 -21.87 56.40 -33.28
N ASN C 48 -21.85 57.41 -32.40
CA ASN C 48 -22.48 58.69 -32.68
C ASN C 48 -21.46 59.75 -33.09
N SER C 49 -20.16 59.51 -32.79
CA SER C 49 -19.11 60.50 -32.97
C SER C 49 -19.14 61.09 -34.38
N GLY C 50 -19.09 62.43 -34.42
CA GLY C 50 -19.08 63.16 -35.68
C GLY C 50 -17.66 63.54 -36.11
N ILE C 51 -16.67 62.72 -35.71
CA ILE C 51 -15.28 62.91 -36.10
C ILE C 51 -15.14 62.74 -37.60
N VAL C 52 -15.82 61.71 -38.13
CA VAL C 52 -15.79 61.39 -39.54
C VAL C 52 -17.01 62.02 -40.20
N ILE C 53 -16.76 63.00 -41.09
CA ILE C 53 -17.82 63.65 -41.84
C ILE C 53 -17.40 63.79 -43.30
N GLN C 54 -18.41 63.80 -44.20
CA GLN C 54 -18.21 64.00 -45.63
C GLN C 54 -17.51 65.33 -45.86
N GLY C 55 -16.52 65.34 -46.76
CA GLY C 55 -15.74 66.53 -47.04
C GLY C 55 -15.41 66.69 -48.53
N THR C 56 -15.29 67.95 -48.96
CA THR C 56 -14.75 68.31 -50.26
C THR C 56 -13.65 69.35 -50.04
N ASP C 57 -12.84 69.58 -51.07
CA ASP C 57 -11.78 70.58 -51.01
C ASP C 57 -12.36 72.00 -51.05
N LEU C 58 -13.50 72.16 -51.75
CA LEU C 58 -14.22 73.43 -51.83
C LEU C 58 -14.57 73.90 -50.42
N GLN C 59 -15.15 72.98 -49.63
CA GLN C 59 -15.62 73.24 -48.28
C GLN C 59 -14.48 73.71 -47.38
N GLU C 60 -13.36 73.00 -47.40
CA GLU C 60 -12.25 73.25 -46.50
C GLU C 60 -11.55 74.58 -46.80
N ALA C 61 -11.55 74.99 -48.07
CA ALA C 61 -10.98 76.26 -48.49
C ALA C 61 -11.94 77.40 -48.14
N LEU C 62 -13.23 77.08 -48.07
CA LEU C 62 -14.27 78.05 -47.77
C LEU C 62 -14.31 78.33 -46.27
N ASP C 63 -13.78 77.39 -45.48
CA ASP C 63 -13.75 77.47 -44.03
C ASP C 63 -12.35 77.87 -43.56
N LYS C 64 -11.42 77.96 -44.52
CA LYS C 64 -10.14 78.63 -44.35
C LYS C 64 -10.44 80.12 -44.14
N ARG C 65 -11.49 80.59 -44.81
CA ARG C 65 -12.16 81.87 -44.57
C ARG C 65 -11.17 83.03 -44.70
N ASN C 84 -20.58 87.01 -59.38
CA ASN C 84 -20.28 88.06 -58.37
C ASN C 84 -18.77 88.33 -58.31
N THR C 85 -17.98 87.29 -58.05
CA THR C 85 -16.53 87.39 -57.93
C THR C 85 -15.88 87.48 -59.31
N PHE C 86 -16.37 86.69 -60.27
CA PHE C 86 -15.70 86.56 -61.56
C PHE C 86 -16.52 87.14 -62.71
N THR C 87 -15.79 87.81 -63.63
CA THR C 87 -16.36 88.45 -64.81
C THR C 87 -15.88 87.76 -66.08
N LEU C 88 -16.84 87.43 -66.98
CA LEU C 88 -16.60 86.64 -68.18
C LEU C 88 -16.20 87.53 -69.35
N LEU C 89 -15.31 87.01 -70.20
CA LEU C 89 -14.94 87.67 -71.46
C LEU C 89 -15.09 86.69 -72.63
N THR C 90 -15.81 87.13 -73.67
CA THR C 90 -16.08 86.31 -74.84
C THR C 90 -15.17 86.71 -76.01
N SER C 91 -14.56 87.89 -75.90
CA SER C 91 -13.66 88.41 -76.93
C SER C 91 -12.61 87.36 -77.27
N PRO C 92 -12.26 87.21 -78.57
CA PRO C 92 -11.23 86.24 -78.97
C PRO C 92 -9.86 86.67 -78.43
N ASP C 93 -9.65 87.99 -78.38
CA ASP C 93 -8.42 88.62 -77.94
C ASP C 93 -8.17 88.41 -76.44
N SER C 94 -9.15 87.83 -75.74
CA SER C 94 -9.11 87.68 -74.29
C SER C 94 -8.04 86.70 -73.81
N ALA C 95 -7.79 85.64 -74.59
CA ALA C 95 -6.95 84.53 -74.16
C ALA C 95 -5.47 84.86 -74.30
N LYS C 96 -4.69 84.49 -73.27
CA LYS C 96 -3.24 84.65 -73.28
C LYS C 96 -2.57 83.30 -73.59
N ILE C 97 -3.24 82.20 -73.24
CA ILE C 97 -2.88 80.88 -73.74
C ILE C 97 -3.97 80.42 -74.70
N SER C 98 -3.54 79.91 -75.86
CA SER C 98 -4.46 79.48 -76.90
C SER C 98 -5.23 78.24 -76.46
N LYS C 99 -6.37 78.02 -77.11
CA LYS C 99 -7.23 76.89 -76.85
C LYS C 99 -6.44 75.59 -77.01
N GLU C 100 -5.53 75.56 -77.99
CA GLU C 100 -4.70 74.40 -78.27
C GLU C 100 -3.66 74.18 -77.17
N GLN C 101 -3.18 75.27 -76.55
CA GLN C 101 -2.21 75.18 -75.46
C GLN C 101 -2.87 74.58 -74.22
N LEU C 102 -4.10 75.03 -73.94
CA LEU C 102 -4.93 74.54 -72.83
C LEU C 102 -5.19 73.03 -72.99
N LYS C 103 -5.63 72.64 -74.19
CA LYS C 103 -5.97 71.26 -74.53
C LYS C 103 -4.80 70.34 -74.25
N LYS C 104 -3.59 70.77 -74.65
CA LYS C 104 -2.39 69.97 -74.51
C LYS C 104 -2.01 69.84 -73.03
N LEU C 105 -2.14 70.93 -72.27
CA LEU C 105 -1.80 70.92 -70.85
C LEU C 105 -2.76 70.02 -70.09
N HIS C 106 -4.05 70.09 -70.44
CA HIS C 106 -5.09 69.28 -69.81
C HIS C 106 -4.79 67.80 -70.02
N SER C 107 -4.71 67.37 -71.28
CA SER C 107 -4.43 65.99 -71.65
C SER C 107 -3.13 65.51 -71.02
N ASN C 108 -2.15 66.41 -70.92
CA ASN C 108 -0.84 66.10 -70.39
C ASN C 108 -0.93 65.80 -68.88
N ILE C 109 -1.50 66.74 -68.12
CA ILE C 109 -1.60 66.62 -66.67
C ILE C 109 -2.36 65.34 -66.31
N LEU C 110 -3.56 65.19 -66.86
CA LEU C 110 -4.49 64.15 -66.45
C LEU C 110 -3.94 62.76 -66.80
N ASN C 111 -3.33 62.63 -67.98
CA ASN C 111 -2.77 61.34 -68.40
C ASN C 111 -1.58 60.96 -67.53
N GLU C 112 -0.80 61.96 -67.12
CA GLU C 112 0.32 61.73 -66.22
C GLU C 112 -0.22 61.19 -64.89
N ILE C 113 -1.33 61.77 -64.43
CA ILE C 113 -2.00 61.36 -63.20
C ILE C 113 -2.48 59.92 -63.32
N PHE C 114 -3.25 59.59 -64.37
CA PHE C 114 -3.84 58.28 -64.54
C PHE C 114 -2.78 57.20 -64.68
N SER C 115 -1.76 57.47 -65.50
CA SER C 115 -0.64 56.54 -65.69
C SER C 115 0.08 56.32 -64.38
N GLN C 116 0.24 57.40 -63.59
CA GLN C 116 0.92 57.35 -62.31
C GLN C 116 0.03 56.70 -61.26
N SER C 117 -1.24 56.41 -61.61
CA SER C 117 -2.23 55.92 -60.66
C SER C 117 -2.40 54.40 -60.71
N GLN C 118 -1.78 53.73 -61.70
CA GLN C 118 -1.88 52.29 -61.89
C GLN C 118 -0.89 51.56 -60.98
N VAL C 119 -1.35 50.47 -60.34
CA VAL C 119 -0.61 49.78 -59.29
C VAL C 119 -0.90 48.28 -59.35
N ASN C 120 0.14 47.45 -59.26
CA ASN C 120 0.03 46.02 -59.55
C ASN C 120 0.07 45.17 -58.29
N LYS C 121 -0.76 44.11 -58.28
CA LYS C 121 -0.71 43.04 -57.29
C LYS C 121 0.60 42.28 -57.42
N PRO C 122 1.31 42.00 -56.29
CA PRO C 122 2.51 41.16 -56.29
C PRO C 122 2.25 39.72 -56.72
N GLY C 123 1.04 39.23 -56.44
CA GLY C 123 0.60 37.90 -56.85
C GLY C 123 -0.92 37.75 -56.69
N PRO C 124 -1.47 36.56 -56.96
CA PRO C 124 -2.90 36.29 -56.77
C PRO C 124 -3.32 36.46 -55.31
N LEU C 125 -4.39 37.24 -55.09
CA LEU C 125 -4.80 37.63 -53.74
C LEU C 125 -5.57 36.51 -53.05
N THR C 126 -6.02 35.51 -53.83
CA THR C 126 -6.62 34.31 -53.27
C THR C 126 -5.79 33.10 -53.68
N VAL C 127 -5.76 32.09 -52.80
CA VAL C 127 -4.96 30.85 -53.06
C VAL C 127 -5.89 29.63 -53.05
N PRO C 128 -5.52 28.51 -53.71
CA PRO C 128 -6.35 27.31 -53.74
C PRO C 128 -6.38 26.57 -52.39
N PHE C 129 -7.37 25.70 -52.20
CA PHE C 129 -7.52 24.94 -50.97
C PHE C 129 -8.39 25.70 -49.96
N ASP D 8 3.05 83.86 -69.65
CA ASP D 8 3.61 83.30 -68.39
C ASP D 8 2.47 82.90 -67.46
N ILE D 9 2.52 81.65 -66.98
CA ILE D 9 1.48 81.06 -66.15
C ILE D 9 1.82 81.28 -64.68
N LYS D 10 0.81 81.66 -63.88
CA LYS D 10 1.02 82.01 -62.48
C LYS D 10 0.51 80.92 -61.54
N GLY D 11 -0.15 79.89 -62.09
CA GLY D 11 -0.66 78.78 -61.31
C GLY D 11 -1.78 78.01 -62.02
N THR D 12 -2.11 76.83 -61.51
CA THR D 12 -3.20 76.02 -62.04
C THR D 12 -4.01 75.40 -60.91
N ILE D 13 -5.33 75.30 -61.13
CA ILE D 13 -6.20 74.38 -60.41
C ILE D 13 -6.85 73.47 -61.44
N ALA D 14 -6.89 72.16 -61.13
CA ALA D 14 -7.63 71.22 -61.96
C ALA D 14 -8.53 70.40 -61.05
N PHE D 15 -9.84 70.49 -61.27
CA PHE D 15 -10.82 69.93 -60.36
C PHE D 15 -11.89 69.15 -61.12
N ASP D 16 -12.51 68.20 -60.42
CA ASP D 16 -13.68 67.48 -60.91
C ASP D 16 -14.93 68.31 -60.63
N THR D 17 -16.10 67.69 -60.85
CA THR D 17 -17.38 68.40 -60.79
C THR D 17 -18.12 68.12 -59.47
N HIS D 18 -17.42 67.53 -58.50
CA HIS D 18 -18.00 67.27 -57.19
C HIS D 18 -17.64 68.39 -56.23
N GLY D 19 -16.57 69.14 -56.55
CA GLY D 19 -16.19 70.30 -55.77
C GLY D 19 -14.70 70.29 -55.41
N ASN D 20 -14.19 69.10 -55.09
CA ASN D 20 -12.81 68.90 -54.68
C ASN D 20 -11.86 68.94 -55.89
N VAL D 21 -10.55 68.92 -55.59
CA VAL D 21 -9.51 69.24 -56.56
C VAL D 21 -8.66 68.01 -56.88
N ILE D 22 -8.19 67.95 -58.14
CA ILE D 22 -7.34 66.90 -58.65
C ILE D 22 -5.88 67.30 -58.53
N GLU D 23 -5.57 68.58 -58.80
CA GLU D 23 -4.23 69.12 -58.64
C GLU D 23 -4.27 70.66 -58.56
N SER D 24 -3.27 71.22 -57.88
CA SER D 24 -3.14 72.67 -57.73
C SER D 24 -1.68 73.08 -57.61
N THR D 25 -1.24 73.96 -58.53
CA THR D 25 0.09 74.55 -58.49
C THR D 25 0.00 76.07 -58.50
N GLY D 26 1.07 76.72 -58.00
CA GLY D 26 1.13 78.16 -57.92
C GLY D 26 -0.01 78.73 -57.07
N VAL D 27 -0.63 79.81 -57.55
CA VAL D 27 -1.73 80.49 -56.86
C VAL D 27 -2.89 79.53 -56.66
N GLY D 28 -2.95 78.50 -57.51
CA GLY D 28 -3.96 77.46 -57.45
C GLY D 28 -4.19 76.95 -56.03
N SER D 29 -3.12 76.42 -55.41
CA SER D 29 -3.16 75.81 -54.09
C SER D 29 -3.64 76.79 -53.02
N GLN D 30 -3.50 78.09 -53.29
CA GLN D 30 -3.84 79.13 -52.33
C GLN D 30 -5.31 79.52 -52.48
N ARG D 31 -5.72 79.80 -53.72
CA ARG D 31 -7.04 80.33 -54.04
C ARG D 31 -7.97 79.21 -54.50
N ILE D 32 -8.12 78.16 -53.67
CA ILE D 32 -8.95 77.02 -54.01
C ILE D 32 -10.43 77.42 -54.04
N GLU D 33 -10.79 78.43 -53.22
CA GLU D 33 -12.15 78.95 -53.10
C GLU D 33 -12.78 79.26 -54.46
N ASP D 34 -11.93 79.58 -55.46
CA ASP D 34 -12.33 80.01 -56.79
C ASP D 34 -13.21 78.97 -57.48
N ILE D 35 -12.92 77.68 -57.25
CA ILE D 35 -13.65 76.56 -57.85
C ILE D 35 -15.15 76.75 -57.66
N GLY D 36 -15.53 77.37 -56.53
CA GLY D 36 -16.90 77.75 -56.27
C GLY D 36 -17.51 78.49 -57.46
N ASP D 37 -17.04 79.72 -57.70
CA ASP D 37 -17.53 80.59 -58.76
C ASP D 37 -17.14 80.07 -60.13
N LEU D 38 -15.92 79.49 -60.24
CA LEU D 38 -15.36 79.04 -61.51
C LEU D 38 -16.21 77.93 -62.14
N SER D 39 -16.58 76.93 -61.35
CA SER D 39 -17.34 75.77 -61.82
C SER D 39 -18.71 76.19 -62.36
N LYS D 40 -19.13 77.42 -62.05
CA LYS D 40 -20.44 77.93 -62.44
C LYS D 40 -20.40 78.72 -63.75
N VAL D 41 -19.19 79.11 -64.18
CA VAL D 41 -18.99 79.94 -65.37
C VAL D 41 -19.66 79.30 -66.59
N THR D 42 -20.31 80.15 -67.42
CA THR D 42 -20.87 79.70 -68.68
C THR D 42 -19.75 79.43 -69.67
N LEU D 43 -19.71 78.20 -70.18
CA LEU D 43 -18.70 77.79 -71.13
C LEU D 43 -19.31 77.76 -72.53
N ASP D 44 -18.46 77.95 -73.54
CA ASP D 44 -18.85 77.79 -74.93
C ASP D 44 -18.96 76.30 -75.26
N ALA D 45 -19.41 75.99 -76.48
CA ALA D 45 -19.65 74.62 -76.91
C ALA D 45 -18.36 73.80 -76.99
N GLU D 46 -17.20 74.49 -76.98
CA GLU D 46 -15.90 73.84 -77.02
C GLU D 46 -15.43 73.47 -75.61
N GLY D 47 -15.96 74.18 -74.59
CA GLY D 47 -15.67 73.88 -73.20
C GLY D 47 -14.60 74.81 -72.60
N PHE D 48 -14.46 76.01 -73.19
CA PHE D 48 -13.45 76.99 -72.79
C PHE D 48 -14.12 78.26 -72.28
N ALA D 49 -13.37 79.03 -71.47
CA ALA D 49 -13.79 80.34 -71.00
C ALA D 49 -12.59 81.13 -70.48
N GLN D 50 -12.66 82.46 -70.63
CA GLN D 50 -11.70 83.37 -70.04
C GLN D 50 -12.40 84.33 -69.10
N VAL D 51 -12.04 84.29 -67.82
CA VAL D 51 -12.63 85.16 -66.81
C VAL D 51 -11.51 85.87 -66.04
N GLN D 52 -11.78 87.11 -65.64
CA GLN D 52 -10.91 87.83 -64.72
C GLN D 52 -11.77 88.51 -63.65
N GLY D 53 -11.38 88.31 -62.39
CA GLY D 53 -12.17 88.81 -61.28
C GLY D 53 -11.30 89.40 -60.17
N ASP D 54 -10.05 88.94 -60.06
CA ASP D 54 -9.20 89.40 -58.98
C ASP D 54 -7.78 89.72 -59.46
N SER D 55 -7.64 90.82 -60.22
CA SER D 55 -6.36 91.35 -60.67
C SER D 55 -5.59 90.35 -61.54
N LEU D 56 -6.21 89.19 -61.82
CA LEU D 56 -5.61 88.20 -62.69
C LEU D 56 -6.69 87.50 -63.54
N LEU D 57 -6.25 86.81 -64.59
CA LEU D 57 -7.12 86.20 -65.59
C LEU D 57 -7.01 84.68 -65.53
N VAL D 58 -8.17 84.03 -65.35
CA VAL D 58 -8.32 82.58 -65.33
C VAL D 58 -8.76 82.11 -66.70
N HIS D 59 -8.20 80.97 -67.13
CA HIS D 59 -8.60 80.31 -68.35
C HIS D 59 -9.14 78.94 -68.00
N LEU D 60 -10.29 78.61 -68.59
CA LEU D 60 -10.96 77.36 -68.29
C LEU D 60 -10.98 76.46 -69.52
N TYR D 61 -10.84 75.16 -69.26
CA TYR D 61 -11.12 74.12 -70.23
C TYR D 61 -11.71 72.93 -69.49
N LYS D 62 -12.82 72.39 -70.02
CA LYS D 62 -13.50 71.29 -69.36
C LYS D 62 -13.64 70.11 -70.32
N ARG D 63 -12.86 69.05 -70.05
CA ARG D 63 -12.90 67.81 -70.82
C ARG D 63 -13.19 66.65 -69.87
N ASN D 64 -14.21 65.85 -70.22
CA ASN D 64 -14.60 64.63 -69.52
C ASN D 64 -14.90 64.93 -68.04
N ASP D 65 -15.67 66.00 -67.77
CA ASP D 65 -16.11 66.36 -66.42
C ASP D 65 -14.96 66.89 -65.57
N ILE D 66 -13.79 67.11 -66.18
CA ILE D 66 -12.63 67.63 -65.46
C ILE D 66 -12.20 68.96 -66.04
N THR D 67 -12.25 70.00 -65.19
CA THR D 67 -11.91 71.35 -65.60
C THR D 67 -10.47 71.66 -65.20
N LEU D 68 -9.68 72.11 -66.18
CA LEU D 68 -8.41 72.76 -65.88
C LEU D 68 -8.62 74.27 -65.90
N ALA D 69 -8.22 74.90 -64.79
CA ALA D 69 -8.11 76.34 -64.68
C ALA D 69 -6.63 76.70 -64.65
N VAL D 70 -6.24 77.69 -65.46
CA VAL D 70 -4.87 78.20 -65.44
C VAL D 70 -4.90 79.71 -65.25
N TYR D 71 -3.75 80.27 -64.83
CA TYR D 71 -3.70 81.64 -64.33
C TYR D 71 -2.65 82.49 -65.05
N THR D 72 -3.11 83.66 -65.55
CA THR D 72 -2.25 84.74 -66.00
C THR D 72 -2.60 86.01 -65.23
N SER D 73 -2.18 87.17 -65.74
CA SER D 73 -2.40 88.45 -65.06
C SER D 73 -3.15 89.43 -65.97
N ALA D 74 -3.55 90.57 -65.40
CA ALA D 74 -4.26 91.62 -66.13
C ALA D 74 -3.31 92.29 -67.13
N VAL E 2 -12.20 30.49 -51.57
CA VAL E 2 -10.70 30.43 -51.46
C VAL E 2 -10.26 31.21 -50.22
N MET E 3 -8.95 31.18 -49.95
CA MET E 3 -8.37 31.88 -48.80
C MET E 3 -7.38 32.94 -49.29
N LEU E 4 -7.17 34.00 -48.48
CA LEU E 4 -6.49 35.22 -48.93
C LEU E 4 -4.98 35.16 -48.70
N HIS E 5 -4.22 35.53 -49.74
CA HIS E 5 -2.77 35.60 -49.70
C HIS E 5 -2.32 36.91 -49.05
N SER E 6 -1.94 36.82 -47.77
CA SER E 6 -1.59 37.95 -46.92
C SER E 6 -0.44 38.78 -47.52
N LYS E 7 0.59 38.08 -48.01
CA LYS E 7 1.81 38.68 -48.53
C LYS E 7 1.51 39.60 -49.72
N ASN E 8 0.67 39.12 -50.65
CA ASN E 8 0.35 39.84 -51.87
C ASN E 8 -0.55 41.03 -51.55
N VAL E 9 -1.38 40.88 -50.51
CA VAL E 9 -2.31 41.93 -50.11
C VAL E 9 -1.53 43.07 -49.44
N LYS E 10 -0.60 42.72 -48.54
CA LYS E 10 0.31 43.70 -47.94
C LYS E 10 1.12 44.39 -49.04
N GLY E 11 1.46 43.63 -50.08
CA GLY E 11 2.20 44.12 -51.23
C GLY E 11 1.42 45.19 -52.00
N PHE E 12 0.23 44.82 -52.48
CA PHE E 12 -0.63 45.75 -53.21
C PHE E 12 -0.84 47.02 -52.37
N LEU E 13 -1.26 46.83 -51.12
CA LEU E 13 -1.57 47.93 -50.21
C LEU E 13 -0.35 48.83 -50.03
N GLU E 14 0.84 48.25 -50.02
CA GLU E 14 2.08 49.02 -49.84
C GLU E 14 2.43 49.75 -51.13
N ASN E 15 2.00 49.20 -52.28
CA ASN E 15 2.23 49.86 -53.55
C ASN E 15 1.32 51.09 -53.69
N THR E 16 0.14 51.04 -53.06
CA THR E 16 -0.82 52.13 -53.08
C THR E 16 -0.36 53.31 -52.23
N LEU E 17 0.70 53.11 -51.43
CA LEU E 17 1.23 54.17 -50.56
C LEU E 17 2.01 55.22 -51.36
N LYS E 18 2.51 54.83 -52.54
CA LYS E 18 3.31 55.66 -53.43
C LYS E 18 2.60 56.99 -53.73
N PRO E 19 3.31 58.14 -53.67
CA PRO E 19 2.73 59.44 -53.99
C PRO E 19 2.82 59.78 -55.48
N TYR E 20 2.51 61.04 -55.82
CA TYR E 20 2.62 61.50 -57.20
C TYR E 20 3.74 62.53 -57.32
N ASP E 21 4.53 62.40 -58.39
CA ASP E 21 5.59 63.34 -58.72
C ASP E 21 5.40 63.79 -60.17
N LEU E 22 4.33 64.58 -60.39
CA LEU E 22 4.01 65.17 -61.68
C LEU E 22 5.10 66.17 -62.05
N HIS E 23 5.46 66.21 -63.34
CA HIS E 23 6.18 67.35 -63.88
C HIS E 23 5.57 67.83 -65.20
N SER E 24 4.27 67.55 -65.39
CA SER E 24 3.44 68.32 -66.29
C SER E 24 3.30 69.73 -65.73
N VAL E 25 3.04 69.78 -64.42
CA VAL E 25 3.15 70.98 -63.59
C VAL E 25 3.98 70.65 -62.36
N ASP E 26 4.29 71.67 -61.55
CA ASP E 26 5.07 71.49 -60.33
C ASP E 26 4.23 70.88 -59.22
N PHE E 27 3.48 69.81 -59.53
CA PHE E 27 2.65 69.13 -58.55
C PHE E 27 3.38 67.90 -58.02
N LYS E 28 3.31 67.74 -56.68
CA LYS E 28 3.90 66.62 -55.98
C LYS E 28 3.16 66.43 -54.66
N THR E 29 2.84 65.18 -54.32
CA THR E 29 2.15 64.87 -53.08
C THR E 29 3.09 64.19 -52.09
N SER E 30 2.76 64.33 -50.80
CA SER E 30 3.27 63.46 -49.75
C SER E 30 2.78 62.04 -50.03
N SER E 31 3.51 61.05 -49.50
CA SER E 31 3.08 59.66 -49.58
C SER E 31 1.72 59.51 -48.91
N LEU E 32 0.96 58.50 -49.35
CA LEU E 32 -0.24 58.08 -48.63
C LEU E 32 0.21 57.66 -47.23
N GLN E 33 -0.51 58.13 -46.20
CA GLN E 33 -0.08 57.92 -44.82
C GLN E 33 -0.18 56.45 -44.45
N SER E 34 -1.35 55.85 -44.70
CA SER E 34 -1.62 54.44 -44.47
C SER E 34 -2.72 53.96 -45.41
N SER E 35 -2.90 52.64 -45.51
CA SER E 35 -3.87 52.04 -46.42
C SER E 35 -4.26 50.64 -45.94
N MET E 36 -5.58 50.41 -45.75
CA MET E 36 -6.07 49.12 -45.27
C MET E 36 -7.17 48.55 -46.16
N ILE E 37 -7.25 47.21 -46.18
CA ILE E 37 -8.45 46.49 -46.53
C ILE E 37 -9.08 45.97 -45.24
N ILE E 38 -10.32 46.39 -44.96
CA ILE E 38 -11.00 46.08 -43.72
C ILE E 38 -12.29 45.33 -44.01
N THR E 39 -12.90 44.72 -42.98
CA THR E 39 -14.18 44.04 -43.10
C THR E 39 -15.29 45.08 -43.26
N ALA E 40 -16.25 44.78 -44.15
CA ALA E 40 -17.39 45.65 -44.35
C ALA E 40 -18.45 45.44 -43.27
N THR E 41 -18.35 44.31 -42.56
CA THR E 41 -19.34 43.89 -41.58
C THR E 41 -19.03 44.48 -40.21
N ASN E 42 -17.74 44.52 -39.84
CA ASN E 42 -17.33 44.93 -38.51
C ASN E 42 -16.54 46.23 -38.55
N GLY E 43 -15.68 46.36 -39.56
CA GLY E 43 -14.69 47.43 -39.59
C GLY E 43 -13.43 47.02 -38.84
N GLY E 44 -13.08 45.74 -38.97
CA GLY E 44 -11.88 45.18 -38.39
C GLY E 44 -10.81 44.96 -39.46
N ILE E 45 -9.56 45.31 -39.13
CA ILE E 45 -8.45 45.26 -40.06
C ILE E 45 -8.22 43.82 -40.52
N LEU E 46 -8.08 43.66 -41.83
CA LEU E 46 -7.66 42.40 -42.44
C LEU E 46 -6.22 42.52 -42.98
N SER E 47 -5.82 43.72 -43.38
CA SER E 47 -4.47 43.98 -43.89
C SER E 47 -4.19 45.48 -43.97
N TYR E 48 -2.97 45.87 -43.57
CA TYR E 48 -2.58 47.27 -43.45
C TYR E 48 -1.17 47.52 -44.01
N ALA E 49 -0.92 48.76 -44.42
CA ALA E 49 0.41 49.25 -44.81
C ALA E 49 0.55 50.70 -44.38
N THR E 50 1.78 51.12 -44.05
CA THR E 50 2.00 52.45 -43.46
C THR E 50 3.28 53.10 -43.97
N SER E 51 3.21 54.42 -44.20
CA SER E 51 4.36 55.24 -44.58
C SER E 51 4.63 56.29 -43.50
N ASN E 64 -0.10 51.93 -29.11
CA ASN E 64 0.34 51.32 -30.39
C ASN E 64 -0.45 51.93 -31.55
N SER E 65 0.22 52.10 -32.69
CA SER E 65 -0.38 52.67 -33.89
C SER E 65 -1.30 51.67 -34.57
N VAL E 66 -0.93 50.38 -34.51
CA VAL E 66 -1.75 49.30 -35.06
C VAL E 66 -3.16 49.40 -34.50
N ASN E 67 -3.27 49.84 -33.24
CA ASN E 67 -4.56 50.03 -32.60
C ASN E 67 -5.22 51.28 -33.17
N ASN E 68 -4.52 52.41 -33.11
CA ASN E 68 -5.01 53.68 -33.63
C ASN E 68 -5.69 53.46 -34.99
N LEU E 69 -5.03 52.69 -35.87
CA LEU E 69 -5.56 52.35 -37.18
C LEU E 69 -6.81 51.49 -37.04
N LYS E 70 -6.70 50.35 -36.34
CA LYS E 70 -7.82 49.42 -36.17
C LYS E 70 -9.04 50.20 -35.67
N MET E 71 -8.79 51.19 -34.82
CA MET E 71 -9.80 52.06 -34.24
C MET E 71 -10.44 52.92 -35.33
N MET E 72 -9.61 53.71 -36.03
CA MET E 72 -10.03 54.60 -37.11
C MET E 72 -10.93 53.86 -38.09
N SER E 73 -10.49 52.65 -38.46
CA SER E 73 -11.21 51.71 -39.30
C SER E 73 -12.67 51.60 -38.87
N LEU E 74 -12.89 51.25 -37.59
CA LEU E 74 -14.20 51.07 -36.99
C LEU E 74 -15.05 52.34 -37.08
N LEU E 75 -14.41 53.51 -36.90
CA LEU E 75 -15.08 54.81 -36.99
C LEU E 75 -15.56 55.06 -38.42
N ILE E 76 -14.67 54.84 -39.38
CA ILE E 76 -14.92 55.13 -40.79
C ILE E 76 -16.00 54.19 -41.33
N LYS E 77 -15.87 52.89 -41.02
CA LYS E 77 -16.84 51.89 -41.42
C LYS E 77 -18.24 52.27 -40.93
N ASP E 78 -18.30 52.81 -39.70
CA ASP E 78 -19.54 53.25 -39.07
C ASP E 78 -20.22 54.33 -39.92
N LYS E 79 -19.48 55.39 -40.28
CA LYS E 79 -20.04 56.48 -41.09
C LYS E 79 -20.39 55.98 -42.49
N TRP E 80 -19.52 55.11 -43.03
CA TRP E 80 -19.75 54.54 -44.35
C TRP E 80 -21.10 53.82 -44.41
N SER E 81 -21.36 52.94 -43.44
CA SER E 81 -22.59 52.14 -43.42
C SER E 81 -23.81 53.02 -43.15
N GLU E 82 -23.59 54.09 -42.37
CA GLU E 82 -24.63 55.07 -42.06
C GLU E 82 -25.02 55.83 -43.32
N ASP E 83 -24.02 56.34 -44.05
CA ASP E 83 -24.22 56.98 -45.32
C ASP E 83 -24.86 55.99 -46.30
N GLU E 84 -24.15 54.87 -46.53
CA GLU E 84 -24.48 53.81 -47.46
C GLU E 84 -25.95 53.40 -47.34
N ASN E 85 -26.46 53.31 -46.11
CA ASN E 85 -27.84 52.93 -45.87
C ASN E 85 -28.65 54.15 -45.43
N ASP E 86 -29.20 54.87 -46.42
CA ASP E 86 -30.02 56.06 -46.22
C ASP E 86 -30.93 56.28 -47.43
N THR E 87 -31.89 57.21 -47.30
CA THR E 87 -32.86 57.51 -48.34
C THR E 87 -32.21 58.23 -49.54
N GLU E 88 -31.62 59.41 -49.28
CA GLU E 88 -30.99 60.21 -50.32
C GLU E 88 -29.95 61.14 -49.67
N SER E 92 -25.95 64.51 -51.46
CA SER E 92 -25.84 63.59 -52.62
C SER E 92 -24.48 63.77 -53.31
N ASN E 93 -23.48 64.29 -52.58
CA ASN E 93 -22.31 64.90 -53.21
C ASN E 93 -21.00 64.15 -52.97
N SER E 94 -20.53 64.07 -51.71
CA SER E 94 -19.21 63.53 -51.38
C SER E 94 -19.16 62.01 -51.53
N CYS E 95 -19.75 61.53 -52.63
CA CYS E 95 -19.91 60.11 -52.91
C CYS E 95 -19.91 59.93 -54.42
N TYR E 96 -18.83 59.32 -54.92
CA TYR E 96 -18.71 59.05 -56.34
C TYR E 96 -19.17 57.61 -56.60
N PRO E 97 -20.24 57.41 -57.39
CA PRO E 97 -20.51 56.09 -57.96
C PRO E 97 -19.46 55.80 -59.02
N VAL E 98 -19.07 54.52 -59.12
CA VAL E 98 -18.08 54.09 -60.09
C VAL E 98 -18.47 52.73 -60.66
N GLU E 99 -18.19 52.55 -61.95
CA GLU E 99 -18.39 51.30 -62.65
C GLU E 99 -17.04 50.73 -63.07
N ILE E 100 -16.82 49.44 -62.77
CA ILE E 100 -15.61 48.71 -63.14
C ILE E 100 -16.03 47.33 -63.66
N ASP E 101 -15.92 47.12 -64.98
CA ASP E 101 -16.18 45.84 -65.63
C ASP E 101 -17.61 45.34 -65.42
N SER E 102 -18.56 46.27 -65.27
CA SER E 102 -19.97 46.05 -64.98
C SER E 102 -20.23 45.73 -63.49
N PHE E 103 -19.15 45.59 -62.71
CA PHE E 103 -19.26 45.58 -61.25
C PHE E 103 -19.35 47.04 -60.79
N LYS E 104 -20.30 47.32 -59.89
CA LYS E 104 -20.53 48.69 -59.45
C LYS E 104 -20.21 48.88 -57.97
N THR E 105 -19.82 50.12 -57.60
CA THR E 105 -19.44 50.48 -56.25
C THR E 105 -19.56 51.99 -56.01
N LYS E 106 -19.34 52.41 -54.75
CA LYS E 106 -19.32 53.81 -54.35
C LYS E 106 -18.00 54.15 -53.65
N ILE E 107 -17.39 55.26 -54.08
CA ILE E 107 -16.24 55.85 -53.40
C ILE E 107 -16.74 57.04 -52.56
N TYR E 108 -16.41 57.03 -51.27
CA TYR E 108 -16.77 58.11 -50.36
C TYR E 108 -15.52 58.89 -49.96
N THR E 109 -15.69 60.20 -49.78
CA THR E 109 -14.60 61.10 -49.40
C THR E 109 -14.92 61.73 -48.05
N TYR E 110 -14.17 61.33 -47.01
CA TYR E 110 -14.42 61.86 -45.68
C TYR E 110 -13.24 62.67 -45.17
N GLU E 111 -13.57 63.59 -44.26
CA GLU E 111 -12.58 64.25 -43.43
C GLU E 111 -12.67 63.68 -42.02
N MET E 112 -11.50 63.36 -41.48
CA MET E 112 -11.39 62.85 -40.12
C MET E 112 -10.18 63.53 -39.49
N GLU E 113 -10.45 64.28 -38.42
CA GLU E 113 -9.46 65.11 -37.75
C GLU E 113 -8.82 66.06 -38.77
N ASP E 114 -7.52 65.85 -39.01
CA ASP E 114 -6.70 66.64 -39.92
C ASP E 114 -6.44 65.87 -41.21
N LEU E 115 -6.97 64.64 -41.29
CA LEU E 115 -6.66 63.73 -42.37
C LEU E 115 -7.69 63.83 -43.48
N HIS E 116 -7.24 63.49 -44.69
CA HIS E 116 -8.10 63.26 -45.84
C HIS E 116 -8.22 61.75 -46.04
N THR E 117 -9.42 61.22 -45.77
CA THR E 117 -9.67 59.80 -45.94
C THR E 117 -10.49 59.55 -47.19
N CYS E 118 -10.51 58.28 -47.63
CA CYS E 118 -11.17 57.90 -48.86
C CYS E 118 -11.47 56.40 -48.82
N VAL E 119 -12.75 56.05 -48.66
CA VAL E 119 -13.16 54.66 -48.52
C VAL E 119 -14.10 54.27 -49.65
N ALA E 120 -13.82 53.12 -50.25
CA ALA E 120 -14.67 52.52 -51.28
C ALA E 120 -14.79 51.03 -51.00
N GLN E 121 -16.01 50.50 -51.19
CA GLN E 121 -16.23 49.07 -51.05
C GLN E 121 -15.68 48.35 -52.27
N ILE E 122 -14.93 47.27 -52.03
CA ILE E 122 -14.61 46.32 -53.08
C ILE E 122 -15.91 45.64 -53.49
N PRO E 123 -16.34 45.78 -54.76
CA PRO E 123 -17.66 45.35 -55.22
C PRO E 123 -18.04 43.90 -54.90
N ASN E 124 -19.28 43.73 -54.39
CA ASN E 124 -19.93 42.46 -54.09
C ASN E 124 -19.32 41.76 -52.86
N SER E 125 -18.22 42.30 -52.34
CA SER E 125 -17.48 41.66 -51.26
C SER E 125 -17.92 42.20 -49.90
N ASP E 126 -17.31 41.63 -48.84
CA ASP E 126 -17.45 42.13 -47.48
C ASP E 126 -16.18 42.89 -47.12
N LEU E 127 -15.52 43.50 -48.12
CA LEU E 127 -14.25 44.16 -47.90
C LEU E 127 -14.28 45.60 -48.41
N LEU E 128 -13.87 46.54 -47.54
CA LEU E 128 -13.72 47.94 -47.89
C LEU E 128 -12.23 48.26 -48.05
N LEU E 129 -11.86 48.80 -49.21
CA LEU E 129 -10.55 49.42 -49.35
C LEU E 129 -10.64 50.85 -48.84
N LEU E 130 -9.76 51.19 -47.89
CA LEU E 130 -9.79 52.53 -47.32
C LEU E 130 -8.38 53.13 -47.27
N PHE E 131 -8.27 54.33 -47.85
CA PHE E 131 -7.02 55.08 -47.89
C PHE E 131 -7.07 56.19 -46.84
N ILE E 132 -5.91 56.45 -46.21
CA ILE E 132 -5.75 57.58 -45.30
C ILE E 132 -4.53 58.39 -45.73
N ALA E 133 -4.71 59.72 -45.83
CA ALA E 133 -3.63 60.59 -46.26
C ALA E 133 -3.58 61.88 -45.43
N GLU E 134 -2.58 62.71 -45.73
CA GLU E 134 -2.38 64.02 -45.12
C GLU E 134 -3.51 64.96 -45.54
N GLY E 135 -3.61 66.09 -44.82
CA GLY E 135 -4.49 67.19 -45.19
C GLY E 135 -4.11 67.79 -46.55
N SER E 136 -2.80 67.82 -46.83
CA SER E 136 -2.23 68.39 -48.04
C SER E 136 -2.66 67.64 -49.30
N PHE E 137 -3.05 66.36 -49.14
CA PHE E 137 -3.39 65.48 -50.25
C PHE E 137 -4.85 65.71 -50.67
N PRO E 138 -5.09 66.29 -51.87
CA PRO E 138 -6.45 66.64 -52.31
C PRO E 138 -7.36 65.44 -52.51
N TYR E 139 -8.68 65.65 -52.34
CA TYR E 139 -9.66 64.58 -52.38
C TYR E 139 -9.81 64.01 -53.78
N GLY E 140 -10.08 64.88 -54.75
CA GLY E 140 -10.34 64.48 -56.13
C GLY E 140 -9.23 63.58 -56.66
N LEU E 141 -8.02 63.82 -56.15
CA LEU E 141 -6.84 63.03 -56.50
C LEU E 141 -6.89 61.64 -55.87
N LEU E 142 -7.28 61.57 -54.58
CA LEU E 142 -7.39 60.31 -53.86
C LEU E 142 -8.47 59.43 -54.50
N VAL E 143 -9.55 60.07 -54.98
CA VAL E 143 -10.64 59.41 -55.68
C VAL E 143 -10.08 58.64 -56.87
N ILE E 144 -9.23 59.30 -57.66
CA ILE E 144 -8.58 58.66 -58.80
C ILE E 144 -7.70 57.53 -58.29
N LYS E 145 -6.83 57.86 -57.33
CA LYS E 145 -5.85 56.92 -56.76
C LYS E 145 -6.54 55.63 -56.34
N ILE E 146 -7.66 55.74 -55.62
CA ILE E 146 -8.36 54.58 -55.07
C ILE E 146 -9.10 53.81 -56.16
N GLU E 147 -9.69 54.54 -57.12
CA GLU E 147 -10.44 53.93 -58.21
C GLU E 147 -9.49 53.09 -59.06
N ARG E 148 -8.31 53.65 -59.36
CA ARG E 148 -7.32 53.05 -60.23
C ARG E 148 -6.68 51.84 -59.55
N ALA E 149 -6.50 51.93 -58.23
CA ALA E 149 -6.00 50.84 -57.41
C ALA E 149 -7.05 49.72 -57.36
N MET E 150 -8.31 50.14 -57.16
CA MET E 150 -9.46 49.24 -57.06
C MET E 150 -9.54 48.32 -58.28
N ARG E 151 -9.22 48.85 -59.46
CA ARG E 151 -9.33 48.16 -60.73
C ARG E 151 -8.38 46.96 -60.82
N GLU E 152 -7.44 46.86 -59.87
CA GLU E 152 -6.42 45.82 -59.86
C GLU E 152 -6.71 44.78 -58.78
N LEU E 153 -7.80 44.99 -58.02
CA LEU E 153 -8.21 44.08 -56.96
C LEU E 153 -9.25 43.09 -57.47
N THR E 154 -9.13 42.68 -58.75
CA THR E 154 -10.08 41.80 -59.41
C THR E 154 -10.23 40.46 -58.68
N ASP E 155 -9.14 40.00 -58.04
CA ASP E 155 -9.09 38.74 -57.33
C ASP E 155 -10.07 38.69 -56.15
N LEU E 156 -10.41 39.87 -55.61
CA LEU E 156 -11.16 39.97 -54.36
C LEU E 156 -12.65 40.23 -54.58
N PHE E 157 -13.05 40.57 -55.81
CA PHE E 157 -14.44 40.95 -56.12
C PHE E 157 -15.41 39.85 -55.70
N GLY E 158 -16.22 40.14 -54.68
CA GLY E 158 -17.28 39.25 -54.25
C GLY E 158 -16.89 38.38 -53.05
N TYR E 159 -15.72 38.66 -52.44
CA TYR E 159 -15.26 37.88 -51.29
C TYR E 159 -16.19 38.11 -50.10
N LYS E 160 -17.00 37.09 -49.79
CA LYS E 160 -17.84 37.15 -48.60
C LYS E 160 -17.06 36.52 -47.43
N LEU E 161 -17.13 37.16 -46.26
CA LEU E 161 -16.41 36.69 -45.07
C LEU E 161 -16.77 35.24 -44.81
N GLY E 162 -15.76 34.39 -44.57
CA GLY E 162 -15.93 32.97 -44.38
C GLY E 162 -17.12 32.62 -43.49
N ASN F 6 36.18 -35.49 9.09
CA ASN F 6 35.81 -34.08 8.76
C ASN F 6 35.59 -33.97 7.25
N ASN F 7 34.32 -33.84 6.84
CA ASN F 7 33.95 -33.64 5.45
C ASN F 7 33.40 -32.22 5.29
N ARG F 8 34.22 -31.29 4.80
CA ARG F 8 33.81 -29.89 4.70
C ARG F 8 32.76 -29.72 3.60
N LYS F 9 31.90 -28.69 3.74
CA LYS F 9 30.92 -28.31 2.74
C LYS F 9 30.81 -26.78 2.71
N LYS F 10 30.88 -26.19 1.51
CA LYS F 10 30.81 -24.74 1.33
C LYS F 10 29.38 -24.36 0.93
N LEU F 11 28.70 -23.60 1.80
CA LEU F 11 27.31 -23.23 1.60
C LEU F 11 27.23 -21.76 1.18
N LEU F 12 26.36 -21.45 0.21
CA LEU F 12 26.19 -20.08 -0.25
C LEU F 12 24.78 -19.57 0.03
N LEU F 13 24.62 -18.93 1.19
CA LEU F 13 23.43 -18.15 1.49
C LEU F 13 23.58 -16.79 0.81
N MET F 14 22.73 -16.55 -0.18
CA MET F 14 22.93 -15.44 -1.10
C MET F 14 21.59 -14.94 -1.61
N GLY F 15 21.40 -13.63 -1.54
CA GLY F 15 20.19 -12.97 -1.98
C GLY F 15 20.38 -11.46 -1.92
N ARG F 16 19.29 -10.72 -2.14
CA ARG F 16 19.34 -9.27 -2.09
C ARG F 16 18.95 -8.79 -0.68
N SER F 17 19.62 -7.73 -0.23
CA SER F 17 19.54 -7.23 1.14
C SER F 17 18.10 -7.06 1.62
N GLY F 18 17.71 -7.87 2.61
CA GLY F 18 16.39 -7.80 3.20
C GLY F 18 15.62 -9.12 3.11
N SER F 19 16.20 -10.11 2.42
CA SER F 19 15.60 -11.43 2.25
C SER F 19 15.47 -12.14 3.60
N GLY F 20 16.34 -11.76 4.55
CA GLY F 20 16.34 -12.34 5.88
C GLY F 20 17.25 -13.55 6.00
N LYS F 21 18.38 -13.50 5.26
CA LYS F 21 19.36 -14.56 5.29
C LYS F 21 19.97 -14.64 6.69
N SER F 22 20.57 -13.52 7.14
CA SER F 22 21.16 -13.43 8.47
C SER F 22 20.14 -13.84 9.52
N SER F 23 18.86 -13.62 9.20
CA SER F 23 17.74 -13.92 10.07
C SER F 23 17.51 -15.42 10.21
N MET F 24 17.57 -16.17 9.09
CA MET F 24 17.23 -17.58 9.14
C MET F 24 18.45 -18.44 9.44
N ARG F 25 19.65 -17.93 9.11
CA ARG F 25 20.89 -18.49 9.61
C ARG F 25 20.87 -18.45 11.12
N SER F 26 20.33 -17.34 11.67
CA SER F 26 20.21 -17.13 13.10
C SER F 26 19.27 -18.15 13.73
N ILE F 27 18.05 -18.28 13.19
CA ILE F 27 16.99 -19.06 13.80
C ILE F 27 17.39 -20.54 13.91
N ILE F 28 17.85 -21.13 12.80
CA ILE F 28 18.09 -22.56 12.74
C ILE F 28 19.43 -22.94 13.36
N PHE F 29 20.45 -22.07 13.20
CA PHE F 29 21.83 -22.46 13.49
C PHE F 29 22.42 -21.76 14.71
N SER F 30 21.75 -20.72 15.23
CA SER F 30 22.23 -20.02 16.41
C SER F 30 21.08 -19.72 17.38
N ASN F 31 19.99 -20.49 17.23
CA ASN F 31 18.91 -20.61 18.22
C ASN F 31 18.18 -19.29 18.46
N TYR F 32 18.32 -18.34 17.53
CA TYR F 32 17.68 -17.04 17.63
C TYR F 32 16.16 -17.21 17.63
N SER F 33 15.50 -16.51 18.55
CA SER F 33 14.05 -16.46 18.59
C SER F 33 13.56 -15.73 17.34
N ALA F 34 12.38 -16.14 16.85
CA ALA F 34 11.82 -15.61 15.61
C ALA F 34 11.79 -14.08 15.64
N PHE F 35 11.45 -13.52 16.81
CA PHE F 35 11.36 -12.09 17.01
C PHE F 35 12.74 -11.42 17.09
N ASP F 36 13.72 -12.10 17.71
CA ASP F 36 15.06 -11.57 17.94
C ASP F 36 15.71 -11.08 16.65
N THR F 37 15.30 -11.66 15.52
CA THR F 37 15.84 -11.35 14.21
C THR F 37 15.51 -9.94 13.74
N ARG F 38 14.47 -9.33 14.34
CA ARG F 38 14.05 -7.97 14.02
C ARG F 38 15.11 -6.97 14.44
N ARG F 39 15.93 -7.35 15.43
CA ARG F 39 17.06 -6.54 15.88
C ARG F 39 18.36 -7.24 15.48
N LEU F 40 18.53 -7.47 14.18
CA LEU F 40 19.70 -8.15 13.62
C LEU F 40 20.36 -7.21 12.62
N GLY F 41 21.63 -6.91 12.86
CA GLY F 41 22.39 -5.95 12.05
C GLY F 41 22.47 -6.38 10.59
N ALA F 42 22.44 -5.37 9.69
CA ALA F 42 22.66 -5.60 8.27
C ALA F 42 24.08 -6.12 8.07
N THR F 43 24.19 -7.21 7.29
CA THR F 43 25.42 -7.98 7.15
C THR F 43 26.43 -7.27 6.24
N ILE F 44 27.70 -7.29 6.67
CA ILE F 44 28.83 -6.72 5.94
C ILE F 44 29.52 -7.85 5.17
N ASP F 45 29.61 -7.68 3.84
CA ASP F 45 30.32 -8.57 2.94
C ASP F 45 29.91 -10.02 3.20
N VAL F 46 30.90 -10.86 3.55
CA VAL F 46 30.66 -12.28 3.80
C VAL F 46 30.80 -12.54 5.29
N GLU F 47 29.78 -13.19 5.86
CA GLU F 47 29.77 -13.56 7.26
C GLU F 47 29.86 -15.09 7.36
N HIS F 48 30.77 -15.57 8.23
CA HIS F 48 31.15 -16.98 8.26
C HIS F 48 30.67 -17.69 9.53
N SER F 49 29.89 -18.76 9.31
CA SER F 49 29.50 -19.70 10.35
C SER F 49 30.17 -21.05 10.07
N HIS F 50 30.79 -21.65 11.09
CA HIS F 50 31.57 -22.87 10.95
C HIS F 50 30.97 -24.00 11.78
N LEU F 51 29.71 -24.34 11.48
CA LEU F 51 28.95 -25.30 12.29
C LEU F 51 29.34 -26.73 11.93
N ARG F 52 29.39 -27.59 12.95
CA ARG F 52 29.60 -29.03 12.74
C ARG F 52 28.28 -29.76 12.93
N PHE F 53 27.89 -30.49 11.87
CA PHE F 53 26.62 -31.20 11.80
C PHE F 53 26.93 -32.70 11.74
N LEU F 54 26.51 -33.44 12.78
CA LEU F 54 26.60 -34.90 12.86
C LEU F 54 28.01 -35.43 13.09
N GLY F 55 28.99 -34.55 13.35
CA GLY F 55 30.35 -34.98 13.68
C GLY F 55 31.17 -35.38 12.44
N ASN F 56 30.57 -36.20 11.57
CA ASN F 56 31.22 -36.72 10.37
C ASN F 56 31.47 -35.62 9.34
N MET F 57 30.58 -34.62 9.28
CA MET F 57 30.74 -33.53 8.34
C MET F 57 30.74 -32.19 9.05
N THR F 58 31.33 -31.19 8.37
CA THR F 58 31.32 -29.80 8.82
C THR F 58 30.78 -28.92 7.69
N LEU F 59 29.87 -28.00 8.05
CA LEU F 59 29.33 -27.04 7.08
C LEU F 59 29.89 -25.64 7.38
N ASN F 60 30.16 -24.89 6.31
CA ASN F 60 30.57 -23.50 6.42
C ASN F 60 29.57 -22.62 5.68
N LEU F 61 28.65 -22.00 6.43
CA LEU F 61 27.70 -21.07 5.84
C LEU F 61 28.42 -19.77 5.50
N TRP F 62 28.18 -19.30 4.26
CA TRP F 62 28.69 -18.04 3.78
C TRP F 62 27.52 -17.09 3.56
N ASP F 63 27.09 -16.47 4.65
CA ASP F 63 26.04 -15.47 4.62
C ASP F 63 26.59 -14.21 3.98
N CYS F 64 26.21 -13.98 2.72
CA CYS F 64 26.74 -12.88 1.92
C CYS F 64 25.82 -11.68 2.03
N GLY F 65 26.37 -10.55 2.49
CA GLY F 65 25.66 -9.29 2.53
C GLY F 65 25.14 -8.91 1.14
N GLY F 66 23.83 -8.68 1.04
CA GLY F 66 23.15 -8.56 -0.24
C GLY F 66 22.95 -7.12 -0.70
N GLN F 67 23.65 -6.18 -0.05
CA GLN F 67 23.64 -4.79 -0.47
C GLN F 67 24.35 -4.68 -1.82
N ASP F 68 23.82 -3.83 -2.71
CA ASP F 68 24.20 -3.73 -4.11
C ASP F 68 25.72 -3.64 -4.27
N VAL F 69 26.36 -2.87 -3.40
CA VAL F 69 27.80 -2.66 -3.39
C VAL F 69 28.52 -4.00 -3.29
N PHE F 70 28.26 -4.72 -2.19
CA PHE F 70 28.91 -5.99 -1.90
C PHE F 70 28.54 -7.03 -2.95
N MET F 71 27.26 -7.02 -3.35
CA MET F 71 26.73 -7.95 -4.33
C MET F 71 27.58 -7.93 -5.61
N GLU F 72 27.87 -6.73 -6.12
CA GLU F 72 28.60 -6.58 -7.36
C GLU F 72 30.09 -6.88 -7.17
N ASN F 73 30.58 -6.72 -5.94
CA ASN F 73 31.98 -7.00 -5.61
C ASN F 73 32.27 -8.50 -5.67
N TYR F 74 31.27 -9.33 -5.33
CA TYR F 74 31.41 -10.78 -5.44
C TYR F 74 31.46 -11.18 -6.91
N PHE F 75 30.73 -10.41 -7.74
CA PHE F 75 30.53 -10.76 -9.13
C PHE F 75 31.75 -10.42 -9.99
N THR F 76 32.74 -9.72 -9.42
CA THR F 76 33.86 -9.22 -10.21
C THR F 76 35.21 -9.48 -9.53
N LYS F 77 35.55 -8.65 -8.53
CA LYS F 77 36.89 -8.62 -7.95
C LYS F 77 37.10 -9.81 -7.00
N GLN F 78 36.03 -10.58 -6.79
CA GLN F 78 36.04 -11.78 -5.97
C GLN F 78 35.43 -12.95 -6.72
N LYS F 79 35.33 -12.84 -8.06
CA LYS F 79 34.55 -13.75 -8.90
C LYS F 79 34.87 -15.23 -8.69
N ASP F 80 36.09 -15.57 -8.24
CA ASP F 80 36.44 -16.96 -7.98
C ASP F 80 36.31 -17.33 -6.49
N HIS F 81 36.69 -16.41 -5.61
CA HIS F 81 36.72 -16.64 -4.16
C HIS F 81 35.37 -17.14 -3.65
N ILE F 82 34.29 -16.53 -4.15
CA ILE F 82 32.94 -16.84 -3.71
C ILE F 82 32.46 -18.13 -4.35
N PHE F 83 32.96 -18.45 -5.56
CA PHE F 83 32.34 -19.45 -6.43
C PHE F 83 33.17 -20.71 -6.63
N GLN F 84 34.49 -20.67 -6.40
CA GLN F 84 35.33 -21.85 -6.51
C GLN F 84 35.12 -22.73 -5.28
N MET F 85 35.01 -24.05 -5.51
CA MET F 85 34.76 -25.08 -4.49
C MET F 85 33.48 -24.78 -3.71
N VAL F 86 32.34 -24.76 -4.43
CA VAL F 86 31.02 -24.51 -3.86
C VAL F 86 30.13 -25.73 -4.13
N GLN F 87 29.40 -26.16 -3.09
CA GLN F 87 28.55 -27.34 -3.18
C GLN F 87 27.08 -26.95 -3.31
N VAL F 88 26.69 -25.85 -2.64
CA VAL F 88 25.28 -25.51 -2.54
C VAL F 88 25.08 -24.02 -2.76
N LEU F 89 24.13 -23.66 -3.63
CA LEU F 89 23.58 -22.31 -3.68
C LEU F 89 22.22 -22.31 -3.00
N ILE F 90 22.09 -21.45 -1.98
CA ILE F 90 20.80 -21.14 -1.39
C ILE F 90 20.46 -19.69 -1.70
N HIS F 91 19.67 -19.49 -2.77
CA HIS F 91 19.33 -18.15 -3.19
C HIS F 91 17.94 -17.78 -2.69
N VAL F 92 17.88 -16.64 -1.97
CA VAL F 92 16.65 -16.19 -1.33
C VAL F 92 16.01 -15.07 -2.13
N PHE F 93 14.68 -15.14 -2.17
CA PHE F 93 13.85 -14.19 -2.88
C PHE F 93 12.75 -13.72 -1.92
N ASP F 94 12.89 -12.45 -1.51
CA ASP F 94 11.89 -11.73 -0.75
C ASP F 94 10.65 -11.55 -1.62
N VAL F 95 9.45 -11.73 -1.05
CA VAL F 95 8.21 -11.64 -1.80
C VAL F 95 7.84 -10.18 -2.08
N GLU F 96 7.97 -9.31 -1.06
CA GLU F 96 7.55 -7.92 -1.14
C GLU F 96 8.51 -7.09 -1.99
N SER F 97 9.39 -7.77 -2.73
CA SER F 97 10.46 -7.16 -3.51
C SER F 97 9.92 -6.10 -4.49
N THR F 98 10.57 -4.93 -4.46
CA THR F 98 10.37 -3.86 -5.43
C THR F 98 10.86 -4.35 -6.80
N GLU F 99 12.17 -4.65 -6.86
CA GLU F 99 12.82 -5.05 -8.10
C GLU F 99 12.89 -6.57 -8.19
N VAL F 100 11.72 -7.17 -8.52
CA VAL F 100 11.58 -8.61 -8.68
C VAL F 100 12.47 -9.06 -9.84
N LEU F 101 12.33 -8.38 -10.98
CA LEU F 101 13.00 -8.76 -12.21
C LEU F 101 14.52 -8.62 -12.06
N LYS F 102 14.95 -7.55 -11.36
CA LYS F 102 16.37 -7.35 -11.10
C LYS F 102 16.89 -8.46 -10.20
N ASP F 103 16.12 -8.81 -9.16
CA ASP F 103 16.48 -9.89 -8.23
C ASP F 103 16.82 -11.17 -9.02
N ILE F 104 15.94 -11.55 -9.95
CA ILE F 104 16.10 -12.74 -10.76
C ILE F 104 17.35 -12.61 -11.64
N GLU F 105 17.64 -11.39 -12.11
CA GLU F 105 18.82 -11.11 -12.92
C GLU F 105 20.10 -11.29 -12.10
N ILE F 106 20.11 -10.86 -10.83
CA ILE F 106 21.28 -11.02 -9.96
C ILE F 106 21.48 -12.49 -9.58
N PHE F 107 20.37 -13.24 -9.43
CA PHE F 107 20.41 -14.68 -9.23
C PHE F 107 21.11 -15.35 -10.41
N ALA F 108 20.75 -14.91 -11.62
CA ALA F 108 21.30 -15.41 -12.86
C ALA F 108 22.79 -15.08 -12.94
N LYS F 109 23.16 -13.89 -12.45
CA LYS F 109 24.55 -13.45 -12.43
C LYS F 109 25.36 -14.36 -11.52
N ALA F 110 24.75 -14.77 -10.40
CA ALA F 110 25.35 -15.72 -9.47
C ALA F 110 25.43 -17.11 -10.10
N LEU F 111 24.42 -17.46 -10.90
CA LEU F 111 24.37 -18.76 -11.57
C LEU F 111 25.46 -18.85 -12.64
N LYS F 112 25.64 -17.77 -13.43
CA LYS F 112 26.64 -17.71 -14.48
C LYS F 112 28.02 -17.96 -13.90
N GLN F 113 28.32 -17.30 -12.78
CA GLN F 113 29.57 -17.44 -12.07
C GLN F 113 29.70 -18.84 -11.48
N LEU F 114 28.56 -19.48 -11.20
CA LEU F 114 28.55 -20.82 -10.61
C LEU F 114 28.77 -21.89 -11.69
N ARG F 115 28.37 -21.62 -12.93
CA ARG F 115 28.63 -22.53 -14.04
C ARG F 115 30.12 -22.50 -14.41
N LYS F 116 30.73 -21.32 -14.22
CA LYS F 116 32.15 -21.12 -14.51
C LYS F 116 32.99 -21.87 -13.49
N TYR F 117 32.66 -21.75 -12.19
CA TYR F 117 33.59 -22.16 -11.15
C TYR F 117 33.24 -23.51 -10.52
N SER F 118 32.11 -23.59 -9.79
CA SER F 118 31.67 -24.85 -9.21
C SER F 118 30.33 -25.26 -9.80
N PRO F 119 30.34 -25.99 -10.95
CA PRO F 119 29.14 -26.27 -11.72
C PRO F 119 28.38 -27.54 -11.31
N ASP F 120 29.10 -28.47 -10.65
CA ASP F 120 28.48 -29.64 -10.06
C ASP F 120 28.09 -29.31 -8.62
N ALA F 121 27.35 -28.20 -8.49
CA ALA F 121 26.88 -27.69 -7.21
C ALA F 121 25.36 -27.74 -7.17
N LYS F 122 24.82 -28.08 -5.99
CA LYS F 122 23.38 -28.14 -5.74
C LYS F 122 22.80 -26.73 -5.71
N ILE F 123 21.50 -26.63 -6.00
CA ILE F 123 20.83 -25.36 -6.23
C ILE F 123 19.47 -25.34 -5.53
N PHE F 124 19.34 -24.45 -4.53
CA PHE F 124 18.12 -24.31 -3.77
C PHE F 124 17.63 -22.86 -3.80
N VAL F 125 16.34 -22.70 -4.07
CA VAL F 125 15.71 -21.39 -4.06
C VAL F 125 14.67 -21.34 -2.95
N LEU F 126 14.61 -20.19 -2.27
CA LEU F 126 13.63 -19.99 -1.22
C LEU F 126 12.80 -18.74 -1.52
N LEU F 127 11.49 -18.95 -1.68
CA LEU F 127 10.55 -17.85 -1.74
C LEU F 127 10.19 -17.49 -0.30
N HIS F 128 10.88 -16.48 0.23
CA HIS F 128 10.84 -16.18 1.65
C HIS F 128 9.63 -15.34 2.01
N LYS F 129 9.45 -15.12 3.33
CA LYS F 129 8.52 -14.17 3.93
C LYS F 129 7.08 -14.46 3.53
N MET F 130 6.69 -15.73 3.57
CA MET F 130 5.38 -16.19 3.12
C MET F 130 4.27 -15.77 4.09
N ASP F 131 4.66 -15.29 5.28
CA ASP F 131 3.73 -14.77 6.27
C ASP F 131 3.03 -13.52 5.75
N LEU F 132 3.72 -12.75 4.89
CA LEU F 132 3.26 -11.45 4.42
C LEU F 132 2.15 -11.59 3.37
N VAL F 133 2.18 -12.67 2.57
CA VAL F 133 1.18 -12.90 1.53
C VAL F 133 0.01 -13.70 2.13
N GLN F 134 -1.22 -13.25 1.83
CA GLN F 134 -2.44 -13.90 2.31
C GLN F 134 -2.55 -15.32 1.74
N LEU F 135 -3.23 -16.20 2.48
CA LEU F 135 -3.13 -17.65 2.35
C LEU F 135 -3.62 -18.20 1.01
N ASP F 136 -4.83 -17.82 0.58
CA ASP F 136 -5.46 -18.39 -0.61
C ASP F 136 -4.66 -18.11 -1.87
N LYS F 137 -3.75 -17.12 -1.80
CA LYS F 137 -2.92 -16.74 -2.93
C LYS F 137 -1.49 -17.26 -2.78
N ARG F 138 -1.13 -17.75 -1.57
CA ARG F 138 0.21 -18.20 -1.25
C ARG F 138 0.71 -19.27 -2.22
N GLU F 139 -0.14 -20.29 -2.45
CA GLU F 139 0.21 -21.46 -3.23
C GLU F 139 0.52 -21.08 -4.67
N GLU F 140 -0.43 -20.43 -5.33
CA GLU F 140 -0.35 -20.03 -6.72
C GLU F 140 0.88 -19.14 -6.94
N LEU F 141 1.14 -18.22 -6.00
CA LEU F 141 2.22 -17.25 -6.14
C LEU F 141 3.57 -17.97 -6.12
N PHE F 142 3.75 -18.90 -5.17
CA PHE F 142 4.96 -19.70 -5.11
C PHE F 142 5.13 -20.47 -6.43
N GLN F 143 4.01 -20.97 -6.95
CA GLN F 143 3.99 -21.80 -8.15
C GLN F 143 4.45 -21.00 -9.37
N ILE F 144 3.96 -19.77 -9.53
CA ILE F 144 4.27 -18.91 -10.66
C ILE F 144 5.73 -18.48 -10.62
N MET F 145 6.16 -17.96 -9.46
CA MET F 145 7.54 -17.59 -9.23
C MET F 145 8.45 -18.78 -9.52
N MET F 146 8.06 -19.96 -9.02
CA MET F 146 8.84 -21.19 -9.15
C MET F 146 8.95 -21.62 -10.61
N LYS F 147 7.89 -21.36 -11.41
CA LYS F 147 7.87 -21.69 -12.83
C LYS F 147 8.91 -20.87 -13.59
N ASN F 148 8.87 -19.55 -13.41
CA ASN F 148 9.80 -18.62 -14.05
C ASN F 148 11.23 -18.89 -13.58
N LEU F 149 11.38 -19.21 -12.28
CA LEU F 149 12.67 -19.47 -11.67
C LEU F 149 13.29 -20.75 -12.23
N SER F 150 12.46 -21.76 -12.51
CA SER F 150 12.93 -23.04 -13.03
C SER F 150 13.48 -22.87 -14.44
N GLU F 151 12.83 -22.01 -15.23
CA GLU F 151 13.22 -21.69 -16.60
C GLU F 151 14.55 -20.92 -16.59
N THR F 152 14.67 -19.99 -15.63
CA THR F 152 15.85 -19.13 -15.50
C THR F 152 17.07 -19.99 -15.14
N SER F 153 16.85 -20.99 -14.28
CA SER F 153 17.88 -21.94 -13.91
C SER F 153 18.19 -22.89 -15.06
N SER F 154 17.14 -23.28 -15.81
CA SER F 154 17.23 -24.26 -16.88
C SER F 154 18.22 -23.83 -17.96
N GLU F 155 18.17 -22.54 -18.31
CA GLU F 155 19.03 -21.92 -19.30
C GLU F 155 20.50 -22.04 -18.92
N PHE F 156 20.77 -22.24 -17.62
CA PHE F 156 22.14 -22.23 -17.14
C PHE F 156 22.68 -23.64 -16.87
N GLY F 157 21.84 -24.68 -17.04
CA GLY F 157 22.33 -26.04 -16.95
C GLY F 157 22.09 -26.70 -15.59
N PHE F 158 21.12 -26.17 -14.84
CA PHE F 158 20.71 -26.72 -13.57
C PHE F 158 19.24 -27.12 -13.67
N PRO F 159 18.91 -28.31 -14.21
CA PRO F 159 17.52 -28.73 -14.35
C PRO F 159 17.04 -29.30 -13.02
N ASN F 160 15.71 -29.48 -12.91
CA ASN F 160 15.12 -30.03 -11.69
C ASN F 160 15.57 -29.19 -10.50
N LEU F 161 15.16 -27.93 -10.48
CA LEU F 161 15.51 -27.02 -9.40
C LEU F 161 14.58 -27.27 -8.22
N ILE F 162 15.16 -27.27 -7.01
CA ILE F 162 14.40 -27.49 -5.79
C ILE F 162 13.99 -26.15 -5.17
N GLY F 163 12.69 -25.97 -4.97
CA GLY F 163 12.11 -24.72 -4.49
C GLY F 163 11.31 -24.87 -3.21
N PHE F 164 11.35 -23.83 -2.37
CA PHE F 164 10.69 -23.85 -1.08
C PHE F 164 10.01 -22.52 -0.75
N PRO F 165 8.73 -22.53 -0.33
CA PRO F 165 8.13 -21.37 0.34
C PRO F 165 8.56 -21.33 1.80
N THR F 166 9.07 -20.17 2.25
CA THR F 166 9.77 -20.12 3.52
C THR F 166 9.41 -18.84 4.30
N SER F 167 8.67 -19.01 5.40
CA SER F 167 8.46 -17.94 6.37
C SER F 167 9.22 -18.25 7.65
N ILE F 168 9.59 -17.20 8.38
CA ILE F 168 10.20 -17.34 9.70
C ILE F 168 9.19 -17.90 10.68
N TRP F 169 7.97 -17.36 10.65
CA TRP F 169 7.02 -17.47 11.75
C TRP F 169 6.29 -18.82 11.77
N ASP F 170 6.34 -19.59 10.68
CA ASP F 170 5.78 -20.93 10.66
C ASP F 170 6.90 -21.98 10.54
N GLU F 171 6.48 -23.25 10.55
CA GLU F 171 7.39 -24.40 10.47
C GLU F 171 7.97 -24.59 9.07
N SER F 172 7.54 -23.78 8.09
CA SER F 172 7.95 -23.92 6.70
C SER F 172 9.46 -23.78 6.53
N LEU F 173 10.11 -23.10 7.48
CA LEU F 173 11.54 -22.85 7.48
C LEU F 173 12.29 -24.16 7.69
N TYR F 174 11.91 -24.90 8.75
CA TYR F 174 12.63 -26.09 9.18
C TYR F 174 12.66 -27.18 8.12
N LYS F 175 11.62 -27.24 7.28
CA LYS F 175 11.58 -28.19 6.17
C LYS F 175 12.67 -27.85 5.15
N ALA F 176 12.66 -26.59 4.68
CA ALA F 176 13.58 -26.13 3.66
C ALA F 176 15.01 -26.54 4.02
N TRP F 177 15.41 -26.22 5.25
CA TRP F 177 16.77 -26.47 5.69
C TRP F 177 17.01 -27.94 6.06
N SER F 178 15.95 -28.65 6.48
CA SER F 178 16.07 -30.07 6.69
C SER F 178 16.64 -30.72 5.43
N GLN F 179 15.93 -30.52 4.31
CA GLN F 179 16.29 -31.09 3.02
C GLN F 179 17.63 -30.55 2.54
N ILE F 180 17.87 -29.24 2.70
CA ILE F 180 19.09 -28.59 2.24
C ILE F 180 20.31 -29.24 2.91
N VAL F 181 20.33 -29.27 4.24
CA VAL F 181 21.47 -29.80 4.97
C VAL F 181 21.52 -31.32 4.83
N CYS F 182 20.36 -31.94 4.54
CA CYS F 182 20.27 -33.37 4.33
C CYS F 182 20.97 -33.82 3.05
N SER F 183 20.88 -32.98 2.00
CA SER F 183 21.47 -33.26 0.70
C SER F 183 22.93 -33.70 0.84
N LEU F 184 23.61 -33.17 1.87
CA LEU F 184 25.06 -33.28 1.99
C LEU F 184 25.51 -34.55 2.71
N ILE F 185 24.61 -35.26 3.41
CA ILE F 185 24.97 -36.34 4.31
C ILE F 185 25.40 -37.61 3.55
N PRO F 186 26.61 -38.16 3.86
CA PRO F 186 27.09 -39.40 3.26
C PRO F 186 26.41 -40.70 3.71
N ASN F 187 26.19 -40.85 5.03
CA ASN F 187 25.75 -42.11 5.64
C ASN F 187 24.28 -42.42 5.38
N MET F 188 23.52 -41.42 4.89
CA MET F 188 22.05 -41.42 4.79
C MET F 188 21.44 -42.79 4.47
N SER F 189 22.01 -43.49 3.47
CA SER F 189 21.50 -44.77 2.99
C SER F 189 21.48 -45.82 4.12
N ASN F 190 22.55 -45.82 4.92
CA ASN F 190 22.75 -46.75 6.03
C ASN F 190 21.86 -46.36 7.20
N HIS F 191 21.73 -45.05 7.43
CA HIS F 191 20.89 -44.50 8.49
C HIS F 191 19.42 -44.88 8.28
N GLN F 192 18.98 -44.79 7.03
CA GLN F 192 17.61 -45.09 6.64
C GLN F 192 17.31 -46.56 6.90
N SER F 193 18.28 -47.43 6.56
CA SER F 193 18.12 -48.88 6.69
C SER F 193 18.36 -49.35 8.13
N ASN F 194 18.85 -48.44 8.99
CA ASN F 194 19.09 -48.76 10.39
C ASN F 194 17.87 -48.37 11.24
N LEU F 195 16.82 -47.87 10.56
CA LEU F 195 15.60 -47.46 11.25
C LEU F 195 14.52 -48.54 11.18
N LYS F 196 14.51 -49.34 10.11
CA LYS F 196 13.67 -50.52 10.05
C LYS F 196 14.20 -51.55 11.05
N LYS F 197 15.53 -51.55 11.23
CA LYS F 197 16.22 -52.33 12.24
C LYS F 197 15.92 -51.79 13.64
N PHE F 198 15.01 -50.83 13.71
CA PHE F 198 14.52 -50.27 14.97
C PHE F 198 12.99 -50.37 14.99
N LYS F 199 12.36 -49.86 13.93
CA LYS F 199 10.90 -49.86 13.76
C LYS F 199 10.34 -51.26 13.98
N GLU F 200 10.88 -52.25 13.27
CA GLU F 200 10.36 -53.62 13.27
C GLU F 200 10.50 -54.22 14.68
N ILE F 201 11.64 -53.94 15.33
CA ILE F 201 11.91 -54.38 16.69
C ILE F 201 10.88 -53.78 17.65
N MET F 202 10.47 -52.55 17.36
CA MET F 202 9.69 -51.73 18.28
C MET F 202 8.19 -51.98 18.13
N ASN F 203 7.78 -52.63 17.03
CA ASN F 203 6.39 -52.64 16.61
C ASN F 203 5.91 -51.19 16.57
N ALA F 204 6.55 -50.38 15.72
CA ALA F 204 6.34 -48.95 15.67
C ALA F 204 5.58 -48.56 14.39
N LEU F 205 4.91 -47.41 14.44
CA LEU F 205 4.20 -46.86 13.29
C LEU F 205 5.18 -46.05 12.44
N GLU F 206 6.12 -45.39 13.12
CA GLU F 206 7.11 -44.51 12.51
C GLU F 206 8.17 -44.17 13.56
N ILE F 207 9.40 -43.91 13.10
CA ILE F 207 10.46 -43.35 13.92
C ILE F 207 11.13 -42.24 13.10
N ILE F 208 11.47 -41.12 13.74
CA ILE F 208 12.13 -40.02 13.05
C ILE F 208 13.45 -39.69 13.74
N LEU F 209 14.49 -39.47 12.93
CA LEU F 209 15.76 -38.98 13.45
C LEU F 209 15.81 -37.46 13.34
N PHE F 210 16.61 -36.87 14.24
CA PHE F 210 16.84 -35.43 14.27
C PHE F 210 18.28 -35.14 14.68
N GLU F 211 18.86 -34.10 14.08
CA GLU F 211 20.12 -33.54 14.57
C GLU F 211 19.81 -32.80 15.87
N ARG F 212 20.46 -33.21 16.96
CA ARG F 212 20.09 -32.84 18.31
C ARG F 212 20.01 -31.32 18.50
N THR F 213 21.05 -30.61 18.03
CA THR F 213 21.21 -29.18 18.30
C THR F 213 20.23 -28.35 17.47
N THR F 214 20.31 -28.46 16.14
CA THR F 214 19.52 -27.63 15.24
C THR F 214 18.08 -28.13 15.16
N PHE F 215 17.92 -29.43 15.45
CA PHE F 215 16.65 -30.16 15.45
C PHE F 215 16.08 -30.35 14.04
N LEU F 216 16.93 -30.23 13.02
CA LEU F 216 16.53 -30.51 11.65
C LEU F 216 16.38 -32.02 11.46
N VAL F 217 15.41 -32.41 10.62
CA VAL F 217 15.10 -33.79 10.29
C VAL F 217 16.26 -34.40 9.52
N ILE F 218 16.67 -35.62 9.91
CA ILE F 218 17.66 -36.38 9.15
C ILE F 218 16.95 -37.36 8.21
N CYS F 219 16.15 -38.27 8.78
CA CYS F 219 15.32 -39.19 7.99
C CYS F 219 14.29 -39.91 8.87
N SER F 220 13.38 -40.65 8.23
CA SER F 220 12.35 -41.42 8.92
C SER F 220 12.26 -42.84 8.37
N SER F 221 11.11 -43.49 8.61
CA SER F 221 10.86 -44.88 8.24
C SER F 221 9.35 -45.09 8.08
N ASN F 222 8.77 -44.51 7.02
CA ASN F 222 7.34 -44.46 6.79
C ASN F 222 6.61 -44.04 8.07
N LEU F 240 -0.39 -39.46 9.36
CA LEU F 240 -0.81 -39.23 7.96
C LEU F 240 -0.77 -37.74 7.62
N ASP F 241 -0.09 -36.93 8.44
CA ASP F 241 0.13 -35.51 8.15
C ASP F 241 1.44 -35.35 7.40
N PRO F 242 1.44 -34.78 6.17
CA PRO F 242 2.68 -34.67 5.38
C PRO F 242 3.68 -33.62 5.88
N LYS F 243 3.20 -32.65 6.69
CA LYS F 243 4.04 -31.56 7.17
C LYS F 243 4.53 -31.87 8.58
N ARG F 244 4.47 -33.15 8.99
CA ARG F 244 4.75 -33.66 10.32
C ARG F 244 6.12 -33.23 10.85
N PHE F 245 7.13 -33.28 9.97
CA PHE F 245 8.52 -33.35 10.37
C PHE F 245 9.03 -31.96 10.75
N GLU F 246 8.76 -30.97 9.88
CA GLU F 246 9.05 -29.57 10.14
C GLU F 246 8.22 -29.08 11.31
N LYS F 247 7.02 -29.65 11.50
CA LYS F 247 6.14 -29.33 12.61
C LYS F 247 6.77 -29.79 13.92
N ILE F 248 7.15 -31.07 14.00
CA ILE F 248 7.80 -31.64 15.18
C ILE F 248 9.06 -30.84 15.48
N SER F 249 9.88 -30.63 14.43
CA SER F 249 11.12 -29.85 14.49
C SER F 249 10.89 -28.53 15.22
N ASN F 250 9.76 -27.88 14.90
CA ASN F 250 9.40 -26.58 15.44
C ASN F 250 9.00 -26.68 16.91
N ILE F 251 7.99 -27.51 17.22
CA ILE F 251 7.48 -27.68 18.57
C ILE F 251 8.64 -28.02 19.50
N MET F 252 9.54 -28.87 19.01
CA MET F 252 10.66 -29.37 19.79
C MET F 252 11.71 -28.30 20.01
N LYS F 253 11.98 -27.48 18.99
CA LYS F 253 12.92 -26.36 19.11
C LYS F 253 12.41 -25.37 20.14
N ASN F 254 11.09 -25.23 20.22
CA ASN F 254 10.41 -24.29 21.11
C ASN F 254 10.50 -24.78 22.55
N PHE F 255 10.11 -26.04 22.77
CA PHE F 255 10.14 -26.65 24.08
C PHE F 255 11.56 -26.71 24.63
N LYS F 256 12.50 -27.11 23.77
CA LYS F 256 13.92 -27.24 24.11
C LYS F 256 14.44 -25.93 24.72
N GLN F 257 13.91 -24.80 24.23
CA GLN F 257 14.33 -23.49 24.71
C GLN F 257 13.28 -22.91 25.67
N SER F 258 12.47 -23.80 26.25
CA SER F 258 11.52 -23.46 27.31
C SER F 258 11.90 -24.26 28.55
N CYS F 259 12.64 -25.35 28.32
CA CYS F 259 13.27 -26.14 29.37
C CYS F 259 14.39 -25.32 30.01
N THR F 260 14.88 -24.34 29.24
CA THR F 260 15.91 -23.40 29.67
C THR F 260 15.45 -22.62 30.89
N LYS F 261 14.12 -22.45 31.01
CA LYS F 261 13.50 -21.71 32.10
C LYS F 261 13.71 -22.44 33.43
N LEU F 262 13.98 -23.76 33.36
CA LEU F 262 14.26 -24.56 34.55
C LEU F 262 15.77 -24.79 34.72
N LYS F 263 16.58 -24.22 33.81
CA LYS F 263 18.04 -24.22 33.85
C LYS F 263 18.63 -25.62 33.74
N SER F 264 18.15 -26.39 32.75
CA SER F 264 18.74 -27.65 32.33
C SER F 264 18.30 -27.97 30.90
N GLY F 265 18.80 -29.08 30.36
CA GLY F 265 18.52 -29.47 28.99
C GLY F 265 17.60 -30.68 28.91
N PHE F 266 16.64 -30.61 27.98
CA PHE F 266 15.70 -31.69 27.69
C PHE F 266 16.45 -32.96 27.34
N LYS F 267 15.98 -34.09 27.89
CA LYS F 267 16.56 -35.40 27.60
C LYS F 267 15.53 -36.29 26.91
N THR F 268 14.44 -36.60 27.62
CA THR F 268 13.40 -37.50 27.12
C THR F 268 12.01 -36.92 27.39
N LEU F 269 11.05 -37.28 26.54
CA LEU F 269 9.66 -36.90 26.68
C LEU F 269 8.78 -38.08 26.26
N ILE F 270 7.76 -38.39 27.07
CA ILE F 270 6.84 -39.45 26.74
C ILE F 270 5.40 -38.95 26.82
N LEU F 271 4.71 -38.98 25.66
CA LEU F 271 3.33 -38.55 25.52
C LEU F 271 2.44 -39.79 25.48
N ASN F 272 1.52 -39.86 26.45
CA ASN F 272 0.66 -41.00 26.67
C ASN F 272 1.52 -42.21 27.04
N ASN F 273 1.42 -43.28 26.26
CA ASN F 273 2.34 -44.39 26.34
C ASN F 273 2.75 -44.74 24.91
N ASN F 274 2.50 -43.76 24.04
CA ASN F 274 2.43 -43.97 22.61
C ASN F 274 3.66 -43.31 21.98
N ILE F 275 3.77 -41.99 22.16
CA ILE F 275 4.82 -41.19 21.55
C ILE F 275 5.98 -41.04 22.53
N TYR F 276 7.19 -41.37 22.05
CA TYR F 276 8.42 -41.30 22.83
C TYR F 276 9.44 -40.44 22.08
N VAL F 277 10.02 -39.44 22.77
CA VAL F 277 11.05 -38.57 22.21
C VAL F 277 12.30 -38.62 23.08
N SER F 278 13.29 -39.43 22.67
CA SER F 278 14.50 -39.56 23.47
C SER F 278 15.73 -39.06 22.71
N GLU F 279 16.73 -38.60 23.46
CA GLU F 279 18.00 -38.19 22.89
C GLU F 279 18.92 -39.41 22.81
N LEU F 280 19.13 -39.90 21.58
CA LEU F 280 19.92 -41.10 21.34
C LEU F 280 21.39 -40.84 21.66
N SER F 281 21.99 -39.84 21.00
CA SER F 281 23.40 -39.55 21.16
C SER F 281 23.64 -38.06 21.29
N SER F 282 24.92 -37.67 21.33
CA SER F 282 25.36 -36.28 21.40
C SER F 282 25.01 -35.54 20.10
N ASN F 283 24.78 -36.30 19.02
CA ASN F 283 24.55 -35.72 17.72
C ASN F 283 23.19 -36.10 17.14
N MET F 284 22.37 -36.84 17.91
CA MET F 284 21.10 -37.34 17.37
C MET F 284 20.00 -37.45 18.44
N VAL F 285 18.74 -37.40 17.96
CA VAL F 285 17.52 -37.52 18.75
C VAL F 285 16.51 -38.31 17.93
N CYS F 286 15.77 -39.23 18.59
CA CYS F 286 14.74 -40.00 17.93
C CYS F 286 13.35 -39.57 18.39
N PHE F 287 12.37 -39.77 17.48
CA PHE F 287 10.96 -39.53 17.74
C PHE F 287 10.19 -40.79 17.38
N ILE F 288 9.84 -41.58 18.40
CA ILE F 288 9.22 -42.89 18.22
C ILE F 288 7.73 -42.82 18.50
N VAL F 289 6.91 -43.24 17.54
CA VAL F 289 5.50 -43.49 17.78
C VAL F 289 5.21 -44.98 17.70
N LEU F 290 4.78 -45.55 18.83
CA LEU F 290 4.47 -46.97 18.97
C LEU F 290 3.14 -47.28 18.30
N LYS F 291 2.86 -48.58 18.16
CA LYS F 291 1.62 -49.04 17.55
C LYS F 291 0.58 -49.35 18.64
N ASP F 292 1.06 -49.72 19.84
CA ASP F 292 0.20 -50.15 20.93
C ASP F 292 0.60 -49.43 22.22
N MET F 293 -0.41 -49.12 23.05
CA MET F 293 -0.21 -48.30 24.23
C MET F 293 0.38 -49.11 25.39
N ASN F 294 -0.12 -50.33 25.62
CA ASN F 294 0.03 -51.06 26.88
C ASN F 294 1.48 -51.33 27.31
N ILE F 295 2.43 -51.41 26.37
CA ILE F 295 3.78 -51.87 26.69
C ILE F 295 4.44 -50.95 27.71
N PRO F 296 5.01 -51.49 28.83
CA PRO F 296 5.56 -50.69 29.92
C PRO F 296 6.70 -49.76 29.48
N GLN F 297 6.81 -48.63 30.20
CA GLN F 297 7.76 -47.57 29.89
C GLN F 297 9.19 -48.06 30.03
N GLU F 298 9.51 -48.66 31.18
CA GLU F 298 10.87 -49.11 31.47
C GLU F 298 11.40 -50.03 30.37
N LEU F 299 10.50 -50.73 29.65
CA LEU F 299 10.89 -51.57 28.52
C LEU F 299 11.40 -50.69 27.39
N VAL F 300 10.64 -49.65 27.03
CA VAL F 300 10.95 -48.79 25.90
C VAL F 300 12.27 -48.06 26.15
N LEU F 301 12.43 -47.49 27.36
CA LEU F 301 13.62 -46.75 27.73
C LEU F 301 14.84 -47.67 27.74
N GLU F 302 14.64 -48.95 28.06
CA GLU F 302 15.69 -49.97 27.99
C GLU F 302 16.10 -50.15 26.52
N ASN F 303 15.14 -50.52 25.67
CA ASN F 303 15.35 -50.77 24.25
C ASN F 303 15.97 -49.58 23.51
N ILE F 304 15.70 -48.35 23.99
CA ILE F 304 16.28 -47.15 23.41
C ILE F 304 17.74 -47.01 23.84
N LYS F 305 18.00 -47.13 25.15
CA LYS F 305 19.35 -47.01 25.66
C LYS F 305 20.24 -48.12 25.09
N LYS F 306 19.61 -49.21 24.64
CA LYS F 306 20.30 -50.27 23.91
C LYS F 306 20.69 -49.78 22.53
N ALA F 307 19.71 -49.20 21.81
CA ALA F 307 19.85 -48.78 20.42
C ALA F 307 20.75 -47.55 20.28
N LYS F 308 21.07 -46.91 21.40
CA LYS F 308 21.91 -45.71 21.46
C LYS F 308 23.27 -45.92 20.76
N GLU F 309 23.71 -47.19 20.65
CA GLU F 309 24.99 -47.53 20.06
C GLU F 309 25.00 -47.32 18.54
N PHE F 310 23.87 -47.60 17.89
CA PHE F 310 23.72 -47.50 16.45
C PHE F 310 23.95 -46.07 15.97
N PHE F 311 23.77 -45.11 16.89
CA PHE F 311 23.75 -43.69 16.58
C PHE F 311 24.62 -42.93 17.58
N THR G 10 -27.13 -8.17 23.86
CA THR G 10 -28.45 -8.16 24.56
C THR G 10 -28.65 -9.49 25.29
N ASP G 11 -27.53 -10.15 25.63
CA ASP G 11 -27.51 -11.41 26.36
C ASP G 11 -26.55 -11.30 27.54
N SER G 12 -27.08 -11.32 28.77
CA SER G 12 -26.25 -11.17 29.97
C SER G 12 -26.58 -12.27 30.98
N LYS G 13 -25.66 -13.23 31.11
CA LYS G 13 -25.77 -14.35 32.05
C LYS G 13 -24.37 -14.80 32.47
N ALA G 14 -23.51 -13.84 32.83
CA ALA G 14 -22.10 -14.09 33.11
C ALA G 14 -21.74 -13.64 34.53
N MET G 15 -20.46 -13.30 34.72
CA MET G 15 -19.93 -12.77 35.97
C MET G 15 -18.43 -12.48 35.82
N CYS G 24 -10.03 -4.03 19.05
CA CYS G 24 -10.47 -3.44 20.34
C CYS G 24 -9.75 -4.14 21.49
N GLY G 25 -9.63 -3.45 22.64
CA GLY G 25 -9.01 -4.03 23.82
C GLY G 25 -9.62 -5.39 24.15
N LYS G 26 -10.96 -5.38 24.36
CA LYS G 26 -11.75 -6.56 24.66
C LYS G 26 -11.41 -7.70 23.69
N SER G 27 -11.64 -7.45 22.39
CA SER G 27 -11.41 -8.44 21.35
C SER G 27 -9.99 -9.01 21.44
N SER G 28 -8.98 -8.14 21.47
CA SER G 28 -7.58 -8.53 21.51
C SER G 28 -7.33 -9.50 22.67
N ILE G 29 -7.75 -9.10 23.87
CA ILE G 29 -7.56 -9.88 25.08
C ILE G 29 -8.20 -11.24 24.93
N CYS G 30 -9.47 -11.28 24.50
CA CYS G 30 -10.22 -12.52 24.34
C CYS G 30 -9.52 -13.44 23.34
N LYS G 31 -9.07 -12.86 22.22
CA LYS G 31 -8.33 -13.59 21.20
C LYS G 31 -7.17 -14.35 21.85
N VAL G 32 -6.33 -13.62 22.61
CA VAL G 32 -5.22 -14.23 23.33
C VAL G 32 -5.75 -14.84 24.64
N HIS G 55 -16.71 -21.14 29.51
CA HIS G 55 -15.47 -20.45 29.96
C HIS G 55 -15.12 -20.91 31.37
N PHE G 56 -14.01 -21.65 31.48
CA PHE G 56 -13.47 -22.18 32.73
C PHE G 56 -14.54 -22.97 33.49
N SER G 57 -14.95 -24.11 32.93
CA SER G 57 -16.05 -24.92 33.41
C SER G 57 -15.74 -25.59 34.75
N THR G 58 -16.76 -26.24 35.35
CA THR G 58 -16.65 -26.87 36.66
C THR G 58 -16.60 -28.40 36.50
N ASP G 61 -19.03 -23.39 32.98
CA ASP G 61 -19.98 -23.06 34.07
C ASP G 61 -19.63 -21.71 34.70
N LEU G 62 -19.01 -20.83 33.90
CA LEU G 62 -18.70 -19.47 34.28
C LEU G 62 -18.55 -18.62 33.02
N ALA G 63 -18.70 -17.29 33.15
CA ALA G 63 -18.46 -16.39 32.04
C ALA G 63 -17.88 -15.07 32.54
N VAL G 64 -16.91 -14.55 31.78
CA VAL G 64 -16.29 -13.27 32.06
C VAL G 64 -16.21 -12.47 30.76
N MET G 65 -16.61 -11.19 30.84
CA MET G 65 -16.66 -10.32 29.67
C MET G 65 -15.96 -9.00 29.94
N GLU G 66 -15.33 -8.45 28.90
CA GLU G 66 -14.61 -7.19 28.98
C GLU G 66 -15.26 -6.15 28.06
N LYS G 85 -30.13 -6.66 35.40
CA LYS G 85 -28.72 -6.42 34.99
C LYS G 85 -27.82 -6.49 36.23
N SER G 86 -27.61 -7.72 36.74
CA SER G 86 -26.79 -7.95 37.93
C SER G 86 -25.85 -9.15 37.74
N VAL G 87 -24.65 -9.05 38.32
CA VAL G 87 -23.60 -10.07 38.26
C VAL G 87 -22.64 -9.90 39.44
N GLY G 88 -21.72 -10.87 39.61
CA GLY G 88 -20.76 -10.89 40.71
C GLY G 88 -19.71 -9.79 40.59
N ALA G 89 -18.82 -9.92 39.59
CA ALA G 89 -17.78 -8.96 39.29
C ALA G 89 -17.41 -9.06 37.82
N LEU G 90 -16.81 -7.99 37.26
CA LEU G 90 -16.43 -7.97 35.85
C LEU G 90 -15.05 -7.35 35.63
N VAL G 91 -14.47 -7.64 34.45
CA VAL G 91 -13.17 -7.14 34.04
C VAL G 91 -13.34 -6.14 32.90
N TYR G 92 -12.55 -5.05 32.92
CA TYR G 92 -12.55 -4.05 31.87
C TYR G 92 -11.12 -3.63 31.54
N VAL G 93 -10.89 -3.29 30.26
CA VAL G 93 -9.56 -2.99 29.72
C VAL G 93 -8.94 -1.77 30.42
N GLU G 99 -3.79 7.57 28.15
CA GLU G 99 -5.20 7.80 27.70
C GLU G 99 -6.18 7.48 28.84
N TYR G 100 -5.71 7.59 30.08
CA TYR G 100 -6.45 7.17 31.27
C TYR G 100 -7.55 8.18 31.66
N ILE G 101 -7.71 9.25 30.89
CA ILE G 101 -8.63 10.35 31.18
C ILE G 101 -10.08 9.88 31.09
N ASN G 102 -10.46 9.25 29.96
CA ASN G 102 -11.81 8.76 29.75
C ASN G 102 -11.88 7.25 30.04
N ALA G 103 -10.99 6.78 30.91
CA ALA G 103 -10.96 5.38 31.33
C ALA G 103 -12.10 5.06 32.28
N ILE G 104 -12.54 6.07 33.05
CA ILE G 104 -13.61 5.93 34.02
C ILE G 104 -14.90 5.45 33.33
N THR G 105 -15.24 6.08 32.20
CA THR G 105 -16.35 5.72 31.32
C THR G 105 -17.63 5.44 32.11
N GLU G 124 -13.36 -5.92 38.96
CA GLU G 124 -11.88 -5.93 38.95
C GLU G 124 -11.38 -5.53 37.56
N VAL G 125 -10.54 -4.49 37.49
CA VAL G 125 -10.06 -3.96 36.22
C VAL G 125 -8.58 -3.61 36.26
N LEU G 126 -7.98 -3.49 35.06
CA LEU G 126 -6.61 -3.05 34.86
C LEU G 126 -6.45 -2.59 33.41
N THR G 149 -4.94 6.04 42.02
CA THR G 149 -5.51 6.33 40.67
C THR G 149 -6.95 5.80 40.59
N GLY G 150 -7.67 5.81 41.71
CA GLY G 150 -9.00 5.26 41.78
C GLY G 150 -10.05 6.21 42.35
N GLU G 151 -9.79 7.52 42.27
CA GLU G 151 -10.69 8.53 42.80
C GLU G 151 -11.65 9.03 41.72
N GLU G 152 -11.74 8.29 40.60
CA GLU G 152 -12.56 8.64 39.45
C GLU G 152 -14.04 8.70 39.82
N LEU G 153 -14.48 7.74 40.63
CA LEU G 153 -15.82 7.75 41.21
C LEU G 153 -15.72 7.34 42.68
N LEU G 154 -15.56 8.35 43.55
CA LEU G 154 -15.49 8.18 44.99
C LEU G 154 -15.80 9.51 45.68
N ASP G 159 -17.49 3.95 48.02
CA ASP G 159 -16.28 4.22 48.84
C ASP G 159 -15.47 2.93 48.99
N GLY G 160 -15.00 2.40 47.86
CA GLY G 160 -14.14 1.23 47.82
C GLY G 160 -14.89 -0.05 48.16
N VAL G 163 -14.09 -3.89 43.75
CA VAL G 163 -13.56 -4.17 42.38
C VAL G 163 -12.20 -3.50 42.23
N SER G 164 -11.13 -4.29 42.43
CA SER G 164 -9.76 -3.77 42.43
C SER G 164 -9.14 -3.91 41.03
N TYR G 166 -4.65 -4.78 38.82
CA TYR G 166 -3.21 -4.39 38.84
C TYR G 166 -2.43 -5.24 37.82
N LEU G 167 -1.91 -4.56 36.79
CA LEU G 167 -1.06 -5.10 35.73
C LEU G 167 -1.89 -5.89 34.72
N TYR G 176 -1.68 -13.46 33.18
CA TYR G 176 -2.43 -14.72 33.39
C TYR G 176 -2.58 -15.02 34.89
N GLU G 177 -1.56 -14.67 35.68
CA GLU G 177 -1.61 -14.75 37.13
C GLU G 177 -2.71 -13.82 37.64
N ALA G 178 -2.86 -12.69 36.94
CA ALA G 178 -3.86 -11.67 37.22
C ALA G 178 -5.26 -12.21 36.93
N PHE G 179 -5.43 -12.78 35.74
CA PHE G 179 -6.72 -13.29 35.26
C PHE G 179 -7.20 -14.43 36.15
N SER G 180 -6.25 -15.29 36.56
CA SER G 180 -6.49 -16.44 37.43
C SER G 180 -7.11 -15.99 38.76
N ARG G 181 -6.47 -15.01 39.42
CA ARG G 181 -6.92 -14.46 40.69
C ARG G 181 -8.38 -14.01 40.57
N ILE G 182 -8.74 -13.45 39.41
CA ILE G 182 -10.09 -13.00 39.10
C ILE G 182 -11.05 -14.18 39.04
N VAL G 183 -10.68 -15.24 38.30
CA VAL G 183 -11.51 -16.42 38.11
C VAL G 183 -11.65 -17.16 39.45
N GLN G 184 -10.61 -17.08 40.27
CA GLN G 184 -10.62 -17.71 41.59
C GLN G 184 -11.73 -17.10 42.45
N LYS G 185 -11.88 -15.76 42.40
CA LYS G 185 -12.90 -15.05 43.16
C LYS G 185 -14.31 -15.55 42.83
N LEU G 186 -14.48 -16.13 41.64
CA LEU G 186 -15.76 -16.57 41.10
C LEU G 186 -16.15 -17.96 41.60
N ILE G 187 -15.19 -18.90 41.69
CA ILE G 187 -15.49 -20.27 42.08
C ILE G 187 -15.34 -20.41 43.60
N PRO G 188 -16.37 -20.91 44.31
CA PRO G 188 -16.34 -20.98 45.78
C PRO G 188 -15.37 -22.03 46.34
N GLU G 189 -15.31 -23.20 45.70
CA GLU G 189 -14.60 -24.35 46.24
C GLU G 189 -13.11 -24.35 45.90
N LEU G 190 -12.60 -23.26 45.31
CA LEU G 190 -11.18 -23.10 45.03
C LEU G 190 -10.37 -23.20 46.32
N SER G 191 -10.96 -22.74 47.42
CA SER G 191 -10.31 -22.67 48.72
C SER G 191 -9.94 -24.07 49.20
N PHE G 192 -10.78 -25.05 48.87
CA PHE G 192 -10.55 -26.44 49.23
C PHE G 192 -9.50 -27.05 48.30
N LEU G 193 -9.58 -26.73 47.00
CA LEU G 193 -8.68 -27.24 45.99
C LEU G 193 -7.23 -26.95 46.40
N GLU G 194 -7.00 -25.72 46.86
CA GLU G 194 -5.72 -25.23 47.37
C GLU G 194 -5.07 -26.26 48.30
N ASN G 195 -5.88 -26.94 49.11
CA ASN G 195 -5.38 -27.77 50.21
C ASN G 195 -5.09 -29.20 49.75
N MET G 196 -5.91 -29.73 48.85
CA MET G 196 -5.69 -31.06 48.29
C MET G 196 -4.36 -31.08 47.52
N LEU G 197 -4.08 -29.98 46.80
CA LEU G 197 -2.78 -29.73 46.20
C LEU G 197 -1.70 -29.63 47.29
N ASP G 198 -1.95 -28.81 48.32
CA ASP G 198 -1.00 -28.57 49.41
C ASP G 198 -0.37 -29.87 49.90
N ASN G 199 -1.20 -30.88 50.16
CA ASN G 199 -0.76 -32.16 50.68
C ASN G 199 -0.09 -32.99 49.59
N LEU G 200 -0.76 -33.14 48.43
CA LEU G 200 -0.32 -33.95 47.31
C LEU G 200 1.12 -33.59 46.91
N ILE G 201 1.43 -32.28 46.97
CA ILE G 201 2.72 -31.75 46.54
C ILE G 201 3.86 -32.22 47.45
N GLN G 202 3.55 -32.48 48.73
CA GLN G 202 4.51 -33.04 49.67
C GLN G 202 4.62 -34.56 49.47
N HIS G 203 3.46 -35.21 49.34
CA HIS G 203 3.38 -36.67 49.32
C HIS G 203 3.81 -37.26 47.97
N SER G 204 4.14 -36.42 47.00
CA SER G 204 4.44 -36.92 45.68
C SER G 204 5.81 -36.45 45.17
N LYS G 205 6.50 -35.63 45.98
CA LYS G 205 7.82 -35.11 45.63
C LYS G 205 7.69 -34.05 44.52
N ILE G 206 7.02 -32.93 44.85
CA ILE G 206 6.65 -31.92 43.87
C ILE G 206 7.10 -30.53 44.30
N GLU G 207 7.67 -29.77 43.35
CA GLU G 207 8.01 -28.36 43.53
C GLU G 207 6.73 -27.52 43.51
N LYS G 208 6.01 -27.56 42.39
CA LYS G 208 4.78 -26.79 42.22
C LYS G 208 3.78 -27.59 41.38
N ALA G 209 2.50 -27.40 41.67
CA ALA G 209 1.44 -28.00 40.87
C ALA G 209 0.33 -26.99 40.61
N PHE G 210 -0.29 -27.11 39.43
CA PHE G 210 -1.31 -26.19 38.96
C PHE G 210 -2.49 -26.99 38.42
N LEU G 211 -3.71 -26.52 38.73
CA LEU G 211 -4.88 -26.94 37.97
C LEU G 211 -5.08 -25.92 36.85
N PHE G 212 -4.88 -26.36 35.60
CA PHE G 212 -5.02 -25.48 34.45
C PHE G 212 -6.32 -25.76 33.72
N ASP G 213 -6.90 -24.71 33.12
CA ASP G 213 -7.88 -24.87 32.07
C ASP G 213 -7.14 -24.91 30.73
N VAL G 214 -7.63 -25.72 29.78
CA VAL G 214 -6.90 -26.06 28.57
C VAL G 214 -6.99 -24.95 27.51
N ASN G 215 -8.18 -24.40 27.26
CA ASN G 215 -8.41 -23.41 26.21
C ASN G 215 -7.79 -22.08 26.58
N SER G 216 -7.99 -21.67 27.84
CA SER G 216 -7.20 -20.60 28.44
C SER G 216 -5.86 -21.19 28.85
N LYS G 217 -5.07 -20.40 29.60
CA LYS G 217 -3.93 -20.94 30.32
C LYS G 217 -3.93 -20.35 31.74
N ILE G 218 -5.15 -20.15 32.29
CA ILE G 218 -5.28 -19.64 33.66
C ILE G 218 -5.44 -20.82 34.62
N TYR G 219 -4.81 -20.69 35.80
CA TYR G 219 -4.83 -21.75 36.79
C TYR G 219 -5.99 -21.58 37.76
N VAL G 220 -6.80 -22.63 37.87
CA VAL G 220 -7.99 -22.62 38.71
C VAL G 220 -7.60 -22.92 40.15
N SER G 221 -6.41 -23.53 40.34
CA SER G 221 -5.79 -23.62 41.67
C SER G 221 -4.31 -23.98 41.56
N THR G 222 -3.60 -23.77 42.68
CA THR G 222 -2.22 -24.17 42.89
C THR G 222 -2.01 -24.33 44.39
N ASP G 223 -0.76 -24.59 44.80
CA ASP G 223 -0.41 -24.79 46.20
C ASP G 223 -0.10 -23.46 46.89
N SER G 224 0.48 -23.58 48.09
CA SER G 224 0.83 -22.45 48.95
C SER G 224 2.24 -21.91 48.64
N ASN G 225 3.10 -22.76 48.04
CA ASN G 225 4.44 -22.36 47.66
C ASN G 225 4.36 -21.13 46.75
N PRO G 226 5.30 -20.15 46.86
CA PRO G 226 5.16 -18.89 46.14
C PRO G 226 5.32 -19.12 44.64
N VAL G 227 4.38 -18.59 43.85
CA VAL G 227 4.40 -18.72 42.40
C VAL G 227 5.63 -18.02 41.85
N ASP G 228 6.52 -18.81 41.25
CA ASP G 228 7.56 -18.25 40.40
C ASP G 228 6.98 -18.17 39.00
N ILE G 229 7.14 -17.01 38.35
CA ILE G 229 6.68 -16.80 36.99
C ILE G 229 7.41 -17.78 36.08
N GLN G 230 8.63 -18.15 36.48
CA GLN G 230 9.43 -19.16 35.81
C GLN G 230 8.66 -20.49 35.79
N MET G 231 8.40 -21.05 36.98
CA MET G 231 7.79 -22.36 37.12
C MET G 231 6.38 -22.40 36.52
N TYR G 232 5.65 -21.27 36.57
CA TYR G 232 4.32 -21.18 35.99
C TYR G 232 4.38 -21.19 34.46
N GLU G 233 5.25 -20.35 33.88
CA GLU G 233 5.38 -20.23 32.43
C GLU G 233 5.85 -21.56 31.83
N VAL G 234 6.76 -22.26 32.52
CA VAL G 234 7.25 -23.56 32.11
C VAL G 234 6.08 -24.52 31.95
N CYS G 235 5.30 -24.66 33.03
CA CYS G 235 4.14 -25.55 33.07
C CYS G 235 3.15 -25.19 31.96
N SER G 236 2.89 -23.88 31.81
CA SER G 236 1.96 -23.36 30.82
C SER G 236 2.46 -23.65 29.41
N GLU G 237 3.78 -23.53 29.20
CA GLU G 237 4.39 -23.78 27.91
C GLU G 237 4.41 -25.28 27.62
N PHE G 238 4.53 -26.10 28.68
CA PHE G 238 4.53 -27.55 28.53
C PHE G 238 3.17 -28.06 28.04
N ILE G 239 2.09 -27.43 28.51
CA ILE G 239 0.73 -27.74 28.08
C ILE G 239 0.68 -27.70 26.56
N ASP G 240 1.12 -26.56 26.00
CA ASP G 240 1.20 -26.35 24.56
C ASP G 240 1.91 -27.53 23.89
N VAL G 241 3.11 -27.83 24.37
CA VAL G 241 4.00 -28.81 23.77
C VAL G 241 3.32 -30.17 23.64
N THR G 242 2.49 -30.54 24.64
CA THR G 242 1.74 -31.80 24.55
C THR G 242 0.60 -31.74 23.52
N ILE G 243 -0.26 -30.71 23.57
CA ILE G 243 -1.47 -30.67 22.74
C ILE G 243 -1.11 -30.63 21.25
N ASP G 244 -0.09 -29.86 20.88
CA ASP G 244 0.35 -29.76 19.50
C ASP G 244 0.79 -31.12 18.98
N LEU G 245 1.64 -31.81 19.75
CA LEU G 245 2.16 -33.12 19.39
C LEU G 245 1.03 -34.15 19.35
N PHE G 246 0.13 -34.11 20.34
CA PHE G 246 -1.00 -35.01 20.38
C PHE G 246 -1.85 -34.83 19.12
N ASP G 247 -2.07 -33.56 18.72
CA ASP G 247 -2.87 -33.20 17.56
C ASP G 247 -2.27 -33.76 16.26
N LEU G 248 -0.95 -34.00 16.26
CA LEU G 248 -0.23 -34.45 15.08
C LEU G 248 -0.56 -35.92 14.80
N TYR G 249 -0.64 -36.74 15.86
CA TYR G 249 -0.91 -38.16 15.71
C TYR G 249 -2.15 -38.62 16.46
N LYS G 250 -3.08 -37.70 16.74
CA LYS G 250 -4.34 -38.07 17.38
C LYS G 250 -5.15 -38.97 16.47
N ALA G 251 -5.04 -38.72 15.15
CA ALA G 251 -5.86 -39.37 14.13
C ALA G 251 -5.30 -40.72 13.67
N PRO G 252 -3.97 -40.91 13.44
CA PRO G 252 -3.48 -42.21 12.97
C PRO G 252 -3.49 -43.39 13.93
N VAL G 253 -3.42 -43.13 15.24
CA VAL G 253 -3.45 -44.17 16.26
C VAL G 253 -4.89 -44.71 16.37
N LEU G 254 -5.86 -43.88 15.98
CA LEU G 254 -7.30 -44.16 15.97
C LEU G 254 -7.60 -45.36 15.07
N ARG G 255 -6.84 -45.52 13.97
CA ARG G 255 -7.03 -46.59 12.99
C ARG G 255 -6.81 -47.97 13.61
N ASN G 256 -5.89 -48.04 14.59
CA ASN G 256 -5.55 -49.28 15.26
C ASN G 256 -6.62 -49.67 16.29
N GLU G 272 -7.68 -39.25 29.79
CA GLU G 272 -7.01 -40.20 28.86
C GLU G 272 -5.64 -39.68 28.47
N LEU G 273 -5.49 -38.34 28.44
CA LEU G 273 -4.29 -37.68 27.94
C LEU G 273 -3.33 -37.39 29.09
N GLN G 274 -2.05 -37.76 28.90
CA GLN G 274 -0.99 -37.46 29.85
C GLN G 274 0.32 -37.17 29.12
N ASN G 275 1.28 -36.56 29.85
CA ASN G 275 2.59 -36.26 29.29
C ASN G 275 3.65 -36.03 30.37
N VAL G 276 4.76 -36.77 30.27
CA VAL G 276 5.91 -36.65 31.17
C VAL G 276 7.11 -36.12 30.38
N SER G 277 8.07 -35.52 31.11
CA SER G 277 9.35 -35.13 30.53
C SER G 277 10.44 -35.06 31.60
N GLN G 278 11.69 -35.32 31.20
CA GLN G 278 12.83 -35.25 32.10
C GLN G 278 13.90 -34.31 31.54
N LEU G 279 14.91 -33.99 32.37
CA LEU G 279 15.94 -33.02 32.04
C LEU G 279 17.31 -33.50 32.51
N ALA G 280 18.36 -32.74 32.16
CA ALA G 280 19.74 -33.04 32.48
C ALA G 280 19.94 -33.23 34.00
N ASN G 281 19.53 -32.22 34.78
CA ASN G 281 19.70 -32.21 36.23
C ASN G 281 18.79 -33.25 36.89
N GLY G 282 17.73 -33.66 36.18
CA GLY G 282 16.86 -34.73 36.65
C GLY G 282 15.42 -34.28 36.89
N VAL G 283 15.21 -32.95 36.99
CA VAL G 283 13.92 -32.33 37.22
C VAL G 283 12.91 -32.85 36.19
N ILE G 284 11.71 -33.25 36.67
CA ILE G 284 10.67 -33.85 35.84
C ILE G 284 9.48 -32.90 35.74
N ILE G 285 8.81 -32.92 34.57
CA ILE G 285 7.53 -32.23 34.36
C ILE G 285 6.46 -33.27 34.10
N TYR G 286 5.30 -33.10 34.74
CA TYR G 286 4.20 -34.03 34.57
C TYR G 286 2.92 -33.32 34.15
N LEU G 287 2.18 -33.94 33.24
CA LEU G 287 0.86 -33.47 32.85
C LEU G 287 -0.11 -34.65 32.85
N ARG G 288 -1.23 -34.48 33.57
CA ARG G 288 -2.31 -35.46 33.57
C ARG G 288 -3.65 -34.76 33.42
N GLN G 289 -4.61 -35.47 32.84
CA GLN G 289 -5.92 -34.92 32.52
C GLN G 289 -6.85 -35.03 33.73
N MET G 290 -7.43 -33.88 34.09
CA MET G 290 -8.44 -33.82 35.14
C MET G 290 -9.79 -33.53 34.50
N ILE G 291 -10.88 -33.72 35.25
CA ILE G 291 -12.23 -33.66 34.71
C ILE G 291 -12.63 -32.23 34.31
N ARG G 292 -13.70 -32.13 33.50
CA ARG G 292 -14.47 -30.94 33.19
C ARG G 292 -13.58 -29.73 32.86
N GLY G 293 -12.74 -29.91 31.83
CA GLY G 293 -11.98 -28.82 31.22
C GLY G 293 -10.53 -28.73 31.69
N LEU G 294 -10.26 -29.21 32.91
CA LEU G 294 -9.01 -28.95 33.61
C LEU G 294 -7.90 -29.92 33.18
N ALA G 295 -6.69 -29.66 33.69
CA ALA G 295 -5.53 -30.54 33.57
C ALA G 295 -4.52 -30.20 34.67
N LEU G 296 -3.86 -31.23 35.21
CA LEU G 296 -2.90 -31.07 36.29
C LEU G 296 -1.49 -31.10 35.73
N VAL G 297 -0.79 -29.97 35.85
CA VAL G 297 0.61 -29.89 35.48
C VAL G 297 1.43 -29.70 36.75
N ALA G 298 2.53 -30.44 36.85
CA ALA G 298 3.37 -30.39 38.03
C ALA G 298 4.84 -30.45 37.64
N ILE G 299 5.69 -30.00 38.57
CA ILE G 299 7.12 -30.24 38.49
C ILE G 299 7.50 -31.18 39.63
N ILE G 300 7.93 -32.39 39.26
CA ILE G 300 8.53 -33.33 40.18
C ILE G 300 10.01 -33.01 40.29
N ARG G 301 10.51 -32.95 41.54
CA ARG G 301 11.94 -32.82 41.79
C ARG G 301 12.42 -34.13 42.43
N PRO G 302 12.98 -35.06 41.62
CA PRO G 302 13.12 -36.47 42.01
C PRO G 302 14.02 -36.72 43.22
N ASN G 303 15.01 -35.84 43.40
CA ASN G 303 15.92 -35.85 44.54
C ASN G 303 16.53 -37.24 44.75
N GLY G 304 17.25 -37.72 43.75
CA GLY G 304 18.05 -38.93 43.90
C GLY G 304 17.32 -40.19 43.45
N THR G 305 16.07 -40.37 43.90
CA THR G 305 15.29 -41.57 43.60
C THR G 305 15.06 -41.69 42.09
N ASP G 306 14.84 -42.92 41.61
CA ASP G 306 14.67 -43.20 40.18
C ASP G 306 13.35 -42.61 39.68
N MET G 307 13.27 -42.44 38.35
CA MET G 307 12.17 -41.75 37.68
C MET G 307 10.88 -42.57 37.73
N GLU G 308 10.94 -43.86 37.38
CA GLU G 308 9.77 -44.72 37.28
C GLU G 308 9.01 -44.73 38.61
N SER G 309 9.75 -44.89 39.71
CA SER G 309 9.18 -44.96 41.05
C SER G 309 8.54 -43.64 41.46
N CYS G 310 9.16 -42.53 41.04
CA CYS G 310 8.58 -41.20 41.21
C CYS G 310 7.20 -41.17 40.56
N LEU G 311 7.10 -41.68 39.33
CA LEU G 311 5.87 -41.66 38.54
C LEU G 311 4.82 -42.64 39.05
N THR G 312 5.24 -43.70 39.77
CA THR G 312 4.33 -44.67 40.35
C THR G 312 3.64 -44.04 41.55
N VAL G 313 4.44 -43.49 42.47
CA VAL G 313 3.97 -42.78 43.65
C VAL G 313 3.07 -41.63 43.20
N ALA G 314 3.58 -40.83 42.25
CA ALA G 314 2.87 -39.67 41.72
C ALA G 314 1.56 -40.07 41.03
N ASP G 315 1.56 -41.19 40.29
CA ASP G 315 0.37 -41.63 39.58
C ASP G 315 -0.73 -42.09 40.54
N TYR G 316 -0.35 -42.89 41.54
CA TYR G 316 -1.24 -43.29 42.62
C TYR G 316 -1.91 -42.05 43.20
N ASN G 317 -1.08 -41.10 43.66
CA ASN G 317 -1.52 -39.92 44.40
C ASN G 317 -2.43 -39.03 43.54
N ILE G 318 -2.01 -38.77 42.30
CA ILE G 318 -2.78 -37.95 41.37
C ILE G 318 -4.15 -38.58 41.13
N ASP G 319 -4.17 -39.92 41.01
CA ASP G 319 -5.40 -40.68 40.79
C ASP G 319 -6.43 -40.39 41.88
N ILE G 320 -5.99 -40.36 43.15
CA ILE G 320 -6.89 -40.09 44.27
C ILE G 320 -7.34 -38.64 44.23
N PHE G 321 -6.43 -37.74 43.86
CA PHE G 321 -6.73 -36.32 43.76
C PHE G 321 -7.85 -36.09 42.73
N LYS G 322 -7.72 -36.77 41.58
CA LYS G 322 -8.72 -36.72 40.52
C LYS G 322 -10.08 -37.18 41.05
N LYS G 323 -10.09 -38.30 41.79
CA LYS G 323 -11.28 -38.84 42.40
C LYS G 323 -11.94 -37.79 43.30
N GLY G 324 -11.11 -37.07 44.06
CA GLY G 324 -11.55 -35.97 44.90
C GLY G 324 -12.33 -34.92 44.12
N LEU G 325 -11.79 -34.53 42.95
CA LEU G 325 -12.38 -33.52 42.09
C LEU G 325 -13.75 -33.97 41.59
N GLU G 326 -13.87 -35.24 41.20
CA GLU G 326 -15.10 -35.80 40.65
C GLU G 326 -16.21 -35.73 41.69
N ASP G 327 -15.89 -36.16 42.92
CA ASP G 327 -16.82 -36.16 44.04
C ASP G 327 -17.21 -34.72 44.37
N ILE G 328 -16.21 -33.83 44.37
CA ILE G 328 -16.40 -32.41 44.66
C ILE G 328 -17.36 -31.80 43.65
N TRP G 329 -17.35 -32.27 42.41
CA TRP G 329 -18.21 -31.62 41.43
C TRP G 329 -19.50 -32.39 41.18
N ALA G 330 -19.44 -33.46 40.37
CA ALA G 330 -20.62 -34.26 40.05
C ALA G 330 -21.79 -33.35 39.67
N ASN G 331 -21.55 -32.48 38.67
CA ASN G 331 -22.53 -31.55 38.14
C ASN G 331 -22.12 -31.14 36.72
N ARG H 12 -42.93 -17.00 55.81
CA ARG H 12 -42.12 -17.96 55.01
C ARG H 12 -40.68 -17.95 55.53
N LEU H 13 -40.10 -19.15 55.66
CA LEU H 13 -38.75 -19.31 56.18
C LEU H 13 -37.92 -20.24 55.28
N LYS H 14 -37.65 -19.79 54.05
CA LYS H 14 -36.83 -20.51 53.10
C LYS H 14 -35.38 -20.01 53.17
N GLU H 15 -35.18 -18.88 53.86
CA GLU H 15 -33.87 -18.32 54.12
C GLU H 15 -33.11 -19.23 55.09
N HIS H 16 -33.88 -20.03 55.85
CA HIS H 16 -33.37 -21.07 56.73
C HIS H 16 -32.96 -22.28 55.92
N GLU H 17 -33.72 -22.58 54.85
CA GLU H 17 -33.48 -23.74 54.01
C GLU H 17 -32.18 -23.60 53.23
N HIS H 18 -31.83 -22.34 52.90
CA HIS H 18 -30.58 -22.05 52.19
C HIS H 18 -29.38 -22.19 53.14
N GLU H 19 -29.58 -21.84 54.42
CA GLU H 19 -28.58 -22.06 55.46
C GLU H 19 -28.32 -23.56 55.56
N GLN H 20 -29.39 -24.35 55.63
CA GLN H 20 -29.35 -25.80 55.77
C GLN H 20 -28.49 -26.43 54.67
N LYS H 21 -28.81 -26.14 53.40
CA LYS H 21 -28.15 -26.77 52.27
C LYS H 21 -26.71 -26.25 52.13
N LEU H 22 -26.49 -24.97 52.48
CA LEU H 22 -25.15 -24.38 52.39
C LEU H 22 -24.22 -25.03 53.40
N LEU H 23 -24.68 -25.19 54.64
CA LEU H 23 -23.86 -25.74 55.72
C LEU H 23 -23.62 -27.24 55.48
N ALA H 24 -24.52 -27.86 54.72
CA ALA H 24 -24.38 -29.25 54.30
C ALA H 24 -23.28 -29.40 53.25
N ARG H 25 -23.31 -28.60 52.18
CA ARG H 25 -22.34 -28.69 51.09
C ARG H 25 -20.95 -28.31 51.61
N GLU H 26 -20.93 -27.45 52.64
CA GLU H 26 -19.71 -27.10 53.35
C GLU H 26 -19.11 -28.33 54.03
N GLN H 27 -19.94 -29.09 54.75
CA GLN H 27 -19.55 -30.33 55.42
C GLN H 27 -19.08 -31.35 54.38
N GLU H 28 -19.85 -31.48 53.29
CA GLU H 28 -19.54 -32.37 52.17
C GLU H 28 -18.11 -32.16 51.70
N LEU H 29 -17.79 -30.91 51.33
CA LEU H 29 -16.50 -30.57 50.74
C LEU H 29 -15.37 -30.81 51.73
N ARG H 30 -15.56 -30.42 53.00
CA ARG H 30 -14.54 -30.61 54.01
C ARG H 30 -14.24 -32.10 54.22
N ASP H 31 -15.28 -32.94 54.07
CA ASP H 31 -15.16 -34.39 54.20
C ASP H 31 -14.38 -34.99 53.02
N ILE H 32 -14.60 -34.47 51.81
CA ILE H 32 -13.91 -34.98 50.63
C ILE H 32 -12.41 -34.69 50.77
N VAL H 33 -12.07 -33.43 51.06
CA VAL H 33 -10.70 -33.02 51.30
C VAL H 33 -10.11 -33.90 52.40
N ALA H 34 -10.91 -34.19 53.44
CA ALA H 34 -10.48 -34.98 54.58
C ALA H 34 -9.99 -36.36 54.14
N ASN H 35 -10.89 -37.20 53.63
CA ASN H 35 -10.55 -38.59 53.34
C ASN H 35 -9.95 -38.76 51.94
N THR H 36 -9.55 -37.65 51.30
CA THR H 36 -8.70 -37.68 50.11
C THR H 36 -7.26 -37.41 50.52
N ASN H 37 -7.07 -36.50 51.50
CA ASN H 37 -5.78 -36.21 52.07
C ASN H 37 -5.28 -37.40 52.92
N ASP H 38 -6.18 -38.35 53.17
CA ASP H 38 -5.89 -39.50 54.02
C ASP H 38 -5.36 -40.65 53.18
N LYS H 39 -5.83 -40.76 51.92
CA LYS H 39 -5.49 -41.87 51.04
C LYS H 39 -4.11 -41.65 50.40
N LEU H 40 -3.59 -40.41 50.51
CA LEU H 40 -2.31 -40.04 49.91
C LEU H 40 -1.17 -40.82 50.56
N ILE H 41 -0.37 -41.48 49.71
CA ILE H 41 0.77 -42.31 50.14
C ILE H 41 2.07 -41.51 50.02
N ASP H 42 2.84 -41.50 51.13
CA ASP H 42 4.14 -40.88 51.18
C ASP H 42 5.16 -41.82 50.51
N ILE H 43 6.30 -41.25 50.08
CA ILE H 43 7.35 -42.00 49.39
C ILE H 43 8.17 -42.80 50.41
N SER H 44 8.30 -42.28 51.63
CA SER H 44 9.03 -42.95 52.70
C SER H 44 8.17 -44.07 53.28
N MET H 45 6.86 -43.85 53.22
CA MET H 45 5.82 -44.76 53.68
C MET H 45 5.85 -46.06 52.87
N ILE H 46 6.18 -45.97 51.58
CA ILE H 46 6.31 -47.14 50.71
C ILE H 46 7.51 -48.00 51.12
N ASN H 47 8.60 -47.35 51.56
CA ASN H 47 9.86 -48.00 51.89
C ASN H 47 9.75 -48.90 53.12
N ASN H 48 8.95 -48.48 54.11
CA ASN H 48 8.96 -49.08 55.44
C ASN H 48 7.83 -50.09 55.61
N SER H 49 6.92 -50.14 54.61
CA SER H 49 5.76 -51.01 54.66
C SER H 49 6.15 -52.43 55.05
N GLY H 50 5.42 -52.98 56.04
CA GLY H 50 5.71 -54.31 56.54
C GLY H 50 4.74 -55.37 56.00
N ILE H 51 4.21 -55.13 54.79
CA ILE H 51 3.18 -55.97 54.19
C ILE H 51 3.76 -57.32 53.79
N VAL H 52 4.96 -57.32 53.18
CA VAL H 52 5.53 -58.52 52.58
C VAL H 52 6.50 -59.21 53.55
N ILE H 53 6.14 -60.44 53.96
CA ILE H 53 6.90 -61.28 54.88
C ILE H 53 7.17 -62.63 54.24
N GLN H 54 8.31 -63.25 54.60
CA GLN H 54 8.70 -64.52 53.99
C GLN H 54 7.91 -65.68 54.59
N GLY H 55 6.71 -65.88 54.03
CA GLY H 55 5.79 -66.91 54.50
C GLY H 55 6.14 -68.29 53.96
N THR H 56 5.73 -69.31 54.71
CA THR H 56 5.75 -70.70 54.30
C THR H 56 4.34 -71.26 54.46
N ASP H 57 4.00 -72.29 53.68
CA ASP H 57 2.67 -72.86 53.69
C ASP H 57 2.30 -73.37 55.08
N LEU H 58 3.26 -73.98 55.78
CA LEU H 58 3.02 -74.55 57.11
C LEU H 58 2.78 -73.43 58.12
N GLN H 59 3.75 -72.51 58.24
CA GLN H 59 3.78 -71.53 59.32
C GLN H 59 2.60 -70.57 59.19
N GLU H 60 2.24 -70.23 57.95
CA GLU H 60 1.06 -69.44 57.66
C GLU H 60 -0.18 -70.22 58.11
N ALA H 61 -0.20 -71.53 57.82
CA ALA H 61 -1.37 -72.37 58.03
C ALA H 61 -1.60 -72.65 59.52
N LEU H 62 -0.52 -72.94 60.27
CA LEU H 62 -0.66 -73.26 61.69
C LEU H 62 -1.07 -72.04 62.51
N ASP H 63 -0.62 -70.86 62.09
CA ASP H 63 -1.03 -69.60 62.68
C ASP H 63 -2.52 -69.38 62.42
N LYS H 64 -3.32 -69.47 63.49
CA LYS H 64 -4.77 -69.35 63.39
C LYS H 64 -5.37 -69.17 64.80
N ASN H 84 3.87 -83.48 69.72
CA ASN H 84 3.66 -84.96 69.80
C ASN H 84 2.18 -85.29 69.89
N THR H 85 1.47 -85.13 68.76
CA THR H 85 0.07 -85.50 68.66
C THR H 85 -0.08 -86.75 67.79
N PHE H 86 1.03 -87.48 67.62
CA PHE H 86 1.07 -88.64 66.74
C PHE H 86 1.61 -89.85 67.49
N THR H 87 1.14 -91.04 67.06
CA THR H 87 1.61 -92.29 67.61
C THR H 87 2.14 -93.16 66.47
N LEU H 88 3.43 -93.52 66.56
CA LEU H 88 4.09 -94.35 65.57
C LEU H 88 3.52 -95.77 65.64
N LEU H 89 3.46 -96.44 64.47
CA LEU H 89 2.96 -97.80 64.37
C LEU H 89 4.14 -98.77 64.32
N ALA H 95 -2.12 -101.88 57.72
CA ALA H 95 -1.79 -100.92 56.65
C ALA H 95 -2.72 -101.15 55.44
N LYS H 96 -3.69 -100.25 55.27
CA LYS H 96 -4.72 -100.33 54.24
C LYS H 96 -4.13 -100.06 52.86
N ILE H 97 -3.19 -99.10 52.78
CA ILE H 97 -2.56 -98.75 51.51
C ILE H 97 -1.19 -99.41 51.40
N SER H 98 -0.90 -99.94 50.20
CA SER H 98 0.30 -100.70 49.92
C SER H 98 1.51 -99.77 49.95
N LYS H 99 2.64 -100.31 50.41
CA LYS H 99 3.93 -99.63 50.37
C LYS H 99 4.31 -99.34 48.91
N GLU H 100 4.01 -100.31 48.03
CA GLU H 100 4.28 -100.20 46.61
C GLU H 100 3.28 -99.29 45.90
N GLN H 101 2.04 -99.21 46.40
CA GLN H 101 1.03 -98.28 45.88
C GLN H 101 1.39 -96.85 46.25
N LEU H 102 2.07 -96.67 47.39
CA LEU H 102 2.44 -95.36 47.91
C LEU H 102 3.54 -94.73 47.05
N LYS H 103 4.65 -95.48 46.86
CA LYS H 103 5.78 -95.04 46.05
C LYS H 103 5.32 -94.63 44.65
N LYS H 104 4.39 -95.40 44.07
CA LYS H 104 3.88 -95.17 42.73
C LYS H 104 3.06 -93.88 42.68
N LEU H 105 2.17 -93.67 43.67
CA LEU H 105 1.37 -92.47 43.75
C LEU H 105 2.28 -91.24 43.82
N HIS H 106 3.25 -91.30 44.75
CA HIS H 106 4.25 -90.26 44.96
C HIS H 106 4.94 -89.90 43.65
N SER H 107 5.40 -90.94 42.94
CA SER H 107 6.15 -90.79 41.70
C SER H 107 5.25 -90.30 40.57
N ASN H 108 3.93 -90.56 40.70
CA ASN H 108 2.96 -90.13 39.70
C ASN H 108 2.59 -88.65 39.90
N ILE H 109 2.37 -88.26 41.17
CA ILE H 109 2.03 -86.90 41.54
C ILE H 109 3.12 -85.94 41.05
N LEU H 110 4.38 -86.31 41.26
CA LEU H 110 5.51 -85.48 40.83
C LEU H 110 5.63 -85.50 39.31
N ASN H 111 5.70 -86.69 38.70
CA ASN H 111 5.95 -86.83 37.28
C ASN H 111 4.80 -86.27 36.44
N GLU H 112 3.75 -85.77 37.12
CA GLU H 112 2.69 -85.03 36.47
C GLU H 112 2.89 -83.52 36.72
N ILE H 113 3.16 -83.14 37.97
CA ILE H 113 3.40 -81.75 38.35
C ILE H 113 4.60 -81.20 37.58
N PHE H 114 5.65 -82.02 37.47
CA PHE H 114 6.87 -81.74 36.72
C PHE H 114 6.56 -81.51 35.25
N SER H 115 5.81 -82.45 34.65
CA SER H 115 5.48 -82.43 33.23
C SER H 115 4.53 -81.27 32.91
N GLN H 116 3.89 -80.70 33.94
CA GLN H 116 2.99 -79.58 33.79
C GLN H 116 3.75 -78.26 33.98
N SER H 117 4.82 -78.31 34.78
CA SER H 117 5.63 -77.14 35.09
C SER H 117 6.50 -76.74 33.90
N GLN H 118 6.62 -77.65 32.91
CA GLN H 118 7.32 -77.39 31.65
C GLN H 118 6.57 -76.30 30.88
N VAL H 119 7.34 -75.33 30.36
CA VAL H 119 6.77 -74.27 29.55
C VAL H 119 7.70 -74.02 28.35
N ASN H 120 7.20 -73.28 27.36
CA ASN H 120 7.98 -72.93 26.19
C ASN H 120 7.99 -71.42 26.03
N LYS H 121 9.11 -70.91 25.49
CA LYS H 121 9.21 -69.52 25.08
C LYS H 121 8.76 -69.43 23.63
N PRO H 122 7.90 -68.44 23.27
CA PRO H 122 7.46 -68.24 21.89
C PRO H 122 8.58 -68.03 20.88
N GLY H 123 9.52 -67.12 21.20
CA GLY H 123 10.65 -66.87 20.33
C GLY H 123 11.89 -66.46 21.12
N PRO H 124 12.98 -66.01 20.46
CA PRO H 124 14.15 -65.52 21.18
C PRO H 124 13.75 -64.27 21.95
N LEU H 125 14.11 -64.22 23.24
CA LEU H 125 13.66 -63.14 24.09
C LEU H 125 14.53 -61.91 23.88
N THR H 126 15.74 -62.12 23.35
CA THR H 126 16.60 -61.02 22.93
C THR H 126 16.94 -61.19 21.46
N VAL H 127 16.51 -60.22 20.66
CA VAL H 127 16.84 -60.19 19.24
C VAL H 127 18.16 -59.46 19.06
N PRO H 128 19.02 -59.86 18.09
CA PRO H 128 20.21 -59.08 17.78
C PRO H 128 19.81 -57.78 17.10
N PHE H 129 20.80 -56.90 16.94
CA PHE H 129 20.68 -55.50 16.54
C PHE H 129 20.77 -54.62 17.79
N LYS I 10 -10.24 -90.72 52.56
CA LYS I 10 -8.87 -90.53 52.00
C LYS I 10 -8.54 -89.04 52.01
N GLY I 11 -7.23 -88.75 51.98
CA GLY I 11 -6.71 -87.39 51.92
C GLY I 11 -5.20 -87.41 51.71
N THR I 12 -4.68 -86.46 50.92
CA THR I 12 -3.25 -86.44 50.63
C THR I 12 -2.62 -85.09 50.93
N ILE I 13 -1.37 -85.17 51.42
CA ILE I 13 -0.48 -84.03 51.62
C ILE I 13 0.84 -84.35 50.95
N ALA I 14 1.26 -83.52 50.00
CA ALA I 14 2.62 -83.63 49.47
C ALA I 14 3.42 -82.42 49.95
N PHE I 15 4.31 -82.65 50.93
CA PHE I 15 5.12 -81.58 51.48
C PHE I 15 6.61 -81.83 51.22
N ASP I 16 7.47 -80.95 51.77
CA ASP I 16 8.90 -80.98 51.46
C ASP I 16 9.76 -80.68 52.68
N THR I 17 11.08 -80.57 52.44
CA THR I 17 12.10 -80.35 53.45
C THR I 17 12.16 -78.90 53.93
N HIS I 18 11.28 -78.04 53.39
CA HIS I 18 11.16 -76.67 53.84
C HIS I 18 9.88 -76.48 54.66
N GLY I 19 8.85 -77.27 54.32
CA GLY I 19 7.56 -77.20 54.99
C GLY I 19 6.54 -76.40 54.18
N ASN I 20 6.36 -76.79 52.92
CA ASN I 20 5.37 -76.17 52.04
C ASN I 20 4.65 -77.26 51.25
N VAL I 21 3.34 -77.07 51.08
CA VAL I 21 2.53 -78.06 50.40
C VAL I 21 2.80 -77.97 48.89
N ILE I 22 2.69 -79.13 48.20
CA ILE I 22 2.89 -79.24 46.76
C ILE I 22 1.54 -79.57 46.12
N GLU I 23 0.78 -80.46 46.78
CA GLU I 23 -0.63 -80.68 46.49
C GLU I 23 -1.37 -81.00 47.79
N SER I 24 -2.60 -80.49 47.90
CA SER I 24 -3.39 -80.62 49.10
C SER I 24 -4.84 -81.00 48.75
N THR I 25 -5.22 -82.23 49.09
CA THR I 25 -6.58 -82.71 48.83
C THR I 25 -7.14 -83.48 50.03
N GLY I 26 -8.48 -83.51 50.12
CA GLY I 26 -9.22 -84.24 51.13
C GLY I 26 -9.04 -83.64 52.52
N VAL I 27 -8.75 -84.52 53.49
CA VAL I 27 -8.40 -84.15 54.85
C VAL I 27 -7.19 -83.22 54.83
N GLY I 28 -6.32 -83.41 53.83
CA GLY I 28 -5.13 -82.62 53.62
C GLY I 28 -5.39 -81.11 53.59
N SER I 29 -6.49 -80.71 52.95
CA SER I 29 -6.88 -79.30 52.83
C SER I 29 -6.94 -78.62 54.21
N GLN I 30 -7.63 -79.28 55.16
CA GLN I 30 -7.85 -78.73 56.49
C GLN I 30 -6.61 -78.95 57.37
N ARG I 31 -5.92 -80.07 57.13
CA ARG I 31 -4.77 -80.47 57.93
C ARG I 31 -3.48 -80.19 57.18
N ILE I 32 -2.88 -79.02 57.46
CA ILE I 32 -1.58 -78.63 56.92
C ILE I 32 -0.55 -78.65 58.05
N GLU I 33 -1.02 -78.27 59.24
CA GLU I 33 -0.24 -78.21 60.48
C GLU I 33 0.35 -79.57 60.82
N ASP I 34 -0.19 -80.64 60.23
CA ASP I 34 0.28 -82.01 60.39
C ASP I 34 1.76 -82.10 60.05
N ILE I 35 2.17 -81.40 58.97
CA ILE I 35 3.56 -81.27 58.53
C ILE I 35 4.44 -80.81 59.70
N GLY I 36 3.86 -80.04 60.63
CA GLY I 36 4.53 -79.54 61.81
C GLY I 36 5.24 -80.64 62.60
N ASP I 37 4.50 -81.71 62.93
CA ASP I 37 5.06 -82.84 63.65
C ASP I 37 5.50 -83.94 62.67
N LEU I 38 4.86 -84.00 61.49
CA LEU I 38 5.06 -85.08 60.54
C LEU I 38 6.51 -85.17 60.04
N SER I 39 7.17 -84.02 59.91
CA SER I 39 8.54 -83.94 59.43
C SER I 39 9.50 -84.73 60.32
N LYS I 40 9.11 -84.95 61.59
CA LYS I 40 9.96 -85.59 62.58
C LYS I 40 9.94 -87.11 62.46
N VAL I 41 8.80 -87.67 62.05
CA VAL I 41 8.57 -89.11 62.05
C VAL I 41 9.73 -89.82 61.33
N THR I 42 10.47 -90.63 62.09
CA THR I 42 11.62 -91.36 61.58
C THR I 42 11.16 -92.52 60.72
N LEU I 43 11.41 -92.41 59.42
CA LEU I 43 11.12 -93.47 58.45
C LEU I 43 12.25 -94.51 58.52
N ASP I 44 12.02 -95.68 57.91
CA ASP I 44 13.07 -96.65 57.69
C ASP I 44 13.97 -96.19 56.54
N ALA I 45 15.00 -96.98 56.23
CA ALA I 45 15.94 -96.68 55.15
C ALA I 45 15.24 -96.66 53.79
N GLU I 46 14.22 -97.51 53.62
CA GLU I 46 13.41 -97.56 52.42
C GLU I 46 12.56 -96.30 52.30
N GLY I 47 12.53 -95.49 53.37
CA GLY I 47 11.91 -94.17 53.35
C GLY I 47 10.44 -94.17 53.77
N PHE I 48 10.03 -95.18 54.55
CA PHE I 48 8.63 -95.34 54.91
C PHE I 48 8.43 -95.30 56.42
N ALA I 49 7.27 -94.77 56.82
CA ALA I 49 6.73 -94.88 58.16
C ALA I 49 5.21 -94.87 58.06
N GLN I 50 4.56 -95.53 59.02
CA GLN I 50 3.12 -95.53 59.15
C GLN I 50 2.75 -95.01 60.54
N VAL I 51 1.92 -93.96 60.60
CA VAL I 51 1.58 -93.32 61.88
C VAL I 51 0.11 -92.92 61.96
N GLN I 52 -0.32 -92.55 63.17
CA GLN I 52 -1.62 -91.95 63.44
C GLN I 52 -1.61 -91.33 64.83
N GLY I 53 -2.24 -90.16 64.95
CA GLY I 53 -2.49 -89.56 66.25
C GLY I 53 -3.91 -89.04 66.33
N ASP I 54 -4.74 -89.49 65.39
CA ASP I 54 -6.09 -88.98 65.21
C ASP I 54 -6.95 -89.99 64.44
N SER I 55 -8.10 -89.52 63.95
CA SER I 55 -9.23 -90.29 63.43
C SER I 55 -8.85 -91.28 62.32
N LEU I 56 -7.78 -91.01 61.55
CA LEU I 56 -7.41 -91.84 60.41
C LEU I 56 -5.94 -92.29 60.50
N LEU I 57 -5.52 -93.17 59.58
CA LEU I 57 -4.14 -93.61 59.46
C LEU I 57 -3.38 -92.76 58.45
N VAL I 58 -2.12 -92.47 58.77
CA VAL I 58 -1.24 -91.62 57.96
C VAL I 58 -0.07 -92.46 57.47
N HIS I 59 0.18 -92.41 56.16
CA HIS I 59 1.30 -93.11 55.56
C HIS I 59 2.30 -92.11 54.98
N LEU I 60 3.59 -92.45 55.06
CA LEU I 60 4.64 -91.52 54.65
C LEU I 60 5.62 -92.18 53.69
N TYR I 61 5.93 -91.45 52.61
CA TYR I 61 7.08 -91.73 51.78
C TYR I 61 7.80 -90.42 51.41
N LYS I 62 9.05 -90.34 51.85
CA LYS I 62 9.94 -89.24 51.50
C LYS I 62 10.99 -89.74 50.51
N ARG I 63 10.86 -89.29 49.26
CA ARG I 63 11.79 -89.66 48.19
C ARG I 63 12.38 -88.40 47.58
N ASN I 64 13.72 -88.37 47.50
CA ASN I 64 14.53 -87.25 47.07
C ASN I 64 14.05 -85.94 47.73
N ASP I 65 13.85 -85.98 49.05
CA ASP I 65 13.54 -84.82 49.87
C ASP I 65 12.13 -84.27 49.66
N ILE I 66 11.26 -85.03 48.96
CA ILE I 66 9.84 -84.70 48.88
C ILE I 66 9.02 -85.78 49.61
N THR I 67 8.34 -85.34 50.68
CA THR I 67 7.57 -86.25 51.52
C THR I 67 6.10 -86.23 51.11
N LEU I 68 5.62 -87.33 50.53
CA LEU I 68 4.20 -87.54 50.33
C LEU I 68 3.60 -88.14 51.60
N ALA I 69 2.50 -87.54 52.06
CA ALA I 69 1.75 -88.01 53.21
C ALA I 69 0.32 -88.29 52.78
N VAL I 70 -0.21 -89.47 53.14
CA VAL I 70 -1.59 -89.81 52.81
C VAL I 70 -2.40 -90.11 54.07
N TYR I 71 -3.73 -90.06 53.91
CA TYR I 71 -4.68 -90.31 54.97
C TYR I 71 -5.67 -91.38 54.49
N THR I 72 -5.91 -92.39 55.34
CA THR I 72 -6.74 -93.53 54.97
C THR I 72 -7.77 -93.82 56.05
N SER I 73 -8.93 -94.34 55.61
CA SER I 73 -10.05 -94.71 56.45
C SER I 73 -9.62 -95.73 57.52
N ALA I 74 -9.80 -95.36 58.79
CA ALA I 74 -9.40 -96.20 59.91
C ALA I 74 -10.60 -97.03 60.38
N VAL J 2 20.86 -57.72 20.96
CA VAL J 2 21.08 -57.43 22.41
C VAL J 2 19.85 -56.70 22.98
N MET J 3 18.87 -56.43 22.11
CA MET J 3 17.65 -55.72 22.49
C MET J 3 16.54 -56.73 22.80
N LEU J 4 15.64 -56.36 23.74
CA LEU J 4 14.60 -57.26 24.23
C LEU J 4 13.45 -57.38 23.23
N HIS J 5 12.90 -58.59 23.08
CA HIS J 5 11.73 -58.84 22.27
C HIS J 5 10.48 -58.87 23.14
N SER J 6 9.79 -57.72 23.18
CA SER J 6 8.63 -57.48 24.04
C SER J 6 7.54 -58.53 23.84
N LYS J 7 7.19 -58.81 22.58
CA LYS J 7 6.04 -59.65 22.24
C LYS J 7 6.22 -61.07 22.77
N ASN J 8 7.47 -61.54 22.85
CA ASN J 8 7.79 -62.88 23.30
C ASN J 8 7.84 -62.96 24.83
N VAL J 9 8.44 -61.94 25.45
CA VAL J 9 8.54 -61.84 26.89
C VAL J 9 7.12 -61.83 27.46
N LYS J 10 6.26 -61.01 26.86
CA LYS J 10 4.83 -61.01 27.14
C LYS J 10 4.24 -62.39 26.90
N GLY J 11 4.64 -63.02 25.78
CA GLY J 11 4.15 -64.32 25.38
C GLY J 11 4.45 -65.41 26.40
N PHE J 12 5.72 -65.52 26.78
CA PHE J 12 6.21 -66.51 27.75
C PHE J 12 5.52 -66.32 29.10
N LEU J 13 5.40 -65.07 29.57
CA LEU J 13 4.82 -64.75 30.86
C LEU J 13 3.33 -65.12 30.86
N GLU J 14 2.65 -64.90 29.74
CA GLU J 14 1.26 -65.31 29.56
C GLU J 14 1.14 -66.82 29.68
N ASN J 15 2.20 -67.54 29.32
CA ASN J 15 2.26 -68.99 29.43
C ASN J 15 2.51 -69.42 30.89
N THR J 16 3.22 -68.58 31.65
CA THR J 16 3.49 -68.89 33.05
C THR J 16 2.25 -68.63 33.91
N LEU J 17 1.21 -68.04 33.31
CA LEU J 17 -0.05 -67.82 34.02
C LEU J 17 -0.77 -69.14 34.27
N LYS J 18 -0.69 -70.08 33.30
CA LYS J 18 -1.53 -71.28 33.25
C LYS J 18 -1.36 -72.14 34.51
N PRO J 19 -2.48 -72.61 35.12
CA PRO J 19 -2.44 -73.31 36.41
C PRO J 19 -2.32 -74.83 36.29
N TYR J 20 -2.29 -75.50 37.44
CA TYR J 20 -2.17 -76.96 37.50
C TYR J 20 -3.55 -77.61 37.54
N ASP J 21 -3.66 -78.73 36.83
CA ASP J 21 -4.85 -79.56 36.81
C ASP J 21 -4.40 -81.02 36.87
N LEU J 22 -4.36 -81.58 38.09
CA LEU J 22 -3.80 -82.90 38.34
C LEU J 22 -4.86 -83.98 38.11
N HIS J 23 -4.43 -85.07 37.46
CA HIS J 23 -5.24 -86.26 37.27
C HIS J 23 -4.86 -87.32 38.30
N SER J 24 -3.62 -87.24 38.82
CA SER J 24 -3.06 -88.24 39.71
C SER J 24 -3.86 -88.33 41.02
N VAL J 25 -4.11 -87.16 41.63
CA VAL J 25 -5.14 -87.00 42.65
C VAL J 25 -6.22 -86.12 42.02
N ASP J 26 -7.14 -85.59 42.83
CA ASP J 26 -8.07 -84.60 42.32
C ASP J 26 -7.60 -83.21 42.74
N PHE J 27 -6.48 -82.78 42.15
CA PHE J 27 -5.88 -81.51 42.54
C PHE J 27 -6.02 -80.48 41.42
N LYS J 28 -6.32 -79.24 41.83
CA LYS J 28 -6.43 -78.10 40.93
C LYS J 28 -5.91 -76.84 41.62
N THR J 29 -5.53 -75.86 40.80
CA THR J 29 -5.12 -74.55 41.28
C THR J 29 -5.79 -73.47 40.43
N SER J 30 -6.02 -72.30 41.05
CA SER J 30 -6.36 -71.09 40.32
C SER J 30 -5.15 -70.70 39.45
N SER J 31 -5.39 -69.91 38.40
CA SER J 31 -4.29 -69.41 37.58
C SER J 31 -3.46 -68.42 38.40
N LEU J 32 -2.25 -68.10 37.92
CA LEU J 32 -1.46 -67.05 38.54
C LEU J 32 -2.17 -65.71 38.30
N GLN J 33 -2.42 -64.98 39.39
CA GLN J 33 -3.19 -63.74 39.36
C GLN J 33 -2.54 -62.75 38.38
N SER J 34 -1.22 -62.60 38.49
CA SER J 34 -0.40 -61.86 37.52
C SER J 34 1.06 -62.28 37.63
N SER J 35 1.79 -62.22 36.50
CA SER J 35 3.19 -62.63 36.41
C SER J 35 4.04 -61.54 35.74
N MET J 36 5.23 -61.28 36.29
CA MET J 36 6.02 -60.10 35.91
C MET J 36 7.52 -60.39 35.81
N ILE J 37 8.17 -59.76 34.82
CA ILE J 37 9.60 -59.57 34.80
C ILE J 37 9.88 -58.10 35.10
N ILE J 38 10.53 -57.87 36.25
CA ILE J 38 10.81 -56.53 36.74
C ILE J 38 12.32 -56.33 36.89
N THR J 39 12.75 -55.06 36.84
CA THR J 39 14.15 -54.69 37.01
C THR J 39 14.60 -54.96 38.44
N ALA J 40 15.88 -55.30 38.60
CA ALA J 40 16.46 -55.56 39.91
C ALA J 40 16.94 -54.27 40.57
N THR J 41 17.14 -53.22 39.76
CA THR J 41 17.75 -51.98 40.21
C THR J 41 16.78 -51.18 41.10
N ASN J 42 15.58 -50.90 40.56
CA ASN J 42 14.65 -49.99 41.20
C ASN J 42 13.28 -50.64 41.35
N GLY J 43 13.10 -51.79 40.71
CA GLY J 43 11.85 -52.52 40.75
C GLY J 43 10.77 -51.85 39.90
N GLY J 44 11.11 -51.58 38.64
CA GLY J 44 10.15 -51.11 37.66
C GLY J 44 9.75 -52.26 36.74
N ILE J 45 8.49 -52.26 36.27
CA ILE J 45 7.99 -53.36 35.45
C ILE J 45 8.57 -53.29 34.05
N LEU J 46 9.02 -54.45 33.53
CA LEU J 46 9.43 -54.55 32.13
C LEU J 46 8.34 -55.24 31.30
N SER J 47 7.85 -56.40 31.76
CA SER J 47 6.73 -57.06 31.11
C SER J 47 5.83 -57.75 32.15
N TYR J 48 4.57 -57.98 31.78
CA TYR J 48 3.56 -58.46 32.73
C TYR J 48 2.42 -59.17 32.01
N ALA J 49 1.87 -60.21 32.69
CA ALA J 49 0.71 -60.95 32.21
C ALA J 49 -0.33 -61.03 33.33
N THR J 50 -1.61 -60.85 32.97
CA THR J 50 -2.72 -60.87 33.92
C THR J 50 -3.88 -61.69 33.34
N SER J 51 -4.82 -62.09 34.21
CA SER J 51 -5.88 -63.02 33.87
C SER J 51 -7.24 -62.30 33.83
N ASN J 64 -4.70 -55.98 40.37
CA ASN J 64 -5.73 -55.73 39.33
C ASN J 64 -5.29 -54.62 38.37
N SER J 65 -5.36 -53.36 38.82
CA SER J 65 -5.01 -52.18 38.03
C SER J 65 -3.52 -52.15 37.67
N VAL J 66 -3.14 -51.34 36.68
CA VAL J 66 -1.78 -51.27 36.14
C VAL J 66 -0.82 -50.63 37.15
N ASN J 67 -1.25 -49.54 37.79
CA ASN J 67 -0.47 -48.86 38.83
C ASN J 67 -0.33 -49.79 40.04
N ASN J 68 -1.37 -50.61 40.26
CA ASN J 68 -1.42 -51.55 41.37
C ASN J 68 -0.35 -52.64 41.17
N LEU J 69 -0.18 -53.10 39.93
CA LEU J 69 0.82 -54.12 39.63
C LEU J 69 2.23 -53.53 39.73
N LYS J 70 2.35 -52.23 39.44
CA LYS J 70 3.60 -51.50 39.58
C LYS J 70 3.88 -51.25 41.06
N MET J 71 2.81 -51.28 41.87
CA MET J 71 2.89 -51.04 43.30
C MET J 71 3.31 -52.31 44.03
N MET J 72 2.65 -53.44 43.69
CA MET J 72 3.05 -54.74 44.20
C MET J 72 4.52 -54.97 43.84
N SER J 73 4.85 -54.71 42.57
CA SER J 73 6.21 -54.81 42.04
C SER J 73 7.20 -54.04 42.89
N LEU J 74 6.86 -52.77 43.20
CA LEU J 74 7.69 -51.90 44.02
C LEU J 74 7.99 -52.56 45.36
N LEU J 75 6.94 -52.92 46.10
CA LEU J 75 7.05 -53.48 47.45
C LEU J 75 7.97 -54.69 47.44
N ILE J 76 7.72 -55.62 46.51
CA ILE J 76 8.35 -56.94 46.48
C ILE J 76 9.86 -56.82 46.23
N LYS J 77 10.25 -55.99 45.25
CA LYS J 77 11.65 -55.74 44.99
C LYS J 77 12.34 -55.17 46.23
N ASP J 78 11.63 -54.27 46.94
CA ASP J 78 12.18 -53.54 48.07
C ASP J 78 12.29 -54.42 49.32
N LYS J 79 11.66 -55.61 49.30
CA LYS J 79 11.83 -56.58 50.38
C LYS J 79 12.91 -57.59 49.96
N TRP J 80 13.00 -57.85 48.66
CA TRP J 80 13.97 -58.79 48.10
C TRP J 80 15.38 -58.24 48.26
N SER J 81 15.54 -56.95 48.01
CA SER J 81 16.81 -56.25 48.20
C SER J 81 17.29 -56.42 49.64
N GLU J 82 16.37 -56.18 50.59
CA GLU J 82 16.61 -56.32 52.02
C GLU J 82 17.22 -57.69 52.33
N ASP J 83 16.53 -58.75 51.89
CA ASP J 83 16.91 -60.13 52.19
C ASP J 83 18.23 -60.48 51.52
N GLU J 84 18.40 -60.06 50.26
CA GLU J 84 19.59 -60.39 49.48
C GLU J 84 20.83 -59.77 50.12
N ASN J 85 20.65 -58.65 50.84
CA ASN J 85 21.76 -57.89 51.37
C ASN J 85 22.23 -58.41 52.73
N ASP J 86 21.30 -58.87 53.58
CA ASP J 86 21.66 -59.31 54.93
C ASP J 86 22.53 -60.56 54.86
N SER J 92 17.26 -67.81 56.27
CA SER J 92 17.61 -69.20 55.87
C SER J 92 16.36 -69.95 55.38
N ASN J 93 15.26 -69.81 56.12
CA ASN J 93 14.11 -70.70 56.14
C ASN J 93 13.34 -70.77 54.82
N SER J 94 12.81 -69.62 54.36
CA SER J 94 11.92 -69.54 53.22
C SER J 94 12.68 -69.06 51.98
N CYS J 95 14.01 -69.18 52.06
CA CYS J 95 14.88 -68.83 50.95
C CYS J 95 15.43 -70.11 50.34
N TYR J 96 15.35 -70.18 49.00
CA TYR J 96 15.62 -71.41 48.28
C TYR J 96 16.82 -71.22 47.36
N PRO J 97 18.05 -71.67 47.72
CA PRO J 97 19.15 -71.72 46.76
C PRO J 97 18.91 -72.76 45.68
N VAL J 98 19.03 -72.34 44.41
CA VAL J 98 18.82 -73.22 43.27
C VAL J 98 19.89 -73.01 42.20
N GLU J 99 20.03 -74.02 41.33
CA GLU J 99 20.95 -73.99 40.21
C GLU J 99 20.16 -74.25 38.93
N ILE J 100 20.30 -73.34 37.96
CA ILE J 100 19.74 -73.51 36.62
C ILE J 100 20.88 -73.48 35.61
N ASP J 101 21.11 -74.61 34.95
CA ASP J 101 22.12 -74.79 33.92
C ASP J 101 23.48 -74.26 34.40
N SER J 102 23.87 -74.63 35.62
CA SER J 102 25.14 -74.28 36.26
C SER J 102 25.29 -72.79 36.53
N PHE J 103 24.19 -72.04 36.47
CA PHE J 103 24.10 -70.69 37.01
C PHE J 103 23.27 -70.75 38.29
N LYS J 104 23.60 -69.91 39.28
CA LYS J 104 22.93 -70.01 40.58
C LYS J 104 22.10 -68.78 40.92
N THR J 105 21.01 -69.02 41.66
CA THR J 105 20.05 -68.00 42.08
C THR J 105 19.30 -68.45 43.34
N LYS J 106 18.58 -67.51 43.95
CA LYS J 106 17.72 -67.79 45.09
C LYS J 106 16.26 -67.53 44.71
N ILE J 107 15.36 -68.40 45.21
CA ILE J 107 13.93 -68.21 45.08
C ILE J 107 13.35 -67.94 46.46
N TYR J 108 12.47 -66.93 46.52
CA TYR J 108 11.85 -66.54 47.78
C TYR J 108 10.34 -66.76 47.69
N THR J 109 9.75 -67.18 48.82
CA THR J 109 8.31 -67.24 49.00
C THR J 109 7.88 -66.10 49.90
N TYR J 110 7.05 -65.19 49.37
CA TYR J 110 6.64 -64.02 50.10
C TYR J 110 5.12 -63.95 50.26
N GLU J 111 4.67 -63.39 51.39
CA GLU J 111 3.27 -63.22 51.67
C GLU J 111 2.85 -61.78 51.42
N MET J 112 1.66 -61.61 50.86
CA MET J 112 1.11 -60.28 50.61
C MET J 112 -0.41 -60.29 50.79
N GLU J 113 -0.86 -60.13 52.03
CA GLU J 113 -2.25 -59.89 52.38
C GLU J 113 -3.20 -60.82 51.61
N ASP J 114 -3.10 -62.13 51.84
CA ASP J 114 -3.90 -63.17 51.19
C ASP J 114 -3.34 -63.56 49.81
N LEU J 115 -2.23 -62.95 49.38
CA LEU J 115 -1.59 -63.35 48.13
C LEU J 115 -0.27 -64.07 48.42
N HIS J 116 -0.08 -65.20 47.73
CA HIS J 116 1.18 -65.93 47.75
C HIS J 116 2.01 -65.50 46.54
N THR J 117 3.30 -65.22 46.78
CA THR J 117 4.19 -64.73 45.72
C THR J 117 5.54 -65.44 45.75
N CYS J 118 6.09 -65.66 44.55
CA CYS J 118 7.45 -66.14 44.37
C CYS J 118 8.25 -65.12 43.57
N VAL J 119 9.38 -64.69 44.14
CA VAL J 119 10.31 -63.80 43.45
C VAL J 119 11.67 -64.49 43.34
N ALA J 120 12.20 -64.54 42.12
CA ALA J 120 13.49 -65.14 41.87
C ALA J 120 14.26 -64.28 40.87
N GLN J 121 15.55 -64.09 41.15
CA GLN J 121 16.42 -63.32 40.30
C GLN J 121 16.88 -64.19 39.14
N ILE J 122 16.75 -63.66 37.91
CA ILE J 122 17.32 -64.32 36.74
C ILE J 122 18.84 -64.22 36.86
N PRO J 123 19.57 -65.35 36.79
CA PRO J 123 20.99 -65.40 37.17
C PRO J 123 21.92 -64.43 36.43
N ASN J 124 22.74 -63.74 37.22
CA ASN J 124 23.77 -62.81 36.77
C ASN J 124 23.16 -61.53 36.17
N SER J 125 21.84 -61.52 36.00
CA SER J 125 21.15 -60.42 35.32
C SER J 125 20.73 -59.35 36.32
N ASP J 126 20.16 -58.27 35.77
CA ASP J 126 19.52 -57.20 36.53
C ASP J 126 18.01 -57.33 36.36
N LEU J 127 17.50 -58.55 36.57
CA LEU J 127 16.10 -58.86 36.34
C LEU J 127 15.60 -59.86 37.38
N LEU J 128 14.30 -59.76 37.70
CA LEU J 128 13.63 -60.73 38.55
C LEU J 128 12.39 -61.26 37.82
N LEU J 129 12.15 -62.57 37.96
CA LEU J 129 10.84 -63.11 37.64
C LEU J 129 10.00 -63.06 38.91
N LEU J 130 8.70 -62.76 38.75
CA LEU J 130 7.82 -62.60 39.89
C LEU J 130 6.45 -63.17 39.56
N PHE J 131 6.09 -64.21 40.30
CA PHE J 131 4.76 -64.80 40.23
C PHE J 131 3.91 -64.25 41.37
N ILE J 132 2.68 -63.84 41.05
CA ILE J 132 1.72 -63.43 42.05
C ILE J 132 0.46 -64.28 41.89
N ALA J 133 0.13 -65.00 42.96
CA ALA J 133 -0.97 -65.95 42.93
C ALA J 133 -1.88 -65.77 44.15
N GLU J 134 -3.12 -66.28 44.03
CA GLU J 134 -4.09 -66.34 45.10
C GLU J 134 -3.51 -67.09 46.30
N GLY J 135 -4.10 -66.85 47.47
CA GLY J 135 -3.67 -67.48 48.71
C GLY J 135 -3.82 -69.01 48.68
N SER J 136 -4.78 -69.49 47.87
CA SER J 136 -5.09 -70.90 47.73
C SER J 136 -3.94 -71.68 47.10
N PHE J 137 -3.23 -71.05 46.16
CA PHE J 137 -2.11 -71.67 45.47
C PHE J 137 -1.01 -71.97 46.49
N PRO J 138 -0.52 -73.23 46.57
CA PRO J 138 0.49 -73.60 47.54
C PRO J 138 1.82 -72.89 47.27
N TYR J 139 2.53 -72.57 48.36
CA TYR J 139 3.84 -71.94 48.28
C TYR J 139 4.82 -72.86 47.56
N GLY J 140 4.87 -74.13 47.99
CA GLY J 140 5.82 -75.09 47.47
C GLY J 140 5.65 -75.38 45.98
N LEU J 141 4.38 -75.50 45.55
CA LEU J 141 4.03 -75.78 44.17
C LEU J 141 4.47 -74.63 43.27
N LEU J 142 4.32 -73.39 43.77
CA LEU J 142 4.72 -72.17 43.08
C LEU J 142 6.23 -72.13 42.88
N VAL J 143 7.00 -72.61 43.87
CA VAL J 143 8.46 -72.63 43.80
C VAL J 143 8.91 -73.54 42.66
N ILE J 144 8.25 -74.70 42.53
CA ILE J 144 8.53 -75.62 41.43
C ILE J 144 8.20 -74.91 40.11
N LYS J 145 7.06 -74.21 40.10
CA LYS J 145 6.55 -73.52 38.91
C LYS J 145 7.54 -72.47 38.42
N ILE J 146 8.24 -71.80 39.35
CA ILE J 146 9.17 -70.73 39.03
C ILE J 146 10.57 -71.29 38.74
N GLU J 147 11.00 -72.31 39.50
CA GLU J 147 12.27 -73.00 39.26
C GLU J 147 12.29 -73.54 37.83
N ARG J 148 11.14 -74.05 37.38
CA ARG J 148 11.06 -74.74 36.10
C ARG J 148 10.74 -73.78 34.96
N ALA J 149 10.07 -72.65 35.27
CA ALA J 149 9.82 -71.63 34.25
C ALA J 149 11.11 -70.91 33.90
N MET J 150 12.01 -70.78 34.90
CA MET J 150 13.25 -70.05 34.80
C MET J 150 14.18 -70.66 33.76
N ARG J 151 14.16 -72.00 33.66
CA ARG J 151 15.05 -72.77 32.79
C ARG J 151 14.88 -72.33 31.33
N GLU J 152 13.64 -72.03 30.96
CA GLU J 152 13.28 -71.64 29.60
C GLU J 152 13.57 -70.16 29.36
N LEU J 153 14.29 -69.50 30.27
CA LEU J 153 14.63 -68.08 30.15
C LEU J 153 16.13 -67.85 29.92
N THR J 154 16.85 -68.83 29.33
CA THR J 154 18.31 -68.81 29.26
C THR J 154 18.86 -67.62 28.46
N ASP J 155 17.99 -66.89 27.76
CA ASP J 155 18.41 -65.80 26.89
C ASP J 155 18.72 -64.55 27.71
N LEU J 156 17.99 -64.37 28.82
CA LEU J 156 18.06 -63.15 29.63
C LEU J 156 19.15 -63.29 30.70
N PHE J 157 19.73 -64.48 30.81
CA PHE J 157 20.75 -64.78 31.81
C PHE J 157 21.93 -63.82 31.66
N GLY J 158 22.21 -63.08 32.73
CA GLY J 158 23.32 -62.13 32.76
C GLY J 158 23.09 -60.94 31.83
N TYR J 159 21.87 -60.40 31.86
CA TYR J 159 21.50 -59.22 31.07
C TYR J 159 21.72 -57.97 31.91
N LYS J 160 22.78 -57.22 31.59
CA LYS J 160 23.04 -55.95 32.26
C LYS J 160 22.14 -54.87 31.65
N LEU J 161 21.43 -54.14 32.51
CA LEU J 161 20.42 -53.16 32.10
C LEU J 161 21.10 -51.91 31.54
N GLY J 162 21.48 -51.95 30.26
CA GLY J 162 22.24 -50.90 29.61
C GLY J 162 21.51 -49.58 29.53
PG GNP K . -10.42 -2.63 -10.50
O1G GNP K . -11.68 -1.95 -10.04
O2G GNP K . -10.21 -3.84 -9.62
O3G GNP K . -10.63 -3.08 -11.93
N3B GNP K . -9.18 -1.56 -10.42
PB GNP K . -8.91 -0.39 -11.53
O1B GNP K . -7.74 -0.74 -12.41
O2B GNP K . -10.21 0.00 -12.17
O3A GNP K . -8.42 0.91 -10.73
PA GNP K . -9.33 2.18 -10.33
O1A GNP K . -9.23 3.21 -11.40
O2A GNP K . -10.68 1.64 -10.00
O5' GNP K . -8.64 2.71 -8.99
C5' GNP K . -7.19 2.81 -8.87
C4' GNP K . -6.85 3.77 -7.76
O4' GNP K . -5.44 4.09 -7.82
C3' GNP K . -7.63 5.09 -7.78
O3' GNP K . -8.41 5.23 -6.61
C2' GNP K . -6.57 6.19 -7.91
O2' GNP K . -6.63 7.12 -6.85
C1' GNP K . -5.22 5.48 -7.94
N9 GNP K . -4.46 5.75 -9.16
C8 GNP K . -4.84 5.41 -10.43
N7 GNP K . -3.98 5.79 -11.35
C5 GNP K . -2.97 6.43 -10.65
C6 GNP K . -1.78 7.05 -11.11
O6 GNP K . -1.36 7.15 -12.28
N1 GNP K . -1.01 7.59 -10.08
C2 GNP K . -1.36 7.54 -8.75
N2 GNP K . -0.52 8.11 -7.88
N3 GNP K . -2.50 6.95 -8.31
C4 GNP K . -3.25 6.42 -9.30
MG MG L . -12.65 0.74 -11.01
PG GNP M . 7.76 25.87 11.94
O1G GNP M . 8.44 26.77 10.94
O2G GNP M . 8.80 24.91 12.48
O3G GNP M . 7.28 26.71 13.09
N3B GNP M . 6.52 25.08 11.23
PB GNP M . 5.52 25.70 10.08
O1B GNP M . 4.58 26.69 10.72
O2B GNP M . 6.33 26.16 8.89
O3A GNP M . 4.53 24.58 9.52
PA GNP M . 4.41 24.12 7.99
O1A GNP M . 4.27 25.33 7.13
O2A GNP M . 5.56 23.21 7.73
O5' GNP M . 3.04 23.26 7.97
C5' GNP M . 2.85 22.16 8.90
C4' GNP M . 2.46 20.92 8.14
O4' GNP M . 1.03 20.93 7.90
C3' GNP M . 3.15 20.73 6.78
O3' GNP M . 3.90 19.53 6.74
C2' GNP M . 2.03 20.74 5.73
O2' GNP M . 2.01 19.60 4.91
C1' GNP M . 0.72 20.84 6.51
N9 GNP M . -0.09 22.00 6.11
C8 GNP M . 0.36 23.29 6.00
N7 GNP M . -0.57 24.12 5.59
C5 GNP M . -1.71 23.35 5.42
C6 GNP M . -3.02 23.69 5.00
O6 GNP M . -3.46 24.80 4.67
N1 GNP M . -3.88 22.58 4.96
C2 GNP M . -3.52 21.31 5.29
N2 GNP M . -4.46 20.37 5.20
N3 GNP M . -2.27 20.98 5.69
C4 GNP M . -1.42 22.03 5.73
MG MG N . 8.57 25.83 9.19
PG GNP O . 21.86 -8.33 4.38
O1G GNP O . 22.32 -7.10 5.12
O2G GNP O . 22.20 -8.13 2.92
O3G GNP O . 22.65 -9.52 4.86
N3B GNP O . 20.25 -8.58 4.58
PB GNP O . 19.53 -10.00 5.01
O1B GNP O . 18.84 -10.63 3.83
O2B GNP O . 20.49 -10.85 5.80
O3A GNP O . 18.39 -9.62 6.06
PA GNP O . 18.51 -9.70 7.66
O1A GNP O . 18.51 -11.13 8.08
O2A GNP O . 19.68 -8.86 8.04
O5' GNP O . 17.16 -9.00 8.18
C5' GNP O . 15.94 -9.00 7.39
C4' GNP O . 14.84 -8.39 8.22
O4' GNP O . 13.57 -8.89 7.73
C3' GNP O . 14.90 -8.71 9.72
O3' GNP O . 15.01 -7.49 10.47
C2' GNP O . 13.61 -9.46 10.05
O2' GNP O . 12.83 -8.83 11.04
C1' GNP O . 12.84 -9.56 8.73
N9 GNP O . 12.57 -10.94 8.32
C8 GNP O . 13.52 -11.92 8.17
N7 GNP O . 13.02 -13.08 7.81
C5 GNP O . 11.65 -12.86 7.71
C6 GNP O . 10.59 -13.75 7.34
O6 GNP O . 10.66 -14.94 7.04
N1 GNP O . 9.34 -13.12 7.37
C2 GNP O . 9.14 -11.80 7.68
N2 GNP O . 7.88 -11.36 7.66
N3 GNP O . 10.13 -10.96 8.02
C4 GNP O . 11.36 -11.54 8.02
MG MG P . 21.80 -9.35 7.04
#